data_9K82
#
_entry.id   9K82
#
_cell.length_a   1.00
_cell.length_b   1.00
_cell.length_c   1.00
_cell.angle_alpha   90.00
_cell.angle_beta   90.00
_cell.angle_gamma   90.00
#
_symmetry.space_group_name_H-M   'P 1'
#
loop_
_entity.id
_entity.type
_entity.pdbx_description
1 polymer Fiber-n5-Zn1-HEHE-917
2 non-polymer 'ZINC ION'
#
_entity_poly.entity_id   1
_entity_poly.type   'polypeptide(L)'
_entity_poly.pdbx_seq_one_letter_code
;MGHHHHHHHHSSGLEVLFQGPGGTNPEDVAEHLQERLEKARHLLLDAGLPEEVVRRATETFLQALKDDPSDRAVQDAVEL
VVGLAEAAGLLIDAGIPASVVLPLVERLLLGLADDPSDHRVRDLAELVVGLAEAAMLARAVNIPSAVYVPVVEKVLRALL
ADPENERARRAARRVVELVLAAARLLALGVPPHAVADAVSLTFRRMLTDPDA
;
_entity_poly.pdbx_strand_id   A,B,C,D,E,F,G,H,I,J,K,L
#
loop_
_chem_comp.id
_chem_comp.type
_chem_comp.name
_chem_comp.formula
ZN non-polymer 'ZINC ION' 'Zn 2'
#
# COMPACT_ATOMS: atom_id res chain seq x y z
N ASN A 25 -7.06 21.08 1.81
CA ASN A 25 -7.57 22.35 2.33
C ASN A 25 -8.19 22.15 3.70
N PRO A 26 -8.00 23.09 4.63
CA PRO A 26 -8.48 22.90 6.01
C PRO A 26 -9.96 22.53 6.10
N GLU A 27 -10.80 23.13 5.25
CA GLU A 27 -12.21 22.75 5.25
C GLU A 27 -12.42 21.36 4.68
N ASP A 28 -11.67 21.01 3.63
CA ASP A 28 -11.77 19.65 3.09
C ASP A 28 -11.29 18.62 4.10
N VAL A 29 -10.17 18.89 4.76
CA VAL A 29 -9.70 17.99 5.82
C VAL A 29 -10.72 17.91 6.93
N ALA A 30 -11.38 19.03 7.25
CA ALA A 30 -12.41 19.01 8.28
C ALA A 30 -13.56 18.09 7.90
N GLU A 31 -14.02 18.17 6.64
CA GLU A 31 -15.12 17.31 6.20
C GLU A 31 -14.72 15.84 6.23
N HIS A 32 -13.53 15.54 5.70
CA HIS A 32 -13.04 14.16 5.74
C HIS A 32 -12.92 13.66 7.18
N LEU A 33 -12.53 14.54 8.09
CA LEU A 33 -12.39 14.15 9.48
C LEU A 33 -13.73 13.95 10.17
N GLN A 34 -14.76 14.70 9.77
CA GLN A 34 -16.10 14.41 10.27
C GLN A 34 -16.56 13.03 9.82
N GLU A 35 -16.31 12.68 8.55
CA GLU A 35 -16.69 11.35 8.10
C GLU A 35 -15.93 10.26 8.85
N ARG A 36 -14.61 10.43 8.99
CA ARG A 36 -13.83 9.46 9.74
C ARG A 36 -14.21 9.44 11.21
N LEU A 37 -14.73 10.55 11.74
CA LEU A 37 -15.17 10.59 13.14
C LEU A 37 -16.45 9.81 13.32
N GLU A 38 -17.37 9.88 12.36
CA GLU A 38 -18.54 9.03 12.40
C GLU A 38 -18.15 7.55 12.34
N LYS A 39 -17.20 7.22 11.46
CA LYS A 39 -16.72 5.84 11.38
C LYS A 39 -16.07 5.42 12.71
N ALA A 40 -15.30 6.32 13.32
CA ALA A 40 -14.66 6.02 14.59
C ALA A 40 -15.68 5.82 15.70
N ARG A 41 -16.76 6.61 15.70
CA ARG A 41 -17.83 6.39 16.66
C ARG A 41 -18.42 5.00 16.49
N HIS A 42 -18.68 4.60 15.25
CA HIS A 42 -19.20 3.25 15.01
C HIS A 42 -18.24 2.19 15.54
N LEU A 43 -16.94 2.34 15.24
CA LEU A 43 -15.95 1.36 15.68
C LEU A 43 -15.87 1.29 17.20
N LEU A 44 -15.87 2.46 17.86
CA LEU A 44 -15.80 2.47 19.32
C LEU A 44 -17.03 1.85 19.95
N LEU A 45 -18.21 2.12 19.38
CA LEU A 45 -19.43 1.50 19.88
C LEU A 45 -19.38 -0.02 19.72
N ASP A 46 -18.87 -0.49 18.58
CA ASP A 46 -18.76 -1.93 18.38
C ASP A 46 -17.72 -2.56 19.30
N ALA A 47 -16.68 -1.80 19.67
CA ALA A 47 -15.62 -2.36 20.51
C ALA A 47 -16.13 -2.70 21.91
N GLY A 48 -16.96 -1.84 22.50
CA GLY A 48 -17.48 -2.12 23.82
C GLY A 48 -17.49 -0.92 24.75
N LEU A 49 -17.11 0.25 24.24
CA LEU A 49 -17.13 1.45 25.07
C LEU A 49 -18.57 1.82 25.40
N PRO A 50 -18.81 2.48 26.53
CA PRO A 50 -20.17 2.96 26.83
C PRO A 50 -20.62 3.98 25.81
N GLU A 51 -21.93 3.99 25.55
CA GLU A 51 -22.49 4.90 24.54
C GLU A 51 -22.30 6.36 24.92
N GLU A 52 -22.46 6.68 26.20
CA GLU A 52 -22.44 8.08 26.63
C GLU A 52 -21.07 8.71 26.40
N VAL A 53 -19.99 8.00 26.73
CA VAL A 53 -18.65 8.56 26.59
C VAL A 53 -18.33 8.81 25.12
N VAL A 54 -18.65 7.83 24.26
CA VAL A 54 -18.39 7.97 22.83
C VAL A 54 -19.20 9.13 22.27
N ARG A 55 -20.48 9.22 22.66
CA ARG A 55 -21.33 10.30 22.17
C ARG A 55 -20.78 11.66 22.58
N ARG A 56 -20.38 11.79 23.85
CA ARG A 56 -19.85 13.06 24.36
C ARG A 56 -18.59 13.47 23.60
N ALA A 57 -17.62 12.54 23.50
CA ALA A 57 -16.36 12.86 22.85
C ALA A 57 -16.56 13.20 21.39
N THR A 58 -17.39 12.41 20.68
CA THR A 58 -17.60 12.66 19.26
C THR A 58 -18.33 13.98 19.04
N GLU A 59 -19.32 14.29 19.87
CA GLU A 59 -20.03 15.56 19.72
C GLU A 59 -19.08 16.74 19.97
N THR A 60 -18.24 16.63 21.01
CA THR A 60 -17.30 17.70 21.29
C THR A 60 -16.34 17.92 20.12
N PHE A 61 -15.79 16.82 19.58
CA PHE A 61 -14.83 16.96 18.48
C PHE A 61 -15.50 17.47 17.22
N LEU A 62 -16.72 17.01 16.94
CA LEU A 62 -17.45 17.48 15.76
C LEU A 62 -17.76 18.96 15.87
N GLN A 63 -18.18 19.41 17.05
CA GLN A 63 -18.43 20.84 17.26
C GLN A 63 -17.15 21.65 17.09
N ALA A 64 -16.03 21.14 17.62
CA ALA A 64 -14.75 21.83 17.49
C ALA A 64 -14.36 21.95 16.02
N LEU A 65 -14.56 20.88 15.25
CA LEU A 65 -14.27 20.94 13.82
C LEU A 65 -15.19 21.93 13.10
N LYS A 66 -16.47 21.94 13.46
CA LYS A 66 -17.42 22.82 12.78
C LYS A 66 -17.13 24.29 13.04
N ASP A 67 -16.83 24.64 14.29
CA ASP A 67 -16.63 26.03 14.63
C ASP A 67 -15.36 26.59 13.98
N ASP A 68 -14.25 25.88 14.10
CA ASP A 68 -12.96 26.32 13.57
C ASP A 68 -12.34 25.19 12.75
N PRO A 69 -12.77 25.03 11.50
CA PRO A 69 -12.18 23.96 10.67
C PRO A 69 -10.68 24.11 10.45
N SER A 70 -10.18 25.35 10.40
CA SER A 70 -8.77 25.56 10.12
C SER A 70 -7.86 25.22 11.30
N ASP A 71 -8.43 24.92 12.47
CA ASP A 71 -7.63 24.61 13.65
C ASP A 71 -6.83 23.34 13.45
N ARG A 72 -5.51 23.44 13.62
CA ARG A 72 -4.65 22.28 13.41
C ARG A 72 -4.75 21.29 14.57
N ALA A 73 -4.83 21.79 15.81
CA ALA A 73 -4.85 20.92 16.97
C ALA A 73 -6.08 20.01 16.96
N VAL A 74 -7.23 20.57 16.59
CA VAL A 74 -8.45 19.78 16.53
C VAL A 74 -8.32 18.68 15.47
N GLN A 75 -7.72 19.03 14.32
CA GLN A 75 -7.53 18.03 13.26
C GLN A 75 -6.61 16.90 13.74
N ASP A 76 -5.51 17.24 14.40
CA ASP A 76 -4.61 16.21 14.92
C ASP A 76 -5.30 15.36 15.98
N ALA A 77 -6.11 15.98 16.84
CA ALA A 77 -6.84 15.22 17.85
C ALA A 77 -7.84 14.26 17.21
N VAL A 78 -8.53 14.71 16.15
CA VAL A 78 -9.49 13.83 15.48
C VAL A 78 -8.77 12.68 14.80
N GLU A 79 -7.61 12.95 14.19
CA GLU A 79 -6.82 11.87 13.60
C GLU A 79 -6.42 10.85 14.65
N LEU A 80 -5.97 11.33 15.82
CA LEU A 80 -5.60 10.43 16.90
C LEU A 80 -6.80 9.65 17.40
N VAL A 81 -7.98 10.27 17.41
CA VAL A 81 -9.19 9.59 17.87
C VAL A 81 -9.56 8.46 16.92
N VAL A 82 -9.48 8.70 15.61
CA VAL A 82 -9.75 7.64 14.64
C VAL A 82 -8.73 6.52 14.77
N GLY A 83 -7.45 6.88 14.94
CA GLY A 83 -6.43 5.87 15.15
C GLY A 83 -6.69 5.03 16.37
N LEU A 84 -7.10 5.66 17.47
CA LEU A 84 -7.43 4.92 18.69
C LEU A 84 -8.65 4.04 18.50
N ALA A 85 -9.64 4.52 17.76
CA ALA A 85 -10.84 3.71 17.51
C ALA A 85 -10.48 2.43 16.77
N GLU A 86 -9.60 2.53 15.76
CA GLU A 86 -9.14 1.33 15.07
C GLU A 86 -8.26 0.47 15.99
N ALA A 87 -7.40 1.12 16.78
CA ALA A 87 -6.43 0.39 17.59
C ALA A 87 -7.10 -0.44 18.67
N ALA A 88 -8.19 0.08 19.25
CA ALA A 88 -8.91 -0.67 20.28
C ALA A 88 -9.44 -1.98 19.72
N GLY A 89 -10.06 -1.93 18.55
CA GLY A 89 -10.55 -3.15 17.93
C GLY A 89 -9.44 -4.11 17.57
N LEU A 90 -8.34 -3.59 17.01
CA LEU A 90 -7.22 -4.46 16.66
C LEU A 90 -6.65 -5.14 17.90
N LEU A 91 -6.50 -4.40 18.99
CA LEU A 91 -5.91 -4.96 20.20
C LEU A 91 -6.86 -5.97 20.86
N ILE A 92 -8.16 -5.72 20.81
CA ILE A 92 -9.11 -6.68 21.37
C ILE A 92 -9.12 -7.95 20.54
N ASP A 93 -9.07 -7.83 19.21
CA ASP A 93 -9.02 -9.01 18.37
C ASP A 93 -7.72 -9.78 18.55
N ALA A 94 -6.63 -9.05 18.84
CA ALA A 94 -5.32 -9.71 18.98
C ALA A 94 -5.31 -10.68 20.15
N GLY A 95 -5.97 -10.34 21.25
CA GLY A 95 -6.02 -11.22 22.40
C GLY A 95 -5.95 -10.51 23.73
N ILE A 96 -5.51 -9.26 23.73
CA ILE A 96 -5.42 -8.45 24.94
C ILE A 96 -6.84 -8.25 25.48
N PRO A 97 -7.08 -8.50 26.78
CA PRO A 97 -8.45 -8.41 27.30
C PRO A 97 -9.02 -7.02 27.19
N ALA A 98 -10.34 -6.95 27.08
CA ALA A 98 -11.06 -5.69 27.00
C ALA A 98 -11.12 -4.97 28.35
N SER A 99 -10.67 -5.60 29.42
CA SER A 99 -10.63 -4.96 30.73
C SER A 99 -9.43 -4.03 30.89
N VAL A 100 -8.44 -4.11 30.00
CA VAL A 100 -7.30 -3.21 30.03
C VAL A 100 -7.26 -2.26 28.83
N VAL A 101 -7.89 -2.61 27.72
CA VAL A 101 -7.92 -1.73 26.56
C VAL A 101 -9.00 -0.66 26.68
N LEU A 102 -10.22 -1.08 27.03
CA LEU A 102 -11.33 -0.13 27.07
C LEU A 102 -11.13 1.00 28.08
N PRO A 103 -10.71 0.76 29.33
CA PRO A 103 -10.44 1.91 30.22
C PRO A 103 -9.37 2.85 29.68
N LEU A 104 -8.31 2.31 29.08
CA LEU A 104 -7.25 3.15 28.55
C LEU A 104 -7.75 4.01 27.40
N VAL A 105 -8.52 3.43 26.48
CA VAL A 105 -9.07 4.19 25.37
C VAL A 105 -10.07 5.22 25.87
N GLU A 106 -10.85 4.89 26.90
CA GLU A 106 -11.78 5.85 27.48
C GLU A 106 -11.03 7.05 28.05
N ARG A 107 -9.99 6.80 28.83
CA ARG A 107 -9.23 7.90 29.42
C ARG A 107 -8.56 8.74 28.33
N LEU A 108 -7.99 8.09 27.31
CA LEU A 108 -7.36 8.85 26.23
C LEU A 108 -8.37 9.69 25.47
N LEU A 109 -9.56 9.14 25.20
CA LEU A 109 -10.59 9.90 24.50
C LEU A 109 -11.04 11.10 25.33
N LEU A 110 -11.24 10.91 26.63
CA LEU A 110 -11.65 12.02 27.48
C LEU A 110 -10.57 13.08 27.55
N GLY A 111 -9.30 12.66 27.67
CA GLY A 111 -8.21 13.64 27.71
C GLY A 111 -8.09 14.43 26.42
N LEU A 112 -8.25 13.75 25.28
CA LEU A 112 -8.21 14.46 24.01
C LEU A 112 -9.39 15.42 23.86
N ALA A 113 -10.57 15.00 24.33
CA ALA A 113 -11.75 15.86 24.23
C ALA A 113 -11.59 17.11 25.08
N ASP A 114 -11.08 16.95 26.30
CA ASP A 114 -10.89 18.09 27.19
C ASP A 114 -9.91 19.10 26.62
N ASP A 115 -8.66 18.68 26.46
CA ASP A 115 -7.61 19.55 25.90
C ASP A 115 -7.04 18.91 24.65
N PRO A 116 -7.43 19.34 23.45
CA PRO A 116 -6.94 18.71 22.22
C PRO A 116 -5.47 18.99 21.97
N SER A 117 -4.84 19.82 22.80
CA SER A 117 -3.44 20.20 22.61
C SER A 117 -2.65 19.90 23.87
N ASP A 118 -3.01 18.84 24.59
CA ASP A 118 -2.25 18.39 25.75
C ASP A 118 -1.22 17.39 25.26
N HIS A 119 0.06 17.79 25.32
CA HIS A 119 1.12 17.06 24.64
C HIS A 119 1.25 15.63 25.14
N ARG A 120 1.17 15.44 26.46
CA ARG A 120 1.36 14.10 27.03
C ARG A 120 0.26 13.15 26.61
N VAL A 121 -0.99 13.65 26.54
CA VAL A 121 -2.10 12.81 26.14
C VAL A 121 -1.94 12.37 24.68
N ARG A 122 -1.55 13.30 23.81
CA ARG A 122 -1.29 12.92 22.42
C ARG A 122 -0.14 11.93 22.32
N ASP A 123 0.92 12.10 23.11
CA ASP A 123 2.02 11.15 23.10
C ASP A 123 1.55 9.76 23.50
N LEU A 124 0.72 9.67 24.54
CA LEU A 124 0.19 8.38 24.95
C LEU A 124 -0.72 7.77 23.87
N ALA A 125 -1.52 8.60 23.20
CA ALA A 125 -2.39 8.10 22.15
C ALA A 125 -1.58 7.53 20.99
N GLU A 126 -0.54 8.25 20.56
CA GLU A 126 0.33 7.70 19.52
C GLU A 126 1.07 6.46 20.00
N LEU A 127 1.44 6.38 21.28
CA LEU A 127 2.02 5.16 21.81
C LEU A 127 1.08 3.97 21.70
N VAL A 128 -0.20 4.15 22.03
CA VAL A 128 -1.17 3.07 21.89
C VAL A 128 -1.40 2.70 20.42
N VAL A 129 -1.49 3.69 19.53
CA VAL A 129 -1.68 3.40 18.11
C VAL A 129 -0.47 2.63 17.56
N GLY A 130 0.75 3.06 17.92
CA GLY A 130 1.93 2.32 17.53
C GLY A 130 2.02 0.93 18.10
N LEU A 131 1.57 0.73 19.35
CA LEU A 131 1.49 -0.60 19.91
C LEU A 131 0.53 -1.49 19.13
N ALA A 132 -0.64 -0.98 18.75
CA ALA A 132 -1.56 -1.77 17.94
C ALA A 132 -0.97 -2.10 16.57
N GLU A 133 -0.31 -1.13 15.93
CA GLU A 133 0.33 -1.39 14.64
C GLU A 133 1.43 -2.43 14.77
N ALA A 134 2.24 -2.35 15.83
CA ALA A 134 3.29 -3.34 16.06
C ALA A 134 2.69 -4.73 16.32
N ALA A 135 1.59 -4.79 17.08
CA ALA A 135 0.94 -6.07 17.32
C ALA A 135 0.36 -6.67 16.04
N MET A 136 -0.14 -5.84 15.13
CA MET A 136 -0.64 -6.35 13.86
C MET A 136 0.47 -6.69 12.88
N LEU A 137 1.64 -6.07 12.99
CA LEU A 137 2.77 -6.38 12.14
C LEU A 137 3.58 -7.58 12.64
N ALA A 138 3.54 -7.86 13.94
CA ALA A 138 4.23 -9.03 14.47
C ALA A 138 3.59 -10.32 13.95
N ARG A 139 2.27 -10.31 13.74
CA ARG A 139 1.62 -11.45 13.12
C ARG A 139 2.06 -11.64 11.68
N ALA A 140 2.20 -10.54 10.94
CA ALA A 140 2.59 -10.63 9.53
C ALA A 140 3.99 -11.23 9.39
N VAL A 141 4.92 -10.82 10.26
CA VAL A 141 6.26 -11.40 10.26
C VAL A 141 6.29 -12.77 10.92
N ASN A 142 5.11 -13.31 11.26
CA ASN A 142 4.95 -14.68 11.72
C ASN A 142 5.57 -14.92 13.08
N ILE A 143 5.29 -14.04 14.03
CA ILE A 143 5.64 -14.22 15.43
C ILE A 143 4.44 -14.84 16.14
N PRO A 144 4.62 -15.90 16.93
CA PRO A 144 3.48 -16.52 17.60
C PRO A 144 2.80 -15.55 18.56
N SER A 145 1.49 -15.72 18.72
CA SER A 145 0.73 -14.86 19.60
C SER A 145 1.12 -15.01 21.06
N ALA A 146 1.54 -16.21 21.47
CA ALA A 146 1.83 -16.50 22.87
C ALA A 146 3.09 -15.82 23.39
N VAL A 147 3.91 -15.23 22.52
CA VAL A 147 5.14 -14.59 22.98
C VAL A 147 4.98 -13.07 22.96
N TYR A 148 4.16 -12.55 22.04
CA TYR A 148 4.02 -11.11 21.94
C TYR A 148 2.77 -10.56 22.62
N VAL A 149 1.71 -11.34 22.75
CA VAL A 149 0.51 -10.88 23.44
C VAL A 149 0.81 -10.60 24.92
N PRO A 150 1.52 -11.47 25.65
CA PRO A 150 1.86 -11.13 27.04
C PRO A 150 2.62 -9.82 27.20
N VAL A 151 3.55 -9.52 26.29
CA VAL A 151 4.35 -8.30 26.42
C VAL A 151 3.48 -7.06 26.21
N VAL A 152 2.63 -7.08 25.18
CA VAL A 152 1.72 -5.96 24.95
C VAL A 152 0.74 -5.83 26.10
N GLU A 153 0.28 -6.95 26.67
CA GLU A 153 -0.60 -6.90 27.82
C GLU A 153 0.09 -6.24 29.01
N LYS A 154 1.33 -6.60 29.28
CA LYS A 154 2.07 -6.01 30.38
C LYS A 154 2.27 -4.52 30.17
N VAL A 155 2.63 -4.12 28.94
CA VAL A 155 2.86 -2.72 28.65
C VAL A 155 1.57 -1.91 28.83
N LEU A 156 0.45 -2.43 28.31
CA LEU A 156 -0.82 -1.74 28.45
C LEU A 156 -1.29 -1.68 29.89
N ARG A 157 -1.06 -2.74 30.68
CA ARG A 157 -1.41 -2.70 32.09
C ARG A 157 -0.59 -1.65 32.83
N ALA A 158 0.71 -1.59 32.55
CA ALA A 158 1.56 -0.57 33.19
C ALA A 158 1.14 0.83 32.80
N LEU A 159 0.77 1.04 31.52
CA LEU A 159 0.28 2.34 31.09
C LEU A 159 -1.05 2.69 31.74
N LEU A 160 -1.93 1.72 31.93
CA LEU A 160 -3.21 1.98 32.59
C LEU A 160 -3.00 2.30 34.07
N ALA A 161 -2.00 1.69 34.70
CA ALA A 161 -1.73 1.96 36.11
C ALA A 161 -1.37 3.43 36.33
N ASP A 162 -0.28 3.88 35.72
CA ASP A 162 0.16 5.27 35.83
C ASP A 162 0.47 5.80 34.43
N PRO A 163 -0.35 6.71 33.89
CA PRO A 163 -0.09 7.21 32.53
C PRO A 163 1.24 7.92 32.38
N GLU A 164 1.72 8.60 33.43
CA GLU A 164 2.94 9.38 33.36
C GLU A 164 4.19 8.56 33.68
N ASN A 165 4.05 7.25 33.88
CA ASN A 165 5.20 6.40 34.14
C ASN A 165 6.09 6.35 32.90
N GLU A 166 7.34 6.80 33.04
CA GLU A 166 8.25 6.83 31.90
C GLU A 166 8.69 5.44 31.48
N ARG A 167 8.79 4.50 32.43
CA ARG A 167 9.25 3.15 32.09
C ARG A 167 8.25 2.44 31.17
N ALA A 168 6.95 2.62 31.41
CA ALA A 168 5.96 1.99 30.55
C ALA A 168 5.99 2.57 29.14
N ARG A 169 6.15 3.88 29.02
CA ARG A 169 6.28 4.51 27.72
C ARG A 169 7.53 4.01 27.00
N ARG A 170 8.63 3.88 27.72
CA ARG A 170 9.85 3.34 27.13
C ARG A 170 9.63 1.90 26.66
N ALA A 171 8.91 1.10 27.44
CA ALA A 171 8.65 -0.28 27.05
C ALA A 171 7.80 -0.36 25.79
N ALA A 172 6.77 0.50 25.69
CA ALA A 172 5.96 0.54 24.48
C ALA A 172 6.80 0.92 23.26
N ARG A 173 7.61 1.96 23.40
CA ARG A 173 8.49 2.37 22.31
C ARG A 173 9.46 1.27 21.92
N ARG A 174 9.99 0.54 22.90
CA ARG A 174 10.90 -0.57 22.61
C ARG A 174 10.20 -1.73 21.91
N VAL A 175 8.94 -2.01 22.25
CA VAL A 175 8.20 -3.04 21.51
C VAL A 175 8.04 -2.63 20.05
N VAL A 176 7.67 -1.36 19.82
CA VAL A 176 7.55 -0.88 18.44
C VAL A 176 8.87 -0.99 17.71
N GLU A 177 9.97 -0.59 18.36
CA GLU A 177 11.29 -0.72 17.75
C GLU A 177 11.67 -2.16 17.48
N LEU A 178 11.28 -3.11 18.34
CA LEU A 178 11.55 -4.51 18.07
C LEU A 178 10.84 -5.00 16.81
N VAL A 179 9.57 -4.62 16.66
CA VAL A 179 8.86 -5.05 15.44
C VAL A 179 9.47 -4.40 14.20
N LEU A 180 9.86 -3.13 14.28
CA LEU A 180 10.53 -2.49 13.16
C LEU A 180 11.89 -3.10 12.85
N ALA A 181 12.62 -3.54 13.87
CA ALA A 181 13.88 -4.24 13.63
C ALA A 181 13.66 -5.60 12.98
N ALA A 182 12.56 -6.28 13.34
CA ALA A 182 12.22 -7.51 12.64
C ALA A 182 11.95 -7.25 11.16
N ALA A 183 11.22 -6.18 10.87
CA ALA A 183 11.00 -5.80 9.47
C ALA A 183 12.31 -5.49 8.76
N ARG A 184 13.22 -4.78 9.44
CA ARG A 184 14.53 -4.49 8.84
C ARG A 184 15.33 -5.75 8.59
N LEU A 185 15.29 -6.72 9.51
CA LEU A 185 15.96 -8.00 9.29
C LEU A 185 15.38 -8.73 8.09
N LEU A 186 14.06 -8.69 7.93
CA LEU A 186 13.44 -9.25 6.73
C LEU A 186 13.97 -8.56 5.48
N ALA A 187 14.08 -7.23 5.52
CA ALA A 187 14.59 -6.49 4.38
C ALA A 187 16.05 -6.81 4.08
N LEU A 188 16.83 -7.17 5.10
CA LEU A 188 18.26 -7.45 4.90
C LEU A 188 18.51 -8.73 4.12
N GLY A 189 17.56 -9.65 4.10
CA GLY A 189 17.74 -10.92 3.43
C GLY A 189 17.70 -12.15 4.33
N VAL A 190 17.47 -11.98 5.63
CA VAL A 190 17.35 -13.14 6.52
C VAL A 190 16.04 -13.86 6.22
N PRO A 191 16.03 -15.19 6.17
CA PRO A 191 14.78 -15.92 5.93
C PRO A 191 13.76 -15.64 7.02
N PRO A 192 12.47 -15.66 6.69
CA PRO A 192 11.44 -15.34 7.70
C PRO A 192 11.48 -16.23 8.92
N HIS A 193 11.86 -17.51 8.78
CA HIS A 193 11.88 -18.40 9.92
C HIS A 193 12.93 -17.97 10.96
N ALA A 194 14.13 -17.61 10.50
CA ALA A 194 15.16 -17.16 11.41
C ALA A 194 14.79 -15.86 12.11
N VAL A 195 14.18 -14.93 11.36
CA VAL A 195 13.72 -13.69 11.95
C VAL A 195 12.67 -13.97 13.03
N ALA A 196 11.71 -14.84 12.72
CA ALA A 196 10.68 -15.18 13.70
C ALA A 196 11.29 -15.80 14.95
N ASP A 197 12.25 -16.72 14.78
CA ASP A 197 12.87 -17.34 15.94
C ASP A 197 13.61 -16.33 16.80
N ALA A 198 14.41 -15.46 16.17
CA ALA A 198 15.21 -14.50 16.93
C ALA A 198 14.32 -13.51 17.67
N VAL A 199 13.31 -12.95 16.98
CA VAL A 199 12.44 -11.99 17.64
C VAL A 199 11.55 -12.66 18.68
N SER A 200 11.20 -13.94 18.51
CA SER A 200 10.48 -14.65 19.56
C SER A 200 11.34 -14.82 20.79
N LEU A 201 12.63 -15.13 20.63
CA LEU A 201 13.53 -15.17 21.77
C LEU A 201 13.61 -13.81 22.45
N THR A 202 13.69 -12.74 21.67
CA THR A 202 13.74 -11.39 22.25
C THR A 202 12.48 -11.07 23.03
N PHE A 203 11.31 -11.44 22.50
CA PHE A 203 10.06 -11.23 23.22
C PHE A 203 9.99 -12.03 24.50
N ARG A 204 10.46 -13.29 24.46
CA ARG A 204 10.49 -14.11 25.67
C ARG A 204 11.36 -13.46 26.73
N ARG A 205 12.53 -12.94 26.33
CA ARG A 205 13.38 -12.26 27.31
C ARG A 205 12.73 -10.98 27.82
N MET A 206 12.07 -10.21 26.94
CA MET A 206 11.42 -8.98 27.37
C MET A 206 10.27 -9.24 28.33
N LEU A 207 9.69 -10.44 28.28
CA LEU A 207 8.61 -10.77 29.20
C LEU A 207 9.05 -10.63 30.66
N THR A 208 10.29 -11.03 30.96
CA THR A 208 10.76 -10.98 32.34
C THR A 208 11.63 -9.75 32.59
N ASP A 209 12.72 -9.60 31.82
CA ASP A 209 13.68 -8.53 31.99
C ASP A 209 13.20 -7.24 31.34
N PRO A 210 13.07 -6.16 32.12
CA PRO A 210 12.61 -4.89 31.54
C PRO A 210 13.54 -4.35 30.45
N ASP A 211 14.83 -4.29 30.74
CA ASP A 211 15.79 -3.76 29.77
C ASP A 211 16.29 -4.84 28.83
N ALA A 212 15.36 -5.58 28.22
CA ALA A 212 15.71 -6.64 27.29
C ALA A 212 14.92 -6.50 25.99
N ASN B 25 -26.70 15.00 -2.34
CA ASN B 25 -28.06 15.24 -1.91
C ASN B 25 -28.81 13.91 -1.80
N PRO B 26 -29.66 13.75 -0.77
CA PRO B 26 -30.33 12.46 -0.54
C PRO B 26 -31.06 11.92 -1.77
N GLU B 27 -31.71 12.79 -2.54
CA GLU B 27 -32.37 12.34 -3.76
C GLU B 27 -31.35 11.95 -4.83
N ASP B 28 -30.25 12.70 -4.95
CA ASP B 28 -29.20 12.34 -5.88
C ASP B 28 -28.56 11.01 -5.50
N VAL B 29 -28.27 10.82 -4.22
CA VAL B 29 -27.74 9.54 -3.76
C VAL B 29 -28.74 8.43 -4.02
N ALA B 30 -30.04 8.72 -3.87
CA ALA B 30 -31.06 7.72 -4.15
C ALA B 30 -31.03 7.30 -5.62
N GLU B 31 -30.92 8.27 -6.52
CA GLU B 31 -30.87 7.95 -7.95
C GLU B 31 -29.63 7.13 -8.29
N HIS B 32 -28.47 7.56 -7.78
CA HIS B 32 -27.24 6.82 -8.02
C HIS B 32 -27.34 5.41 -7.47
N LEU B 33 -27.98 5.25 -6.30
CA LEU B 33 -28.11 3.93 -5.69
C LEU B 33 -29.09 3.06 -6.45
N GLN B 34 -30.12 3.64 -7.06
CA GLN B 34 -30.99 2.87 -7.93
C GLN B 34 -30.22 2.32 -9.14
N GLU B 35 -29.39 3.17 -9.75
CA GLU B 35 -28.58 2.69 -10.87
C GLU B 35 -27.62 1.58 -10.43
N ARG B 36 -26.92 1.79 -9.31
CA ARG B 36 -26.03 0.76 -8.80
C ARG B 36 -26.78 -0.49 -8.37
N LEU B 37 -28.05 -0.35 -7.97
CA LEU B 37 -28.85 -1.51 -7.60
C LEU B 37 -29.23 -2.33 -8.82
N GLU B 38 -29.54 -1.66 -9.93
CA GLU B 38 -29.75 -2.40 -11.17
C GLU B 38 -28.48 -3.15 -11.59
N LYS B 39 -27.33 -2.47 -11.50
CA LYS B 39 -26.06 -3.13 -11.81
C LYS B 39 -25.82 -4.32 -10.88
N ALA B 40 -26.14 -4.16 -9.60
CA ALA B 40 -25.97 -5.24 -8.63
C ALA B 40 -26.90 -6.40 -8.92
N ARG B 41 -28.12 -6.12 -9.35
CA ARG B 41 -29.02 -7.20 -9.77
C ARG B 41 -28.42 -7.98 -10.93
N HIS B 42 -27.86 -7.27 -11.91
CA HIS B 42 -27.23 -7.96 -13.04
C HIS B 42 -26.08 -8.84 -12.55
N LEU B 43 -25.23 -8.30 -11.67
CA LEU B 43 -24.10 -9.06 -11.16
C LEU B 43 -24.55 -10.29 -10.38
N LEU B 44 -25.57 -10.14 -9.53
CA LEU B 44 -26.07 -11.26 -8.74
C LEU B 44 -26.67 -12.34 -9.64
N LEU B 45 -27.40 -11.92 -10.68
CA LEU B 45 -27.94 -12.90 -11.62
C LEU B 45 -26.82 -13.65 -12.34
N ASP B 46 -25.76 -12.94 -12.72
CA ASP B 46 -24.63 -13.59 -13.38
C ASP B 46 -23.88 -14.52 -12.43
N ALA B 47 -23.87 -14.20 -11.13
CA ALA B 47 -23.12 -15.00 -10.18
C ALA B 47 -23.69 -16.40 -10.01
N GLY B 48 -25.01 -16.54 -9.98
CA GLY B 48 -25.64 -17.84 -9.85
C GLY B 48 -26.77 -17.90 -8.85
N LEU B 49 -27.13 -16.76 -8.27
CA LEU B 49 -28.23 -16.73 -7.33
C LEU B 49 -29.55 -16.98 -8.06
N PRO B 50 -30.57 -17.53 -7.40
CA PRO B 50 -31.87 -17.70 -8.04
C PRO B 50 -32.47 -16.35 -8.43
N GLU B 51 -33.23 -16.36 -9.53
CA GLU B 51 -33.83 -15.12 -10.03
C GLU B 51 -34.83 -14.54 -9.02
N GLU B 52 -35.60 -15.40 -8.36
CA GLU B 52 -36.67 -14.93 -7.49
C GLU B 52 -36.13 -14.13 -6.31
N VAL B 53 -35.07 -14.63 -5.66
CA VAL B 53 -34.53 -13.96 -4.48
C VAL B 53 -33.96 -12.60 -4.86
N VAL B 54 -33.18 -12.56 -5.94
CA VAL B 54 -32.58 -11.31 -6.39
C VAL B 54 -33.67 -10.31 -6.75
N ARG B 55 -34.69 -10.77 -7.48
CA ARG B 55 -35.80 -9.89 -7.86
C ARG B 55 -36.50 -9.33 -6.64
N ARG B 56 -36.79 -10.19 -5.66
CA ARG B 56 -37.50 -9.77 -4.45
C ARG B 56 -36.70 -8.71 -3.70
N ALA B 57 -35.42 -9.00 -3.43
CA ALA B 57 -34.59 -8.06 -2.68
C ALA B 57 -34.46 -6.74 -3.43
N THR B 58 -34.26 -6.81 -4.75
CA THR B 58 -34.06 -5.59 -5.52
C THR B 58 -35.33 -4.73 -5.56
N GLU B 59 -36.50 -5.36 -5.72
CA GLU B 59 -37.73 -4.57 -5.76
C GLU B 59 -38.01 -3.96 -4.38
N THR B 60 -37.75 -4.72 -3.32
CA THR B 60 -37.96 -4.18 -1.98
C THR B 60 -37.06 -2.96 -1.74
N PHE B 61 -35.78 -3.07 -2.11
CA PHE B 61 -34.88 -1.95 -1.88
C PHE B 61 -35.20 -0.76 -2.77
N LEU B 62 -35.60 -1.01 -4.03
CA LEU B 62 -35.98 0.08 -4.91
C LEU B 62 -37.21 0.80 -4.39
N GLN B 63 -38.20 0.05 -3.89
CA GLN B 63 -39.39 0.68 -3.32
C GLN B 63 -39.03 1.49 -2.08
N ALA B 64 -38.15 0.94 -1.24
CA ALA B 64 -37.72 1.66 -0.04
C ALA B 64 -37.02 2.97 -0.41
N LEU B 65 -36.18 2.94 -1.44
CA LEU B 65 -35.53 4.16 -1.91
C LEU B 65 -36.55 5.14 -2.48
N LYS B 66 -37.52 4.64 -3.23
CA LYS B 66 -38.49 5.51 -3.90
C LYS B 66 -39.39 6.23 -2.89
N ASP B 67 -39.87 5.49 -1.89
CA ASP B 67 -40.81 6.08 -0.93
C ASP B 67 -40.12 7.14 -0.06
N ASP B 68 -38.95 6.80 0.50
CA ASP B 68 -38.22 7.70 1.40
C ASP B 68 -36.78 7.78 0.92
N PRO B 69 -36.50 8.62 -0.08
CA PRO B 69 -35.12 8.78 -0.56
C PRO B 69 -34.16 9.27 0.52
N SER B 70 -34.64 10.10 1.45
CA SER B 70 -33.76 10.69 2.45
C SER B 70 -33.37 9.70 3.54
N ASP B 71 -33.96 8.50 3.56
CA ASP B 71 -33.66 7.52 4.60
C ASP B 71 -32.21 7.07 4.51
N ARG B 72 -31.49 7.19 5.64
CA ARG B 72 -30.08 6.83 5.66
C ARG B 72 -29.90 5.32 5.69
N ALA B 73 -30.75 4.61 6.44
CA ALA B 73 -30.60 3.18 6.60
C ALA B 73 -30.77 2.46 5.26
N VAL B 74 -31.74 2.90 4.46
CA VAL B 74 -31.95 2.29 3.15
C VAL B 74 -30.74 2.52 2.26
N GLN B 75 -30.17 3.73 2.31
CA GLN B 75 -28.99 4.01 1.50
C GLN B 75 -27.81 3.13 1.90
N ASP B 76 -27.58 2.99 3.21
CA ASP B 76 -26.50 2.11 3.67
C ASP B 76 -26.75 0.66 3.27
N ALA B 77 -27.99 0.21 3.37
CA ALA B 77 -28.31 -1.16 2.97
C ALA B 77 -28.08 -1.38 1.48
N VAL B 78 -28.42 -0.39 0.65
CA VAL B 78 -28.21 -0.52 -0.79
C VAL B 78 -26.72 -0.53 -1.11
N GLU B 79 -25.94 0.30 -0.41
CA GLU B 79 -24.50 0.27 -0.60
C GLU B 79 -23.93 -1.10 -0.24
N LEU B 80 -24.40 -1.67 0.88
CA LEU B 80 -23.95 -3.00 1.27
C LEU B 80 -24.38 -4.05 0.25
N VAL B 81 -25.57 -3.89 -0.34
CA VAL B 81 -26.05 -4.84 -1.33
C VAL B 81 -25.16 -4.82 -2.57
N VAL B 82 -24.80 -3.62 -3.04
CA VAL B 82 -23.91 -3.52 -4.19
C VAL B 82 -22.54 -4.11 -3.88
N GLY B 83 -22.02 -3.80 -2.67
CA GLY B 83 -20.76 -4.38 -2.26
C GLY B 83 -20.79 -5.90 -2.24
N LEU B 84 -21.88 -6.47 -1.72
CA LEU B 84 -22.02 -7.93 -1.70
C LEU B 84 -22.17 -8.51 -3.09
N ALA B 85 -22.86 -7.81 -3.99
CA ALA B 85 -23.00 -8.27 -5.37
C ALA B 85 -21.65 -8.38 -6.05
N GLU B 86 -20.79 -7.38 -5.83
CA GLU B 86 -19.43 -7.47 -6.38
C GLU B 86 -18.61 -8.52 -5.66
N ALA B 87 -18.77 -8.63 -4.33
CA ALA B 87 -17.96 -9.53 -3.52
C ALA B 87 -18.21 -10.98 -3.88
N ALA B 88 -19.47 -11.34 -4.17
CA ALA B 88 -19.79 -12.70 -4.54
C ALA B 88 -19.04 -13.11 -5.80
N GLY B 89 -19.05 -12.24 -6.82
CA GLY B 89 -18.32 -12.53 -8.04
C GLY B 89 -16.82 -12.63 -7.82
N LEU B 90 -16.26 -11.70 -7.03
CA LEU B 90 -14.83 -11.77 -6.76
C LEU B 90 -14.46 -13.05 -6.02
N LEU B 91 -15.26 -13.45 -5.04
CA LEU B 91 -14.96 -14.64 -4.26
C LEU B 91 -15.10 -15.90 -5.08
N ILE B 92 -16.10 -15.95 -5.97
CA ILE B 92 -16.26 -17.12 -6.84
C ILE B 92 -15.09 -17.21 -7.83
N ASP B 93 -14.68 -16.07 -8.39
CA ASP B 93 -13.54 -16.08 -9.31
C ASP B 93 -12.26 -16.48 -8.60
N ALA B 94 -12.10 -16.07 -7.33
CA ALA B 94 -10.87 -16.37 -6.60
C ALA B 94 -10.65 -17.86 -6.45
N GLY B 95 -11.72 -18.63 -6.29
CA GLY B 95 -11.58 -20.07 -6.18
C GLY B 95 -12.50 -20.71 -5.14
N ILE B 96 -13.07 -19.89 -4.26
CA ILE B 96 -13.97 -20.38 -3.23
C ILE B 96 -15.22 -20.92 -3.91
N PRO B 97 -15.68 -22.13 -3.58
CA PRO B 97 -16.82 -22.72 -4.30
C PRO B 97 -18.09 -21.91 -4.12
N ALA B 98 -18.95 -21.99 -5.12
CA ALA B 98 -20.25 -21.32 -5.09
C ALA B 98 -21.24 -21.97 -4.15
N SER B 99 -20.91 -23.13 -3.59
CA SER B 99 -21.77 -23.80 -2.62
C SER B 99 -21.67 -23.19 -1.23
N VAL B 100 -20.68 -22.36 -0.97
CA VAL B 100 -20.57 -21.67 0.31
C VAL B 100 -20.75 -20.16 0.18
N VAL B 101 -20.51 -19.59 -1.00
CA VAL B 101 -20.69 -18.16 -1.20
C VAL B 101 -22.15 -17.80 -1.48
N LEU B 102 -22.78 -18.52 -2.40
CA LEU B 102 -24.15 -18.20 -2.78
C LEU B 102 -25.14 -18.30 -1.63
N PRO B 103 -25.16 -19.38 -0.82
CA PRO B 103 -26.08 -19.38 0.33
C PRO B 103 -25.84 -18.23 1.30
N LEU B 104 -24.58 -17.88 1.55
CA LEU B 104 -24.27 -16.80 2.48
C LEU B 104 -24.77 -15.45 1.94
N VAL B 105 -24.52 -15.19 0.66
CA VAL B 105 -25.00 -13.95 0.06
C VAL B 105 -26.52 -13.93 0.02
N GLU B 106 -27.15 -15.07 -0.23
CA GLU B 106 -28.62 -15.13 -0.21
C GLU B 106 -29.16 -14.76 1.17
N ARG B 107 -28.59 -15.36 2.22
CA ARG B 107 -29.04 -15.05 3.57
C ARG B 107 -28.81 -13.59 3.92
N LEU B 108 -27.64 -13.05 3.55
CA LEU B 108 -27.36 -11.64 3.83
C LEU B 108 -28.32 -10.72 3.09
N LEU B 109 -28.61 -11.03 1.82
CA LEU B 109 -29.54 -10.22 1.05
C LEU B 109 -30.94 -10.24 1.67
N LEU B 110 -31.40 -11.43 2.07
CA LEU B 110 -32.72 -11.54 2.69
C LEU B 110 -32.77 -10.77 4.01
N GLY B 111 -31.72 -10.90 4.82
CA GLY B 111 -31.68 -10.18 6.08
C GLY B 111 -31.68 -8.68 5.90
N LEU B 112 -30.91 -8.18 4.93
CA LEU B 112 -30.91 -6.75 4.65
C LEU B 112 -32.25 -6.28 4.13
N ALA B 113 -32.91 -7.09 3.28
CA ALA B 113 -34.21 -6.71 2.76
C ALA B 113 -35.26 -6.64 3.86
N ASP B 114 -35.26 -7.61 4.77
CA ASP B 114 -36.22 -7.64 5.86
C ASP B 114 -36.07 -6.43 6.78
N ASP B 115 -34.93 -6.32 7.45
CA ASP B 115 -34.65 -5.20 8.35
C ASP B 115 -33.40 -4.47 7.87
N PRO B 116 -33.55 -3.33 7.20
CA PRO B 116 -32.36 -2.63 6.68
C PRO B 116 -31.52 -1.97 7.76
N SER B 117 -31.94 -2.11 9.02
CA SER B 117 -31.24 -1.49 10.15
C SER B 117 -30.97 -2.51 11.24
N ASP B 118 -30.63 -3.73 10.84
CA ASP B 118 -30.23 -4.79 11.78
C ASP B 118 -28.71 -4.76 11.86
N HIS B 119 -28.19 -4.37 13.03
CA HIS B 119 -26.76 -4.09 13.15
C HIS B 119 -25.91 -5.31 12.85
N ARG B 120 -26.33 -6.48 13.33
CA ARG B 120 -25.53 -7.69 13.14
C ARG B 120 -25.47 -8.07 11.66
N VAL B 121 -26.57 -7.90 10.93
CA VAL B 121 -26.59 -8.26 9.52
C VAL B 121 -25.69 -7.33 8.72
N ARG B 122 -25.72 -6.03 9.01
CA ARG B 122 -24.81 -5.10 8.35
C ARG B 122 -23.36 -5.41 8.70
N ASP B 123 -23.08 -5.79 9.95
CA ASP B 123 -21.73 -6.16 10.32
C ASP B 123 -21.25 -7.37 9.54
N LEU B 124 -22.12 -8.38 9.38
CA LEU B 124 -21.74 -9.57 8.62
C LEU B 124 -21.54 -9.25 7.15
N ALA B 125 -22.38 -8.40 6.57
CA ALA B 125 -22.21 -8.01 5.18
C ALA B 125 -20.91 -7.26 4.97
N GLU B 126 -20.58 -6.34 5.89
CA GLU B 126 -19.30 -5.65 5.83
C GLU B 126 -18.12 -6.60 5.99
N LEU B 127 -18.25 -7.61 6.86
CA LEU B 127 -17.22 -8.63 6.98
C LEU B 127 -17.00 -9.41 5.70
N VAL B 128 -18.07 -9.80 5.02
CA VAL B 128 -17.92 -10.50 3.74
C VAL B 128 -17.32 -9.60 2.66
N VAL B 129 -17.74 -8.34 2.59
CA VAL B 129 -17.15 -7.43 1.61
C VAL B 129 -15.67 -7.21 1.90
N GLY B 130 -15.30 -7.03 3.17
CA GLY B 130 -13.90 -6.93 3.54
C GLY B 130 -13.10 -8.17 3.25
N LEU B 131 -13.68 -9.36 3.44
CA LEU B 131 -13.01 -10.60 3.06
C LEU B 131 -12.76 -10.68 1.57
N ALA B 132 -13.74 -10.29 0.75
CA ALA B 132 -13.52 -10.27 -0.69
C ALA B 132 -12.43 -9.28 -1.08
N GLU B 133 -12.44 -8.09 -0.47
CA GLU B 133 -11.39 -7.11 -0.75
C GLU B 133 -10.01 -7.62 -0.34
N ALA B 134 -9.92 -8.28 0.81
CA ALA B 134 -8.65 -8.85 1.26
C ALA B 134 -8.19 -9.96 0.33
N ALA B 135 -9.12 -10.80 -0.14
CA ALA B 135 -8.76 -11.84 -1.10
C ALA B 135 -8.26 -11.26 -2.42
N MET B 136 -8.85 -10.16 -2.88
CA MET B 136 -8.37 -9.53 -4.10
C MET B 136 -7.07 -8.78 -3.91
N LEU B 137 -6.80 -8.27 -2.71
CA LEU B 137 -5.54 -7.57 -2.44
C LEU B 137 -4.39 -8.51 -2.13
N ALA B 138 -4.67 -9.73 -1.66
CA ALA B 138 -3.61 -10.69 -1.43
C ALA B 138 -2.97 -11.13 -2.74
N ARG B 139 -3.75 -11.19 -3.81
CA ARG B 139 -3.20 -11.53 -5.12
C ARG B 139 -2.26 -10.44 -5.62
N ALA B 140 -2.64 -9.17 -5.44
CA ALA B 140 -1.78 -8.07 -5.85
C ALA B 140 -0.47 -8.08 -5.06
N VAL B 141 -0.56 -8.36 -3.76
CA VAL B 141 0.62 -8.52 -2.91
C VAL B 141 1.46 -9.71 -3.33
N ASN B 142 0.97 -10.51 -4.29
CA ASN B 142 1.63 -11.70 -4.82
C ASN B 142 1.72 -12.79 -3.75
N ILE B 143 0.57 -13.15 -3.21
CA ILE B 143 0.42 -14.27 -2.29
C ILE B 143 -0.13 -15.45 -3.08
N PRO B 144 0.46 -16.64 -2.97
CA PRO B 144 -0.07 -17.80 -3.71
C PRO B 144 -1.51 -18.11 -3.31
N SER B 145 -2.30 -18.51 -4.30
CA SER B 145 -3.71 -18.80 -4.08
C SER B 145 -3.95 -20.00 -3.18
N ALA B 146 -3.07 -21.00 -3.23
CA ALA B 146 -3.24 -22.22 -2.45
C ALA B 146 -3.04 -22.03 -0.96
N VAL B 147 -2.56 -20.86 -0.52
CA VAL B 147 -2.31 -20.65 0.90
C VAL B 147 -3.38 -19.74 1.50
N TYR B 148 -4.03 -18.92 0.67
CA TYR B 148 -5.05 -18.01 1.18
C TYR B 148 -6.47 -18.41 0.82
N VAL B 149 -6.68 -19.15 -0.26
CA VAL B 149 -8.02 -19.62 -0.61
C VAL B 149 -8.54 -20.59 0.46
N PRO B 150 -7.75 -21.56 0.95
CA PRO B 150 -8.25 -22.40 2.05
C PRO B 150 -8.69 -21.64 3.28
N VAL B 151 -7.96 -20.58 3.65
CA VAL B 151 -8.31 -19.85 4.87
C VAL B 151 -9.63 -19.10 4.70
N VAL B 152 -9.81 -18.44 3.55
CA VAL B 152 -11.06 -17.74 3.30
C VAL B 152 -12.20 -18.74 3.19
N GLU B 153 -11.95 -19.91 2.59
CA GLU B 153 -12.96 -20.95 2.52
C GLU B 153 -13.39 -21.41 3.91
N LYS B 154 -12.42 -21.63 4.80
CA LYS B 154 -12.75 -22.06 6.16
C LYS B 154 -13.53 -20.98 6.89
N VAL B 155 -13.12 -19.72 6.75
CA VAL B 155 -13.81 -18.63 7.43
C VAL B 155 -15.25 -18.51 6.94
N LEU B 156 -15.45 -18.57 5.62
CA LEU B 156 -16.79 -18.48 5.07
C LEU B 156 -17.66 -19.68 5.45
N ARG B 157 -17.08 -20.88 5.51
CA ARG B 157 -17.83 -22.04 5.97
C ARG B 157 -18.26 -21.88 7.41
N ALA B 158 -17.36 -21.40 8.27
CA ALA B 158 -17.72 -21.18 9.66
C ALA B 158 -18.80 -20.12 9.80
N LEU B 159 -18.72 -19.05 8.99
CA LEU B 159 -19.75 -18.03 9.01
C LEU B 159 -21.09 -18.55 8.51
N LEU B 160 -21.09 -19.42 7.50
CA LEU B 160 -22.34 -19.99 7.00
C LEU B 160 -22.94 -20.97 8.00
N ALA B 161 -22.10 -21.67 8.76
CA ALA B 161 -22.61 -22.59 9.77
C ALA B 161 -23.45 -21.85 10.81
N ASP B 162 -22.85 -20.90 11.51
CA ASP B 162 -23.55 -20.10 12.50
C ASP B 162 -23.20 -18.62 12.30
N PRO B 163 -24.13 -17.80 11.84
CA PRO B 163 -23.80 -16.38 11.61
C PRO B 163 -23.38 -15.63 12.84
N GLU B 164 -23.88 -16.00 14.02
CA GLU B 164 -23.61 -15.27 15.26
C GLU B 164 -22.37 -15.77 15.97
N ASN B 165 -21.64 -16.72 15.38
CA ASN B 165 -20.42 -17.21 15.98
C ASN B 165 -19.37 -16.12 16.00
N GLU B 166 -18.90 -15.75 17.20
CA GLU B 166 -17.90 -14.70 17.32
C GLU B 166 -16.52 -15.12 16.82
N ARG B 167 -16.20 -16.42 16.92
CA ARG B 167 -14.90 -16.89 16.47
C ARG B 167 -14.74 -16.71 14.96
N ALA B 168 -15.79 -17.00 14.19
CA ALA B 168 -15.72 -16.83 12.74
C ALA B 168 -15.56 -15.37 12.35
N ARG B 169 -16.29 -14.47 13.02
CA ARG B 169 -16.15 -13.05 12.75
C ARG B 169 -14.75 -12.57 13.10
N ARG B 170 -14.21 -13.03 14.23
CA ARG B 170 -12.86 -12.67 14.60
C ARG B 170 -11.84 -13.18 13.58
N ALA B 171 -12.06 -14.39 13.06
CA ALA B 171 -11.16 -14.94 12.05
C ALA B 171 -11.20 -14.13 10.77
N ALA B 172 -12.40 -13.73 10.34
CA ALA B 172 -12.51 -12.89 9.14
C ALA B 172 -11.79 -11.56 9.34
N ARG B 173 -12.02 -10.91 10.48
CA ARG B 173 -11.35 -9.66 10.78
C ARG B 173 -9.84 -9.82 10.84
N ARG B 174 -9.34 -10.93 11.39
CA ARG B 174 -7.92 -11.20 11.41
C ARG B 174 -7.34 -11.43 10.03
N VAL B 175 -8.06 -12.09 9.13
CA VAL B 175 -7.59 -12.23 7.76
C VAL B 175 -7.46 -10.86 7.10
N VAL B 176 -8.46 -9.99 7.28
CA VAL B 176 -8.38 -8.65 6.71
C VAL B 176 -7.19 -7.89 7.28
N GLU B 177 -6.98 -7.99 8.60
CA GLU B 177 -5.84 -7.34 9.23
C GLU B 177 -4.51 -7.90 8.74
N LEU B 178 -4.43 -9.19 8.45
CA LEU B 178 -3.20 -9.76 7.91
C LEU B 178 -2.89 -9.18 6.53
N VAL B 179 -3.91 -9.07 5.68
CA VAL B 179 -3.66 -8.48 4.36
C VAL B 179 -3.23 -7.02 4.49
N LEU B 180 -3.89 -6.26 5.37
CA LEU B 180 -3.47 -4.88 5.60
C LEU B 180 -2.07 -4.78 6.18
N ALA B 181 -1.67 -5.71 7.04
CA ALA B 181 -0.31 -5.71 7.56
C ALA B 181 0.71 -6.04 6.47
N ALA B 182 0.35 -6.91 5.53
CA ALA B 182 1.22 -7.13 4.38
C ALA B 182 1.39 -5.86 3.57
N ALA B 183 0.30 -5.11 3.36
CA ALA B 183 0.40 -3.82 2.69
C ALA B 183 1.30 -2.85 3.47
N ARG B 184 1.16 -2.83 4.80
CA ARG B 184 2.01 -1.98 5.63
C ARG B 184 3.49 -2.37 5.51
N LEU B 185 3.78 -3.67 5.48
CA LEU B 185 5.16 -4.12 5.29
C LEU B 185 5.69 -3.69 3.93
N LEU B 186 4.87 -3.74 2.89
CA LEU B 186 5.29 -3.21 1.59
C LEU B 186 5.59 -1.72 1.69
N ALA B 187 4.76 -0.97 2.43
CA ALA B 187 4.99 0.46 2.58
C ALA B 187 6.25 0.77 3.37
N LEU B 188 6.63 -0.12 4.30
CA LEU B 188 7.82 0.13 5.12
C LEU B 188 9.11 0.04 4.33
N GLY B 189 9.17 -0.77 3.28
CA GLY B 189 10.36 -0.94 2.49
C GLY B 189 10.83 -2.38 2.34
N VAL B 190 10.12 -3.35 2.86
CA VAL B 190 10.50 -4.76 2.66
C VAL B 190 10.26 -5.14 1.21
N PRO B 191 11.15 -5.89 0.58
CA PRO B 191 10.93 -6.33 -0.79
C PRO B 191 9.67 -7.17 -0.90
N PRO B 192 8.98 -7.13 -2.04
CA PRO B 192 7.72 -7.89 -2.17
C PRO B 192 7.87 -9.38 -1.96
N HIS B 193 9.03 -9.95 -2.34
CA HIS B 193 9.23 -11.39 -2.18
C HIS B 193 9.26 -11.79 -0.70
N ALA B 194 9.97 -11.02 0.12
CA ALA B 194 10.03 -11.31 1.55
C ALA B 194 8.67 -11.17 2.21
N VAL B 195 7.92 -10.13 1.82
CA VAL B 195 6.58 -9.95 2.34
C VAL B 195 5.70 -11.14 1.97
N ALA B 196 5.77 -11.57 0.71
CA ALA B 196 4.97 -12.71 0.29
C ALA B 196 5.34 -13.96 1.08
N ASP B 197 6.63 -14.20 1.29
CA ASP B 197 7.05 -15.38 2.04
C ASP B 197 6.55 -15.36 3.47
N ALA B 198 6.74 -14.22 4.17
CA ALA B 198 6.35 -14.14 5.57
C ALA B 198 4.84 -14.25 5.73
N VAL B 199 4.07 -13.54 4.91
CA VAL B 199 2.62 -13.61 5.04
C VAL B 199 2.08 -14.96 4.60
N SER B 200 2.75 -15.63 3.65
CA SER B 200 2.35 -16.99 3.30
C SER B 200 2.58 -17.96 4.45
N LEU B 201 3.70 -17.81 5.17
CA LEU B 201 3.90 -18.60 6.38
C LEU B 201 2.81 -18.34 7.40
N THR B 202 2.43 -17.07 7.57
CA THR B 202 1.35 -16.74 8.51
C THR B 202 0.03 -17.39 8.09
N PHE B 203 -0.27 -17.36 6.80
CA PHE B 203 -1.50 -18.01 6.31
C PHE B 203 -1.45 -19.52 6.52
N ARG B 204 -0.29 -20.14 6.27
CA ARG B 204 -0.17 -21.58 6.50
C ARG B 204 -0.41 -21.94 7.95
N ARG B 205 0.13 -21.16 8.88
CA ARG B 205 -0.14 -21.42 10.29
C ARG B 205 -1.58 -21.13 10.66
N MET B 206 -2.19 -20.09 10.08
CA MET B 206 -3.59 -19.79 10.37
C MET B 206 -4.51 -20.90 9.88
N LEU B 207 -4.10 -21.63 8.85
CA LEU B 207 -4.92 -22.73 8.35
C LEU B 207 -5.18 -23.76 9.44
N THR B 208 -4.17 -24.08 10.26
CA THR B 208 -4.31 -25.11 11.26
C THR B 208 -4.78 -24.55 12.60
N ASP B 209 -4.07 -23.56 13.14
CA ASP B 209 -4.36 -23.04 14.47
C ASP B 209 -5.20 -21.77 14.37
N PRO B 210 -6.22 -21.64 15.22
CA PRO B 210 -7.12 -20.48 15.12
C PRO B 210 -6.46 -19.14 15.44
N ASP B 211 -5.72 -19.06 16.55
CA ASP B 211 -5.10 -17.80 16.95
C ASP B 211 -3.72 -17.66 16.33
N ALA B 212 -3.62 -17.85 15.02
CA ALA B 212 -2.35 -17.73 14.32
C ALA B 212 -2.40 -16.62 13.28
N ASN C 25 9.74 13.47 -8.05
CA ASN C 25 10.00 14.79 -8.62
C ASN C 25 10.59 15.71 -7.55
N PRO C 26 11.57 16.55 -7.89
CA PRO C 26 12.24 17.38 -6.89
C PRO C 26 11.31 18.19 -6.02
N GLU C 27 10.24 18.74 -6.60
CA GLU C 27 9.26 19.47 -5.79
C GLU C 27 8.46 18.53 -4.89
N ASP C 28 8.09 17.35 -5.40
CA ASP C 28 7.41 16.38 -4.57
C ASP C 28 8.29 15.90 -3.43
N VAL C 29 9.56 15.62 -3.72
CA VAL C 29 10.50 15.26 -2.66
C VAL C 29 10.65 16.40 -1.66
N ALA C 30 10.64 17.64 -2.15
CA ALA C 30 10.74 18.78 -1.25
C ALA C 30 9.55 18.84 -0.30
N GLU C 31 8.34 18.62 -0.82
CA GLU C 31 7.15 18.64 0.04
C GLU C 31 7.19 17.50 1.06
N HIS C 32 7.53 16.30 0.61
CA HIS C 32 7.63 15.17 1.53
C HIS C 32 8.68 15.43 2.60
N LEU C 33 9.81 16.03 2.21
CA LEU C 33 10.86 16.33 3.17
C LEU C 33 10.45 17.43 4.13
N GLN C 34 9.60 18.37 3.68
CA GLN C 34 9.07 19.37 4.61
C GLN C 34 8.21 18.71 5.68
N GLU C 35 7.34 17.77 5.27
CA GLU C 35 6.53 17.07 6.26
C GLU C 35 7.40 16.25 7.22
N ARG C 36 8.38 15.52 6.67
CA ARG C 36 9.28 14.76 7.53
C ARG C 36 10.13 15.66 8.41
N LEU C 37 10.41 16.88 7.96
CA LEU C 37 11.17 17.82 8.78
C LEU C 37 10.35 18.33 9.95
N GLU C 38 9.06 18.57 9.73
CA GLU C 38 8.19 18.90 10.86
C GLU C 38 8.13 17.75 11.86
N LYS C 39 8.00 16.52 11.36
CA LYS C 39 7.97 15.37 12.25
C LYS C 39 9.29 15.22 13.00
N ALA C 40 10.40 15.50 12.32
CA ALA C 40 11.72 15.42 12.96
C ALA C 40 11.90 16.51 14.00
N ARG C 41 11.24 17.64 13.87
CA ARG C 41 11.30 18.65 14.92
C ARG C 41 10.69 18.17 16.22
N HIS C 42 9.48 17.62 16.15
CA HIS C 42 8.82 17.11 17.33
C HIS C 42 9.70 16.10 18.03
N LEU C 43 10.17 15.12 17.28
CA LEU C 43 11.02 14.10 17.85
C LEU C 43 12.25 14.71 18.46
N LEU C 44 12.86 15.71 17.81
CA LEU C 44 13.99 16.34 18.48
C LEU C 44 13.55 17.08 19.73
N LEU C 45 12.40 17.75 19.68
CA LEU C 45 11.87 18.39 20.87
C LEU C 45 11.53 17.36 21.94
N ASP C 46 10.99 16.21 21.53
CA ASP C 46 10.68 15.15 22.48
C ASP C 46 11.94 14.59 23.13
N ALA C 47 13.04 14.49 22.37
CA ALA C 47 14.26 13.87 22.89
C ALA C 47 14.85 14.66 24.05
N GLY C 48 14.86 15.98 23.96
CA GLY C 48 15.41 16.79 25.03
C GLY C 48 16.33 17.89 24.54
N LEU C 49 16.42 18.06 23.23
CA LEU C 49 17.25 19.11 22.67
C LEU C 49 16.63 20.47 22.98
N PRO C 50 17.45 21.52 23.11
CA PRO C 50 16.89 22.86 23.35
C PRO C 50 15.99 23.30 22.19
N GLU C 51 14.97 24.08 22.53
CA GLU C 51 14.00 24.52 21.52
C GLU C 51 14.66 25.44 20.49
N GLU C 52 15.55 26.32 20.94
CA GLU C 52 16.13 27.31 20.04
C GLU C 52 16.94 26.67 18.93
N VAL C 53 17.77 25.67 19.26
CA VAL C 53 18.62 25.04 18.25
C VAL C 53 17.77 24.31 17.22
N VAL C 54 16.77 23.56 17.70
CA VAL C 54 15.89 22.82 16.79
C VAL C 54 15.15 23.78 15.89
N ARG C 55 14.62 24.87 16.45
CA ARG C 55 13.91 25.86 15.66
C ARG C 55 14.81 26.47 14.60
N ARG C 56 16.03 26.86 14.98
CA ARG C 56 16.95 27.46 14.03
C ARG C 56 17.27 26.52 12.88
N ALA C 57 17.65 25.29 13.20
CA ALA C 57 18.02 24.33 12.17
C ALA C 57 16.85 24.02 11.26
N THR C 58 15.67 23.79 11.84
CA THR C 58 14.52 23.43 11.04
C THR C 58 14.08 24.58 10.14
N GLU C 59 14.09 25.81 10.65
CA GLU C 59 13.73 26.95 9.82
C GLU C 59 14.73 27.14 8.69
N THR C 60 16.03 26.98 8.98
CA THR C 60 17.04 27.11 7.94
C THR C 60 16.82 26.07 6.84
N PHE C 61 16.59 24.82 7.23
CA PHE C 61 16.41 23.76 6.23
C PHE C 61 15.11 23.94 5.44
N LEU C 62 14.04 24.38 6.12
CA LEU C 62 12.78 24.62 5.42
C LEU C 62 12.93 25.75 4.41
N GLN C 63 13.64 26.82 4.78
CA GLN C 63 13.87 27.91 3.84
C GLN C 63 14.72 27.45 2.67
N ALA C 64 15.75 26.63 2.94
CA ALA C 64 16.60 26.12 1.87
C ALA C 64 15.78 25.27 0.89
N LEU C 65 14.90 24.43 1.43
CA LEU C 65 14.03 23.63 0.56
C LEU C 65 13.07 24.51 -0.24
N LYS C 66 12.52 25.54 0.40
CA LYS C 66 11.54 26.39 -0.27
C LYS C 66 12.16 27.18 -1.41
N ASP C 67 13.36 27.74 -1.19
CA ASP C 67 13.98 28.57 -2.22
C ASP C 67 14.41 27.74 -3.43
N ASP C 68 15.08 26.62 -3.20
CA ASP C 68 15.60 25.76 -4.27
C ASP C 68 15.18 24.33 -4.00
N PRO C 69 13.94 23.96 -4.35
CA PRO C 69 13.50 22.58 -4.14
C PRO C 69 14.34 21.55 -4.89
N SER C 70 14.86 21.91 -6.06
CA SER C 70 15.61 20.95 -6.87
C SER C 70 17.00 20.67 -6.33
N ASP C 71 17.44 21.42 -5.32
CA ASP C 71 18.78 21.23 -4.77
C ASP C 71 18.93 19.85 -4.14
N ARG C 72 19.93 19.10 -4.61
CA ARG C 72 20.13 17.74 -4.12
C ARG C 72 20.76 17.74 -2.73
N ALA C 73 21.71 18.66 -2.49
CA ALA C 73 22.41 18.68 -1.21
C ALA C 73 21.47 18.97 -0.06
N VAL C 74 20.53 19.90 -0.26
CA VAL C 74 19.56 20.22 0.78
C VAL C 74 18.68 19.01 1.07
N GLN C 75 18.26 18.29 0.02
CA GLN C 75 17.44 17.11 0.23
C GLN C 75 18.19 16.04 1.01
N ASP C 76 19.46 15.81 0.67
CA ASP C 76 20.26 14.84 1.42
C ASP C 76 20.45 15.26 2.87
N ALA C 77 20.66 16.56 3.09
CA ALA C 77 20.81 17.06 4.46
C ALA C 77 19.52 16.88 5.26
N VAL C 78 18.37 17.11 4.64
CA VAL C 78 17.10 16.94 5.34
C VAL C 78 16.86 15.46 5.66
N GLU C 79 17.21 14.58 4.72
CA GLU C 79 17.11 13.15 5.00
C GLU C 79 17.99 12.76 6.18
N LEU C 80 19.21 13.28 6.22
CA LEU C 80 20.11 12.99 7.34
C LEU C 80 19.57 13.57 8.64
N VAL C 81 18.92 14.73 8.57
CA VAL C 81 18.36 15.35 9.77
C VAL C 81 17.22 14.50 10.33
N VAL C 82 16.35 13.98 9.46
CA VAL C 82 15.27 13.11 9.93
C VAL C 82 15.85 11.82 10.51
N GLY C 83 16.86 11.26 9.85
CA GLY C 83 17.51 10.08 10.37
C GLY C 83 18.11 10.31 11.75
N LEU C 84 18.76 11.46 11.94
CA LEU C 84 19.31 11.80 13.25
C LEU C 84 18.23 12.01 14.29
N ALA C 85 17.10 12.61 13.90
CA ALA C 85 16.01 12.82 14.83
C ALA C 85 15.47 11.48 15.35
N GLU C 86 15.34 10.50 14.46
CA GLU C 86 14.93 9.17 14.93
C GLU C 86 16.04 8.49 15.72
N ALA C 87 17.29 8.67 15.29
CA ALA C 87 18.43 8.00 15.91
C ALA C 87 18.62 8.45 17.34
N ALA C 88 18.42 9.74 17.62
CA ALA C 88 18.58 10.23 18.99
C ALA C 88 17.58 9.54 19.92
N GLY C 89 16.33 9.44 19.51
CA GLY C 89 15.34 8.75 20.32
C GLY C 89 15.66 7.28 20.52
N LEU C 90 16.06 6.59 19.45
CA LEU C 90 16.41 5.18 19.59
C LEU C 90 17.59 4.99 20.54
N LEU C 91 18.61 5.84 20.40
CA LEU C 91 19.81 5.69 21.23
C LEU C 91 19.52 6.02 22.69
N ILE C 92 18.66 7.00 22.95
CA ILE C 92 18.30 7.31 24.33
C ILE C 92 17.47 6.18 24.93
N ASP C 93 16.54 5.62 24.16
CA ASP C 93 15.74 4.50 24.66
C ASP C 93 16.61 3.27 24.90
N ALA C 94 17.67 3.10 24.11
CA ALA C 94 18.53 1.92 24.25
C ALA C 94 19.21 1.89 25.62
N GLY C 95 19.61 3.04 26.13
CA GLY C 95 20.26 3.10 27.43
C GLY C 95 21.41 4.07 27.49
N ILE C 96 21.89 4.52 26.33
CA ILE C 96 22.99 5.47 26.26
C ILE C 96 22.52 6.80 26.86
N PRO C 97 23.28 7.40 27.77
CA PRO C 97 22.81 8.63 28.43
C PRO C 97 22.61 9.77 27.46
N ALA C 98 21.66 10.65 27.79
CA ALA C 98 21.37 11.82 27.00
C ALA C 98 22.47 12.88 27.08
N SER C 99 23.43 12.73 27.98
CA SER C 99 24.55 13.65 28.09
C SER C 99 25.61 13.42 27.02
N VAL C 100 25.57 12.30 26.31
CA VAL C 100 26.49 12.04 25.22
C VAL C 100 25.80 12.03 23.86
N VAL C 101 24.50 11.79 23.80
CA VAL C 101 23.78 11.78 22.54
C VAL C 101 23.35 13.19 22.14
N LEU C 102 22.74 13.93 23.08
CA LEU C 102 22.22 15.25 22.74
C LEU C 102 23.30 16.24 22.29
N PRO C 103 24.46 16.36 22.95
CA PRO C 103 25.50 17.25 22.40
C PRO C 103 25.95 16.85 20.99
N LEU C 104 26.09 15.55 20.74
CA LEU C 104 26.52 15.08 19.44
C LEU C 104 25.48 15.40 18.36
N VAL C 105 24.21 15.15 18.66
CA VAL C 105 23.15 15.46 17.69
C VAL C 105 23.05 16.96 17.48
N GLU C 106 23.24 17.76 18.54
CA GLU C 106 23.23 19.21 18.38
C GLU C 106 24.36 19.67 17.46
N ARG C 107 25.57 19.15 17.67
CA ARG C 107 26.69 19.54 16.83
C ARG C 107 26.45 19.12 15.38
N LEU C 108 25.95 17.90 15.16
CA LEU C 108 25.69 17.45 13.81
C LEU C 108 24.61 18.29 13.14
N LEU C 109 23.55 18.63 13.87
CA LEU C 109 22.48 19.45 13.31
C LEU C 109 22.99 20.83 12.92
N LEU C 110 23.80 21.45 13.80
CA LEU C 110 24.35 22.75 13.49
C LEU C 110 25.28 22.69 12.28
N GLY C 111 26.13 21.66 12.22
CA GLY C 111 27.02 21.51 11.08
C GLY C 111 26.28 21.32 9.77
N LEU C 112 25.21 20.51 9.80
CA LEU C 112 24.39 20.33 8.60
C LEU C 112 23.69 21.62 8.20
N ALA C 113 23.21 22.38 9.19
CA ALA C 113 22.52 23.64 8.89
C ALA C 113 23.48 24.65 8.26
N ASP C 114 24.69 24.76 8.80
CA ASP C 114 25.66 25.71 8.27
C ASP C 114 26.04 25.38 6.84
N ASP C 115 26.67 24.22 6.62
CA ASP C 115 27.07 23.79 5.29
C ASP C 115 26.37 22.48 4.97
N PRO C 116 25.31 22.48 4.17
CA PRO C 116 24.59 21.23 3.89
C PRO C 116 25.35 20.27 3.00
N SER C 117 26.55 20.67 2.56
CA SER C 117 27.35 19.85 1.66
C SER C 117 28.77 19.70 2.18
N ASP C 118 28.92 19.62 3.50
CA ASP C 118 30.21 19.36 4.12
C ASP C 118 30.34 17.85 4.28
N HIS C 119 31.27 17.25 3.53
CA HIS C 119 31.31 15.80 3.38
C HIS C 119 31.54 15.10 4.72
N ARG C 120 32.45 15.65 5.54
CA ARG C 120 32.75 15.01 6.82
C ARG C 120 31.55 15.02 7.75
N VAL C 121 30.79 16.12 7.76
CA VAL C 121 29.62 16.19 8.63
C VAL C 121 28.56 15.18 8.19
N ARG C 122 28.33 15.04 6.89
CA ARG C 122 27.41 14.03 6.41
C ARG C 122 27.89 12.63 6.75
N ASP C 123 29.19 12.38 6.64
CA ASP C 123 29.73 11.08 7.00
C ASP C 123 29.50 10.78 8.48
N LEU C 124 29.72 11.76 9.35
CA LEU C 124 29.50 11.55 10.77
C LEU C 124 28.02 11.33 11.08
N ALA C 125 27.13 12.08 10.43
CA ALA C 125 25.70 11.89 10.64
C ALA C 125 25.26 10.50 10.19
N GLU C 126 25.75 10.04 9.04
CA GLU C 126 25.46 8.70 8.59
C GLU C 126 26.03 7.64 9.54
N LEU C 127 27.22 7.88 10.11
CA LEU C 127 27.76 6.98 11.11
C LEU C 127 26.88 6.89 12.34
N VAL C 128 26.37 8.01 12.84
CA VAL C 128 25.47 7.98 13.99
C VAL C 128 24.15 7.28 13.67
N VAL C 129 23.57 7.54 12.49
CA VAL C 129 22.34 6.85 12.11
C VAL C 129 22.58 5.35 11.98
N GLY C 130 23.69 4.95 11.38
CA GLY C 130 24.05 3.54 11.31
C GLY C 130 24.29 2.90 12.66
N LEU C 131 24.91 3.62 13.60
CA LEU C 131 25.07 3.12 14.95
C LEU C 131 23.72 2.91 15.65
N ALA C 132 22.79 3.85 15.49
CA ALA C 132 21.46 3.66 16.06
C ALA C 132 20.75 2.47 15.45
N GLU C 133 20.84 2.30 14.13
CA GLU C 133 20.23 1.14 13.48
C GLU C 133 20.86 -0.16 13.94
N ALA C 134 22.19 -0.18 14.09
CA ALA C 134 22.88 -1.37 14.58
C ALA C 134 22.49 -1.69 16.01
N ALA C 135 22.36 -0.67 16.87
CA ALA C 135 21.89 -0.90 18.23
C ALA C 135 20.47 -1.42 18.28
N MET C 136 19.59 -0.96 17.38
CA MET C 136 18.23 -1.47 17.32
C MET C 136 18.16 -2.89 16.77
N LEU C 137 19.03 -3.24 15.80
CA LEU C 137 19.08 -4.59 15.26
C LEU C 137 19.75 -5.58 16.19
N ALA C 138 20.68 -5.14 17.04
CA ALA C 138 21.32 -6.06 17.97
C ALA C 138 20.34 -6.60 18.99
N ARG C 139 19.28 -5.84 19.29
CA ARG C 139 18.25 -6.32 20.19
C ARG C 139 17.40 -7.40 19.53
N ALA C 140 17.05 -7.23 18.26
CA ALA C 140 16.26 -8.24 17.55
C ALA C 140 17.04 -9.55 17.44
N VAL C 141 18.35 -9.45 17.15
CA VAL C 141 19.22 -10.61 17.11
C VAL C 141 19.36 -11.26 18.48
N ASN C 142 18.85 -10.60 19.52
CA ASN C 142 18.82 -11.11 20.90
C ASN C 142 20.23 -11.12 21.48
N ILE C 143 20.92 -9.99 21.33
CA ILE C 143 22.18 -9.73 22.04
C ILE C 143 21.85 -8.97 23.31
N PRO C 144 22.36 -9.38 24.47
CA PRO C 144 22.01 -8.69 25.72
C PRO C 144 22.44 -7.23 25.70
N SER C 145 21.64 -6.38 26.33
CA SER C 145 21.91 -4.96 26.36
C SER C 145 23.19 -4.60 27.11
N ALA C 146 23.54 -5.35 28.14
CA ALA C 146 24.70 -5.05 28.97
C ALA C 146 26.02 -5.27 28.26
N VAL C 147 26.03 -5.88 27.07
CA VAL C 147 27.28 -6.15 26.38
C VAL C 147 27.44 -5.20 25.18
N TYR C 148 26.33 -4.70 24.64
CA TYR C 148 26.42 -3.81 23.49
C TYR C 148 26.19 -2.35 23.82
N VAL C 149 25.46 -2.02 24.89
CA VAL C 149 25.29 -0.63 25.29
C VAL C 149 26.63 0.00 25.68
N PRO C 150 27.48 -0.67 26.47
CA PRO C 150 28.80 -0.07 26.77
C PRO C 150 29.63 0.25 25.53
N VAL C 151 29.60 -0.61 24.51
CA VAL C 151 30.43 -0.40 23.33
C VAL C 151 29.93 0.82 22.55
N VAL C 152 28.63 0.93 22.34
CA VAL C 152 28.08 2.10 21.65
C VAL C 152 28.31 3.36 22.48
N GLU C 153 28.22 3.27 23.81
CA GLU C 153 28.51 4.41 24.65
C GLU C 153 29.95 4.87 24.48
N LYS C 154 30.90 3.93 24.48
CA LYS C 154 32.30 4.28 24.31
C LYS C 154 32.55 4.90 22.94
N VAL C 155 31.94 4.34 21.90
CA VAL C 155 32.13 4.86 20.55
C VAL C 155 31.58 6.28 20.44
N LEU C 156 30.39 6.51 20.99
CA LEU C 156 29.80 7.85 20.95
C LEU C 156 30.58 8.85 21.79
N ARG C 157 31.13 8.42 22.93
CA ARG C 157 31.97 9.32 23.72
C ARG C 157 33.24 9.70 22.96
N ALA C 158 33.86 8.73 22.29
CA ALA C 158 35.03 9.02 21.49
C ALA C 158 34.70 9.97 20.35
N LEU C 159 33.56 9.75 19.69
CA LEU C 159 33.13 10.65 18.63
C LEU C 159 32.84 12.07 19.14
N LEU C 160 32.25 12.19 20.32
CA LEU C 160 31.99 13.51 20.89
C LEU C 160 33.28 14.21 21.31
N ALA C 161 34.28 13.43 21.73
CA ALA C 161 35.56 14.02 22.12
C ALA C 161 36.20 14.74 20.94
N ASP C 162 36.48 14.02 19.87
CA ASP C 162 37.07 14.59 18.66
C ASP C 162 36.32 14.08 17.44
N PRO C 163 35.57 14.94 16.75
CA PRO C 163 34.80 14.46 15.58
C PRO C 163 35.66 13.90 14.47
N GLU C 164 36.87 14.42 14.26
CA GLU C 164 37.73 14.01 13.17
C GLU C 164 38.63 12.83 13.53
N ASN C 165 38.46 12.27 14.73
CA ASN C 165 39.24 11.11 15.12
C ASN C 165 38.89 9.92 14.24
N GLU C 166 39.88 9.41 13.50
CA GLU C 166 39.64 8.30 12.60
C GLU C 166 39.37 6.99 13.34
N ARG C 167 39.97 6.81 14.52
CA ARG C 167 39.76 5.58 15.27
C ARG C 167 38.31 5.43 15.72
N ALA C 168 37.69 6.52 16.15
CA ALA C 168 36.29 6.45 16.56
C ALA C 168 35.38 6.11 15.39
N ARG C 169 35.63 6.72 14.23
CA ARG C 169 34.83 6.39 13.05
C ARG C 169 35.02 4.94 12.65
N ARG C 170 36.26 4.45 12.70
CA ARG C 170 36.52 3.04 12.41
C ARG C 170 35.80 2.12 13.39
N ALA C 171 35.78 2.50 14.67
CA ALA C 171 35.09 1.70 15.67
C ALA C 171 33.59 1.66 15.41
N ALA C 172 32.99 2.80 15.06
CA ALA C 172 31.57 2.82 14.75
C ALA C 172 31.26 1.94 13.54
N ARG C 173 32.06 2.07 12.49
CA ARG C 173 31.88 1.22 11.31
C ARG C 173 32.04 -0.26 11.63
N ARG C 174 33.00 -0.60 12.48
CA ARG C 174 33.18 -2.00 12.89
C ARG C 174 32.01 -2.51 13.72
N VAL C 175 31.41 -1.68 14.58
CA VAL C 175 30.22 -2.11 15.29
C VAL C 175 29.08 -2.42 14.32
N VAL C 176 28.87 -1.54 13.34
CA VAL C 176 27.83 -1.79 12.34
C VAL C 176 28.12 -3.08 11.58
N GLU C 177 29.37 -3.28 11.19
CA GLU C 177 29.75 -4.51 10.50
C GLU C 177 29.56 -5.75 11.37
N LEU C 178 29.79 -5.65 12.68
CA LEU C 178 29.55 -6.79 13.56
C LEU C 178 28.07 -7.15 13.60
N VAL C 179 27.19 -6.15 13.69
CA VAL C 179 25.77 -6.46 13.68
C VAL C 179 25.35 -7.08 12.35
N LEU C 180 25.85 -6.54 11.23
CA LEU C 180 25.56 -7.12 9.93
C LEU C 180 26.10 -8.54 9.79
N ALA C 181 27.27 -8.83 10.37
CA ALA C 181 27.79 -10.19 10.35
C ALA C 181 26.93 -11.13 11.19
N ALA C 182 26.39 -10.64 12.31
CA ALA C 182 25.44 -11.46 13.06
C ALA C 182 24.21 -11.78 12.23
N ALA C 183 23.70 -10.79 11.49
CA ALA C 183 22.58 -11.05 10.59
C ALA C 183 22.95 -12.07 9.51
N ARG C 184 24.15 -11.96 8.95
CA ARG C 184 24.61 -12.93 7.95
C ARG C 184 24.72 -14.33 8.52
N LEU C 185 25.22 -14.45 9.76
CA LEU C 185 25.27 -15.75 10.42
C LEU C 185 23.87 -16.32 10.64
N LEU C 186 22.91 -15.48 11.01
CA LEU C 186 21.52 -15.93 11.10
C LEU C 186 21.03 -16.44 9.75
N ALA C 187 21.38 -15.74 8.66
CA ALA C 187 20.97 -16.18 7.33
C ALA C 187 21.65 -17.47 6.92
N LEU C 188 22.86 -17.74 7.42
CA LEU C 188 23.59 -18.94 7.03
C LEU C 188 22.98 -20.21 7.59
N GLY C 189 22.17 -20.12 8.65
CA GLY C 189 21.56 -21.28 9.27
C GLY C 189 22.01 -21.57 10.68
N VAL C 190 22.86 -20.74 11.27
CA VAL C 190 23.26 -20.94 12.67
C VAL C 190 22.07 -20.62 13.57
N PRO C 191 21.83 -21.40 14.61
CA PRO C 191 20.71 -21.10 15.52
C PRO C 191 20.90 -19.75 16.18
N PRO C 192 19.81 -19.05 16.49
CA PRO C 192 19.93 -17.71 17.09
C PRO C 192 20.71 -17.69 18.40
N HIS C 193 20.64 -18.76 19.20
CA HIS C 193 21.34 -18.77 20.47
C HIS C 193 22.85 -18.78 20.28
N ALA C 194 23.35 -19.59 19.35
CA ALA C 194 24.79 -19.63 19.08
C ALA C 194 25.27 -18.30 18.50
N VAL C 195 24.48 -17.69 17.62
CA VAL C 195 24.83 -16.38 17.09
C VAL C 195 24.92 -15.35 18.21
N ALA C 196 23.93 -15.35 19.10
CA ALA C 196 23.95 -14.41 20.21
C ALA C 196 25.17 -14.62 21.09
N ASP C 197 25.52 -15.88 21.38
CA ASP C 197 26.68 -16.17 22.21
C ASP C 197 27.97 -15.67 21.56
N ALA C 198 28.18 -15.99 20.28
CA ALA C 198 29.41 -15.60 19.61
C ALA C 198 29.53 -14.08 19.50
N VAL C 199 28.45 -13.40 19.11
CA VAL C 199 28.52 -11.96 18.99
C VAL C 199 28.63 -11.28 20.34
N SER C 200 28.06 -11.86 21.40
CA SER C 200 28.27 -11.33 22.74
C SER C 200 29.72 -11.44 23.16
N LEU C 201 30.37 -12.57 22.85
CA LEU C 201 31.81 -12.67 23.12
C LEU C 201 32.60 -11.62 22.36
N THR C 202 32.24 -11.41 21.08
CA THR C 202 32.95 -10.40 20.30
C THR C 202 32.75 -9.01 20.88
N PHE C 203 31.53 -8.68 21.32
CA PHE C 203 31.29 -7.38 21.95
C PHE C 203 32.07 -7.24 23.25
N ARG C 204 32.13 -8.31 24.05
CA ARG C 204 32.88 -8.24 25.30
C ARG C 204 34.36 -7.96 25.03
N ARG C 205 34.93 -8.62 24.02
CA ARG C 205 36.32 -8.33 23.70
C ARG C 205 36.50 -6.94 23.09
N MET C 206 35.53 -6.47 22.30
CA MET C 206 35.64 -5.14 21.72
C MET C 206 35.55 -4.06 22.79
N LEU C 207 34.93 -4.37 23.93
CA LEU C 207 34.86 -3.40 25.01
C LEU C 207 36.25 -3.02 25.51
N THR C 208 37.17 -3.99 25.59
CA THR C 208 38.50 -3.72 26.13
C THR C 208 39.49 -3.35 25.03
N ASP C 209 39.66 -4.21 24.03
CA ASP C 209 40.68 -4.02 23.00
C ASP C 209 40.09 -3.33 21.78
N PRO C 210 40.79 -2.35 21.21
CA PRO C 210 40.25 -1.61 20.07
C PRO C 210 40.00 -2.47 18.83
N ASP C 211 41.03 -3.18 18.37
CA ASP C 211 40.92 -3.98 17.16
C ASP C 211 40.35 -5.36 17.44
N ALA C 212 39.23 -5.42 18.16
CA ALA C 212 38.60 -6.69 18.49
C ALA C 212 37.21 -6.78 17.84
N ASN D 25 -33.62 11.41 -21.75
CA ASN D 25 -34.83 10.95 -22.43
C ASN D 25 -34.46 9.96 -23.53
N PRO D 26 -35.28 8.91 -23.73
CA PRO D 26 -34.93 7.87 -24.71
C PRO D 26 -34.61 8.40 -26.10
N GLU D 27 -35.36 9.40 -26.56
CA GLU D 27 -35.06 9.99 -27.87
C GLU D 27 -33.76 10.79 -27.83
N ASP D 28 -33.51 11.53 -26.75
CA ASP D 28 -32.25 12.24 -26.61
C ASP D 28 -31.07 11.27 -26.55
N VAL D 29 -31.22 10.19 -25.77
CA VAL D 29 -30.19 9.17 -25.72
C VAL D 29 -29.99 8.55 -27.09
N ALA D 30 -31.07 8.36 -27.85
CA ALA D 30 -30.96 7.82 -29.20
C ALA D 30 -30.14 8.74 -30.10
N GLU D 31 -30.40 10.04 -30.02
CA GLU D 31 -29.65 11.00 -30.85
C GLU D 31 -28.17 11.03 -30.46
N HIS D 32 -27.89 11.07 -29.15
CA HIS D 32 -26.50 11.03 -28.70
C HIS D 32 -25.82 9.75 -29.14
N LEU D 33 -26.54 8.63 -29.10
CA LEU D 33 -25.97 7.36 -29.50
C LEU D 33 -25.75 7.31 -31.01
N GLN D 34 -26.58 7.97 -31.80
CA GLN D 34 -26.32 8.07 -33.23
C GLN D 34 -25.02 8.83 -33.50
N GLU D 35 -24.81 9.93 -32.79
CA GLU D 35 -23.55 10.67 -32.95
C GLU D 35 -22.36 9.82 -32.52
N ARG D 36 -22.45 9.16 -31.36
CA ARG D 36 -21.37 8.30 -30.91
C ARG D 36 -21.19 7.10 -31.84
N LEU D 37 -22.24 6.67 -32.53
CA LEU D 37 -22.12 5.57 -33.47
C LEU D 37 -21.36 5.99 -34.71
N GLU D 38 -21.60 7.22 -35.19
CA GLU D 38 -20.77 7.74 -36.28
C GLU D 38 -19.31 7.83 -35.86
N LYS D 39 -19.06 8.33 -34.65
CA LYS D 39 -17.69 8.40 -34.15
C LYS D 39 -17.07 7.01 -34.05
N ALA D 40 -17.84 6.03 -33.59
CA ALA D 40 -17.35 4.66 -33.46
C ALA D 40 -17.05 4.05 -34.81
N ARG D 41 -17.88 4.36 -35.82
CA ARG D 41 -17.57 3.91 -37.18
C ARG D 41 -16.25 4.47 -37.65
N HIS D 42 -16.02 5.76 -37.40
CA HIS D 42 -14.73 6.36 -37.77
C HIS D 42 -13.58 5.65 -37.07
N LEU D 43 -13.72 5.41 -35.76
CA LEU D 43 -12.64 4.76 -35.02
C LEU D 43 -12.39 3.34 -35.52
N LEU D 44 -13.46 2.59 -35.80
CA LEU D 44 -13.29 1.22 -36.28
C LEU D 44 -12.63 1.20 -37.65
N LEU D 45 -13.00 2.14 -38.53
CA LEU D 45 -12.33 2.23 -39.82
C LEU D 45 -10.85 2.58 -39.65
N ASP D 46 -10.54 3.45 -38.69
CA ASP D 46 -9.15 3.80 -38.43
C ASP D 46 -8.36 2.61 -37.90
N ALA D 47 -9.00 1.75 -37.09
CA ALA D 47 -8.29 0.63 -36.48
C ALA D 47 -7.79 -0.36 -37.52
N GLY D 48 -8.58 -0.65 -38.54
CA GLY D 48 -8.16 -1.58 -39.57
C GLY D 48 -9.22 -2.61 -39.92
N LEU D 49 -10.41 -2.46 -39.35
CA LEU D 49 -11.49 -3.38 -39.67
C LEU D 49 -11.96 -3.17 -41.10
N PRO D 50 -12.46 -4.21 -41.77
CA PRO D 50 -12.96 -4.04 -43.13
C PRO D 50 -14.12 -3.05 -43.18
N GLU D 51 -14.21 -2.32 -44.28
CA GLU D 51 -15.24 -1.29 -44.42
C GLU D 51 -16.63 -1.90 -44.45
N GLU D 52 -16.78 -3.05 -45.11
CA GLU D 52 -18.11 -3.64 -45.28
C GLU D 52 -18.73 -4.04 -43.95
N VAL D 53 -17.95 -4.67 -43.07
CA VAL D 53 -18.49 -5.13 -41.79
C VAL D 53 -18.90 -3.96 -40.93
N VAL D 54 -18.04 -2.93 -40.87
CA VAL D 54 -18.35 -1.74 -40.07
C VAL D 54 -19.60 -1.06 -40.61
N ARG D 55 -19.69 -0.92 -41.95
CA ARG D 55 -20.86 -0.30 -42.55
C ARG D 55 -22.13 -1.08 -42.23
N ARG D 56 -22.07 -2.40 -42.35
CA ARG D 56 -23.24 -3.23 -42.08
C ARG D 56 -23.71 -3.07 -40.63
N ALA D 57 -22.77 -3.22 -39.69
CA ALA D 57 -23.13 -3.14 -38.28
C ALA D 57 -23.66 -1.75 -37.93
N THR D 58 -23.01 -0.70 -38.42
CA THR D 58 -23.43 0.65 -38.08
C THR D 58 -24.80 0.97 -38.68
N GLU D 59 -25.04 0.55 -39.92
CA GLU D 59 -26.34 0.78 -40.54
C GLU D 59 -27.44 0.03 -39.79
N THR D 60 -27.17 -1.22 -39.40
CA THR D 60 -28.16 -2.00 -38.67
C THR D 60 -28.50 -1.32 -37.34
N PHE D 61 -27.47 -0.89 -36.59
CA PHE D 61 -27.72 -0.27 -35.30
C PHE D 61 -28.40 1.09 -35.45
N LEU D 62 -28.03 1.86 -36.48
CA LEU D 62 -28.67 3.15 -36.72
C LEU D 62 -30.14 2.97 -37.05
N GLN D 63 -30.46 1.99 -37.90
CA GLN D 63 -31.85 1.71 -38.23
C GLN D 63 -32.63 1.26 -37.00
N ALA D 64 -32.00 0.42 -36.16
CA ALA D 64 -32.67 -0.03 -34.94
C ALA D 64 -32.97 1.15 -34.02
N LEU D 65 -32.02 2.08 -33.90
CA LEU D 65 -32.25 3.28 -33.10
C LEU D 65 -33.36 4.14 -33.68
N LYS D 66 -33.37 4.30 -35.01
CA LYS D 66 -34.36 5.16 -35.65
C LYS D 66 -35.77 4.61 -35.49
N ASP D 67 -35.94 3.30 -35.69
CA ASP D 67 -37.27 2.71 -35.64
C ASP D 67 -37.85 2.76 -34.24
N ASP D 68 -37.08 2.33 -33.25
CA ASP D 68 -37.53 2.25 -31.85
C ASP D 68 -36.50 2.92 -30.96
N PRO D 69 -36.52 4.25 -30.87
CA PRO D 69 -35.56 4.94 -29.99
C PRO D 69 -35.67 4.55 -28.53
N SER D 70 -36.88 4.21 -28.07
CA SER D 70 -37.08 3.89 -26.66
C SER D 70 -36.55 2.51 -26.29
N ASP D 71 -36.14 1.70 -27.27
CA ASP D 71 -35.66 0.36 -26.98
C ASP D 71 -34.39 0.40 -26.14
N ARG D 72 -34.41 -0.30 -25.01
CA ARG D 72 -33.27 -0.28 -24.11
C ARG D 72 -32.14 -1.17 -24.62
N ALA D 73 -32.48 -2.32 -25.21
CA ALA D 73 -31.47 -3.27 -25.66
C ALA D 73 -30.61 -2.66 -26.77
N VAL D 74 -31.25 -1.93 -27.69
CA VAL D 74 -30.50 -1.28 -28.76
C VAL D 74 -29.55 -0.24 -28.20
N GLN D 75 -30.01 0.52 -27.20
CA GLN D 75 -29.16 1.54 -26.59
C GLN D 75 -27.95 0.91 -25.91
N ASP D 76 -28.17 -0.18 -25.17
CA ASP D 76 -27.06 -0.88 -24.52
C ASP D 76 -26.10 -1.44 -25.56
N ALA D 77 -26.62 -2.00 -26.65
CA ALA D 77 -25.76 -2.54 -27.70
C ALA D 77 -24.92 -1.44 -28.35
N VAL D 78 -25.52 -0.27 -28.58
CA VAL D 78 -24.78 0.83 -29.19
C VAL D 78 -23.69 1.34 -28.23
N GLU D 79 -24.02 1.41 -26.94
CA GLU D 79 -23.00 1.78 -25.95
C GLU D 79 -21.84 0.79 -25.98
N LEU D 80 -22.15 -0.51 -26.03
CA LEU D 80 -21.10 -1.52 -26.09
C LEU D 80 -20.29 -1.40 -27.38
N VAL D 81 -20.95 -1.04 -28.48
CA VAL D 81 -20.25 -0.89 -29.75
C VAL D 81 -19.27 0.27 -29.71
N VAL D 82 -19.69 1.40 -29.12
CA VAL D 82 -18.77 2.53 -28.97
C VAL D 82 -17.61 2.16 -28.07
N GLY D 83 -17.90 1.48 -26.95
CA GLY D 83 -16.85 1.02 -26.08
C GLY D 83 -15.85 0.11 -26.78
N LEU D 84 -16.35 -0.81 -27.60
CA LEU D 84 -15.48 -1.70 -28.36
C LEU D 84 -14.66 -0.95 -29.39
N ALA D 85 -15.26 0.06 -30.03
CA ALA D 85 -14.53 0.85 -31.01
C ALA D 85 -13.34 1.56 -30.36
N GLU D 86 -13.55 2.13 -29.17
CA GLU D 86 -12.42 2.71 -28.44
C GLU D 86 -11.43 1.63 -27.99
N ALA D 87 -11.95 0.48 -27.53
CA ALA D 87 -11.11 -0.55 -26.95
C ALA D 87 -10.16 -1.15 -27.98
N ALA D 88 -10.64 -1.33 -29.22
CA ALA D 88 -9.78 -1.89 -30.26
C ALA D 88 -8.56 -1.00 -30.51
N GLY D 89 -8.79 0.32 -30.61
CA GLY D 89 -7.68 1.23 -30.79
C GLY D 89 -6.74 1.25 -29.61
N LEU D 90 -7.28 1.26 -28.39
CA LEU D 90 -6.42 1.24 -27.21
C LEU D 90 -5.57 -0.03 -27.16
N LEU D 91 -6.17 -1.17 -27.46
CA LEU D 91 -5.44 -2.44 -27.39
C LEU D 91 -4.39 -2.53 -28.49
N ILE D 92 -4.68 -2.01 -29.68
CA ILE D 92 -3.69 -2.03 -30.76
C ILE D 92 -2.53 -1.11 -30.42
N ASP D 93 -2.82 0.08 -29.87
CA ASP D 93 -1.75 0.99 -29.47
C ASP D 93 -0.93 0.41 -28.33
N ALA D 94 -1.56 -0.38 -27.46
CA ALA D 94 -0.86 -0.92 -26.30
C ALA D 94 0.27 -1.86 -26.73
N GLY D 95 0.06 -2.62 -27.80
CA GLY D 95 1.09 -3.53 -28.27
C GLY D 95 0.55 -4.87 -28.74
N ILE D 96 -0.68 -5.18 -28.35
CA ILE D 96 -1.31 -6.44 -28.76
C ILE D 96 -1.51 -6.41 -30.26
N PRO D 97 -1.12 -7.47 -30.98
CA PRO D 97 -1.20 -7.43 -32.45
C PRO D 97 -2.63 -7.31 -32.94
N ALA D 98 -2.78 -6.69 -34.11
CA ALA D 98 -4.08 -6.51 -34.74
C ALA D 98 -4.63 -7.81 -35.32
N SER D 99 -3.84 -8.88 -35.35
CA SER D 99 -4.31 -10.17 -35.81
C SER D 99 -5.14 -10.91 -34.78
N VAL D 100 -5.13 -10.47 -33.52
CA VAL D 100 -5.97 -11.06 -32.48
C VAL D 100 -7.07 -10.11 -32.01
N VAL D 101 -6.90 -8.80 -32.16
CA VAL D 101 -7.92 -7.84 -31.75
C VAL D 101 -9.00 -7.68 -32.81
N LEU D 102 -8.59 -7.47 -34.07
CA LEU D 102 -9.55 -7.22 -35.13
C LEU D 102 -10.53 -8.37 -35.36
N PRO D 103 -10.11 -9.64 -35.46
CA PRO D 103 -11.11 -10.71 -35.58
C PRO D 103 -12.09 -10.77 -34.41
N LEU D 104 -11.59 -10.57 -33.18
CA LEU D 104 -12.46 -10.61 -32.02
C LEU D 104 -13.48 -9.49 -32.05
N VAL D 105 -13.04 -8.27 -32.37
CA VAL D 105 -13.96 -7.14 -32.45
C VAL D 105 -14.95 -7.34 -33.59
N GLU D 106 -14.51 -7.94 -34.70
CA GLU D 106 -15.42 -8.23 -35.80
C GLU D 106 -16.52 -9.19 -35.37
N ARG D 107 -16.14 -10.28 -34.70
CA ARG D 107 -17.14 -11.24 -34.24
C ARG D 107 -18.08 -10.62 -33.22
N LEU D 108 -17.55 -9.81 -32.30
CA LEU D 108 -18.40 -9.17 -31.31
C LEU D 108 -19.38 -8.19 -31.96
N LEU D 109 -18.90 -7.42 -32.94
CA LEU D 109 -19.78 -6.48 -33.64
C LEU D 109 -20.88 -7.22 -34.39
N LEU D 110 -20.53 -8.31 -35.07
CA LEU D 110 -21.54 -9.08 -35.80
C LEU D 110 -22.55 -9.68 -34.84
N GLY D 111 -22.09 -10.23 -33.72
CA GLY D 111 -23.00 -10.80 -32.74
C GLY D 111 -23.94 -9.78 -32.15
N LEU D 112 -23.41 -8.58 -31.84
CA LEU D 112 -24.28 -7.51 -31.32
C LEU D 112 -25.28 -7.06 -32.37
N ALA D 113 -24.86 -6.97 -33.64
CA ALA D 113 -25.76 -6.55 -34.69
C ALA D 113 -26.88 -7.55 -34.90
N ASP D 114 -26.56 -8.84 -34.90
CA ASP D 114 -27.57 -9.87 -35.10
C ASP D 114 -28.62 -9.86 -34.00
N ASP D 115 -28.22 -10.14 -32.77
CA ASP D 115 -29.13 -10.14 -31.62
C ASP D 115 -28.61 -9.18 -30.56
N PRO D 116 -29.15 -7.97 -30.46
CA PRO D 116 -28.62 -7.00 -29.48
C PRO D 116 -28.94 -7.36 -28.03
N SER D 117 -29.59 -8.50 -27.81
CA SER D 117 -30.00 -8.91 -26.47
C SER D 117 -29.51 -10.33 -26.19
N ASP D 118 -28.34 -10.69 -26.70
CA ASP D 118 -27.72 -11.97 -26.41
C ASP D 118 -26.78 -11.77 -25.23
N HIS D 119 -27.13 -12.38 -24.09
CA HIS D 119 -26.45 -12.08 -22.84
C HIS D 119 -24.96 -12.40 -22.90
N ARG D 120 -24.62 -13.54 -23.49
CA ARG D 120 -23.22 -13.95 -23.54
C ARG D 120 -22.39 -13.00 -24.40
N VAL D 121 -22.96 -12.52 -25.51
CA VAL D 121 -22.23 -11.60 -26.38
C VAL D 121 -21.97 -10.29 -25.67
N ARG D 122 -22.98 -9.76 -24.96
CA ARG D 122 -22.75 -8.54 -24.18
C ARG D 122 -21.73 -8.77 -23.08
N ASP D 123 -21.77 -9.93 -22.43
CA ASP D 123 -20.77 -10.22 -21.40
C ASP D 123 -19.36 -10.22 -21.98
N LEU D 124 -19.19 -10.83 -23.15
CA LEU D 124 -17.87 -10.84 -23.78
C LEU D 124 -17.44 -9.44 -24.19
N ALA D 125 -18.38 -8.64 -24.70
CA ALA D 125 -18.04 -7.27 -25.09
C ALA D 125 -17.60 -6.45 -23.89
N GLU D 126 -18.31 -6.57 -22.77
CA GLU D 126 -17.89 -5.89 -21.55
C GLU D 126 -16.56 -6.41 -21.03
N LEU D 127 -16.30 -7.72 -21.18
CA LEU D 127 -15.00 -8.25 -20.82
C LEU D 127 -13.86 -7.65 -21.64
N VAL D 128 -14.06 -7.51 -22.95
CA VAL D 128 -13.04 -6.88 -23.79
C VAL D 128 -12.86 -5.40 -23.45
N VAL D 129 -13.96 -4.67 -23.22
CA VAL D 129 -13.84 -3.27 -22.84
C VAL D 129 -13.12 -3.12 -21.51
N GLY D 130 -13.45 -3.96 -20.53
CA GLY D 130 -12.74 -3.96 -19.27
C GLY D 130 -11.27 -4.33 -19.38
N LEU D 131 -10.94 -5.28 -20.26
CA LEU D 131 -9.54 -5.59 -20.53
C LEU D 131 -8.78 -4.41 -21.13
N ALA D 132 -9.40 -3.69 -22.07
CA ALA D 132 -8.78 -2.49 -22.61
C ALA D 132 -8.57 -1.43 -21.54
N GLU D 133 -9.58 -1.21 -20.70
CA GLU D 133 -9.44 -0.23 -19.61
C GLU D 133 -8.37 -0.65 -18.62
N ALA D 134 -8.27 -1.94 -18.30
CA ALA D 134 -7.22 -2.43 -17.42
C ALA D 134 -5.84 -2.25 -18.04
N ALA D 135 -5.70 -2.53 -19.34
CA ALA D 135 -4.43 -2.30 -20.02
C ALA D 135 -4.06 -0.83 -20.06
N MET D 136 -5.06 0.06 -20.15
CA MET D 136 -4.81 1.50 -20.10
C MET D 136 -4.43 1.98 -18.71
N LEU D 137 -5.03 1.43 -17.67
CA LEU D 137 -4.73 1.83 -16.30
C LEU D 137 -3.47 1.19 -15.74
N ALA D 138 -3.05 0.05 -16.27
CA ALA D 138 -1.80 -0.56 -15.81
C ALA D 138 -0.60 0.31 -16.16
N ARG D 139 -0.69 1.06 -17.27
CA ARG D 139 0.38 2.00 -17.61
C ARG D 139 0.41 3.17 -16.64
N ALA D 140 -0.77 3.66 -16.23
CA ALA D 140 -0.83 4.79 -15.32
C ALA D 140 -0.23 4.44 -13.96
N VAL D 141 -0.51 3.24 -13.45
CA VAL D 141 0.09 2.79 -12.19
C VAL D 141 1.54 2.37 -12.36
N ASN D 142 2.12 2.60 -13.54
CA ASN D 142 3.54 2.41 -13.82
C ASN D 142 3.95 0.94 -13.81
N ILE D 143 3.18 0.11 -14.51
CA ILE D 143 3.54 -1.29 -14.73
C ILE D 143 4.19 -1.39 -16.11
N PRO D 144 5.35 -2.04 -16.22
CA PRO D 144 6.02 -2.14 -17.53
C PRO D 144 5.15 -2.86 -18.54
N SER D 145 5.29 -2.46 -19.80
CA SER D 145 4.52 -3.09 -20.87
C SER D 145 4.88 -4.55 -21.08
N ALA D 146 6.13 -4.94 -20.85
CA ALA D 146 6.61 -6.28 -21.14
C ALA D 146 6.06 -7.33 -20.18
N VAL D 147 5.40 -6.95 -19.10
CA VAL D 147 4.88 -7.93 -18.16
C VAL D 147 3.37 -8.06 -18.31
N TYR D 148 2.69 -6.99 -18.71
CA TYR D 148 1.23 -7.03 -18.82
C TYR D 148 0.73 -7.24 -20.25
N VAL D 149 1.49 -6.85 -21.27
CA VAL D 149 1.06 -7.08 -22.65
C VAL D 149 0.99 -8.57 -22.96
N PRO D 150 1.97 -9.41 -22.57
CA PRO D 150 1.81 -10.85 -22.81
C PRO D 150 0.57 -11.46 -22.19
N VAL D 151 0.21 -11.03 -20.97
CA VAL D 151 -0.96 -11.61 -20.30
C VAL D 151 -2.24 -11.25 -21.04
N VAL D 152 -2.39 -9.99 -21.44
CA VAL D 152 -3.58 -9.58 -22.19
C VAL D 152 -3.60 -10.26 -23.55
N GLU D 153 -2.43 -10.44 -24.18
CA GLU D 153 -2.37 -11.18 -25.44
C GLU D 153 -2.85 -12.61 -25.27
N LYS D 154 -2.40 -13.29 -24.21
CA LYS D 154 -2.83 -14.66 -23.96
C LYS D 154 -4.33 -14.73 -23.71
N VAL D 155 -4.86 -13.80 -22.91
CA VAL D 155 -6.28 -13.81 -22.60
C VAL D 155 -7.12 -13.58 -23.86
N LEU D 156 -6.71 -12.62 -24.69
CA LEU D 156 -7.45 -12.35 -25.92
C LEU D 156 -7.33 -13.50 -26.91
N ARG D 157 -6.17 -14.16 -26.99
CA ARG D 157 -6.05 -15.33 -27.86
C ARG D 157 -6.97 -16.46 -27.39
N ALA D 158 -7.02 -16.70 -26.07
CA ALA D 158 -7.91 -17.73 -25.55
C ALA D 158 -9.37 -17.38 -25.82
N LEU D 159 -9.74 -16.11 -25.67
CA LEU D 159 -11.10 -15.69 -25.97
C LEU D 159 -11.43 -15.83 -27.45
N LEU D 160 -10.47 -15.53 -28.34
CA LEU D 160 -10.69 -15.70 -29.78
C LEU D 160 -10.83 -17.17 -30.15
N ALA D 161 -10.10 -18.05 -29.45
CA ALA D 161 -10.18 -19.47 -29.74
C ALA D 161 -11.60 -19.99 -29.53
N ASP D 162 -12.10 -19.89 -28.30
CA ASP D 162 -13.45 -20.34 -27.95
C ASP D 162 -14.13 -19.27 -27.13
N PRO D 163 -15.12 -18.55 -27.68
CA PRO D 163 -15.78 -17.49 -26.91
C PRO D 163 -16.47 -17.97 -25.66
N GLU D 164 -16.97 -19.21 -25.63
CA GLU D 164 -17.71 -19.74 -24.49
C GLU D 164 -16.81 -20.40 -23.46
N ASN D 165 -15.49 -20.34 -23.65
CA ASN D 165 -14.57 -20.91 -22.67
C ASN D 165 -14.63 -20.10 -21.38
N GLU D 166 -15.00 -20.76 -20.29
CA GLU D 166 -15.13 -20.08 -19.01
C GLU D 166 -13.79 -19.70 -18.41
N ARG D 167 -12.73 -20.48 -18.69
CA ARG D 167 -11.42 -20.18 -18.14
C ARG D 167 -10.88 -18.86 -18.67
N ALA D 168 -11.08 -18.59 -19.98
CA ALA D 168 -10.61 -17.33 -20.55
C ALA D 168 -11.36 -16.15 -19.96
N ARG D 169 -12.67 -16.27 -19.79
CA ARG D 169 -13.45 -15.20 -19.16
C ARG D 169 -12.99 -14.96 -17.73
N ARG D 170 -12.73 -16.04 -16.98
CA ARG D 170 -12.22 -15.90 -15.63
C ARG D 170 -10.87 -15.20 -15.62
N ALA D 171 -10.00 -15.54 -16.58
CA ALA D 171 -8.70 -14.89 -16.65
C ALA D 171 -8.82 -13.40 -16.96
N ALA D 172 -9.72 -13.04 -17.87
CA ALA D 172 -9.93 -11.62 -18.16
C ALA D 172 -10.43 -10.88 -16.93
N ARG D 173 -11.42 -11.46 -16.25
CA ARG D 173 -11.93 -10.83 -15.03
C ARG D 173 -10.86 -10.72 -13.96
N ARG D 174 -9.98 -11.71 -13.82
CA ARG D 174 -8.89 -11.64 -12.87
C ARG D 174 -7.85 -10.60 -13.23
N VAL D 175 -7.57 -10.39 -14.52
CA VAL D 175 -6.66 -9.31 -14.90
C VAL D 175 -7.25 -7.96 -14.51
N VAL D 176 -8.55 -7.76 -14.78
CA VAL D 176 -9.20 -6.52 -14.39
C VAL D 176 -9.15 -6.33 -12.88
N GLU D 177 -9.42 -7.40 -12.13
CA GLU D 177 -9.33 -7.32 -10.67
C GLU D 177 -7.92 -7.04 -10.18
N LEU D 178 -6.90 -7.55 -10.86
CA LEU D 178 -5.52 -7.23 -10.46
C LEU D 178 -5.22 -5.75 -10.64
N VAL D 179 -5.65 -5.18 -11.77
CA VAL D 179 -5.43 -3.74 -11.96
C VAL D 179 -6.20 -2.93 -10.91
N LEU D 180 -7.44 -3.31 -10.61
CA LEU D 180 -8.19 -2.62 -9.57
C LEU D 180 -7.56 -2.77 -8.19
N ALA D 181 -6.99 -3.93 -7.88
CA ALA D 181 -6.28 -4.11 -6.62
C ALA D 181 -5.02 -3.27 -6.56
N ALA D 182 -4.33 -3.09 -7.69
CA ALA D 182 -3.21 -2.16 -7.72
C ALA D 182 -3.65 -0.74 -7.40
N ALA D 183 -4.79 -0.32 -7.98
CA ALA D 183 -5.34 0.99 -7.65
C ALA D 183 -5.69 1.10 -6.17
N ARG D 184 -6.28 0.05 -5.60
CA ARG D 184 -6.60 0.04 -4.17
C ARG D 184 -5.34 0.12 -3.31
N LEU D 185 -4.29 -0.58 -3.69
CA LEU D 185 -3.02 -0.48 -2.97
C LEU D 185 -2.45 0.92 -3.04
N LEU D 186 -2.58 1.59 -4.19
CA LEU D 186 -2.19 2.99 -4.27
C LEU D 186 -3.02 3.83 -3.31
N ALA D 187 -4.32 3.57 -3.24
CA ALA D 187 -5.19 4.33 -2.34
C ALA D 187 -4.84 4.09 -0.87
N LEU D 188 -4.35 2.90 -0.52
CA LEU D 188 -4.07 2.58 0.87
C LEU D 188 -2.86 3.34 1.41
N GLY D 189 -1.99 3.84 0.54
CA GLY D 189 -0.80 4.56 0.96
C GLY D 189 0.51 3.91 0.60
N VAL D 190 0.51 2.78 -0.10
CA VAL D 190 1.76 2.16 -0.55
C VAL D 190 2.39 3.03 -1.63
N PRO D 191 3.70 3.26 -1.60
CA PRO D 191 4.35 4.05 -2.65
C PRO D 191 4.18 3.42 -4.01
N PRO D 192 4.13 4.21 -5.08
CA PRO D 192 3.90 3.65 -6.41
C PRO D 192 4.94 2.62 -6.84
N HIS D 193 6.19 2.76 -6.40
CA HIS D 193 7.23 1.82 -6.80
C HIS D 193 6.97 0.43 -6.24
N ALA D 194 6.60 0.35 -4.96
CA ALA D 194 6.30 -0.94 -4.36
C ALA D 194 5.09 -1.60 -5.01
N VAL D 195 4.05 -0.81 -5.30
CA VAL D 195 2.87 -1.33 -5.97
C VAL D 195 3.24 -1.88 -7.34
N ALA D 196 4.05 -1.13 -8.10
CA ALA D 196 4.46 -1.57 -9.42
C ALA D 196 5.25 -2.87 -9.33
N ASP D 197 6.18 -2.97 -8.37
CA ASP D 197 6.96 -4.19 -8.23
C ASP D 197 6.09 -5.39 -7.89
N ALA D 198 5.18 -5.23 -6.93
CA ALA D 198 4.34 -6.36 -6.51
C ALA D 198 3.41 -6.81 -7.63
N VAL D 199 2.74 -5.88 -8.30
CA VAL D 199 1.84 -6.28 -9.37
C VAL D 199 2.60 -6.79 -10.58
N SER D 200 3.83 -6.34 -10.81
CA SER D 200 4.65 -6.91 -11.87
C SER D 200 5.01 -8.37 -11.56
N LEU D 201 5.35 -8.66 -10.30
CA LEU D 201 5.55 -10.05 -9.90
C LEU D 201 4.30 -10.88 -10.15
N THR D 202 3.13 -10.33 -9.79
CA THR D 202 1.89 -11.06 -9.99
C THR D 202 1.63 -11.32 -11.47
N PHE D 203 1.89 -10.32 -12.33
CA PHE D 203 1.71 -10.51 -13.77
C PHE D 203 2.67 -11.56 -14.33
N ARG D 204 3.93 -11.53 -13.88
CA ARG D 204 4.89 -12.53 -14.33
C ARG D 204 4.44 -13.94 -13.95
N ARG D 205 3.90 -14.10 -12.75
CA ARG D 205 3.38 -15.42 -12.39
C ARG D 205 2.12 -15.78 -13.14
N MET D 206 1.25 -14.81 -13.43
CA MET D 206 0.05 -15.10 -14.20
C MET D 206 0.40 -15.52 -15.62
N LEU D 207 1.56 -15.10 -16.12
CA LEU D 207 1.98 -15.52 -17.46
C LEU D 207 2.02 -17.04 -17.59
N THR D 208 2.49 -17.74 -16.56
CA THR D 208 2.63 -19.19 -16.64
C THR D 208 1.48 -19.91 -15.94
N ASP D 209 1.29 -19.63 -14.64
CA ASP D 209 0.32 -20.34 -13.82
C ASP D 209 -1.06 -19.71 -13.97
N PRO D 210 -2.07 -20.48 -14.40
CA PRO D 210 -3.39 -19.90 -14.68
C PRO D 210 -4.12 -19.33 -13.46
N ASP D 211 -3.91 -19.91 -12.28
CA ASP D 211 -4.56 -19.40 -11.08
C ASP D 211 -3.62 -18.52 -10.27
N ALA D 212 -2.74 -17.81 -10.94
CA ALA D 212 -1.82 -16.89 -10.27
C ALA D 212 -2.40 -15.49 -10.21
N ASN E 25 11.91 -6.86 -12.83
CA ASN E 25 11.89 -6.54 -14.25
C ASN E 25 13.23 -5.93 -14.66
N PRO E 26 13.73 -6.27 -15.86
CA PRO E 26 15.06 -5.80 -16.28
C PRO E 26 15.25 -4.30 -16.15
N GLU E 27 14.22 -3.51 -16.50
CA GLU E 27 14.31 -2.06 -16.33
C GLU E 27 14.32 -1.67 -14.85
N ASP E 28 13.50 -2.34 -14.03
CA ASP E 28 13.49 -2.05 -12.61
C ASP E 28 14.83 -2.41 -11.96
N VAL E 29 15.37 -3.58 -12.30
CA VAL E 29 16.68 -3.96 -11.80
C VAL E 29 17.74 -2.97 -12.28
N ALA E 30 17.60 -2.48 -13.53
CA ALA E 30 18.55 -1.50 -14.03
C ALA E 30 18.51 -0.21 -13.22
N GLU E 31 17.31 0.27 -12.89
CA GLU E 31 17.19 1.49 -12.10
C GLU E 31 17.76 1.31 -10.70
N HIS E 32 17.43 0.18 -10.06
CA HIS E 32 18.00 -0.12 -8.75
C HIS E 32 19.51 -0.19 -8.82
N LEU E 33 20.04 -0.71 -9.94
CA LEU E 33 21.48 -0.81 -10.10
C LEU E 33 22.14 0.55 -10.33
N GLN E 34 21.46 1.47 -11.00
CA GLN E 34 21.98 2.83 -11.08
C GLN E 34 22.07 3.46 -9.69
N GLU E 35 21.03 3.28 -8.87
CA GLU E 35 21.10 3.81 -7.51
C GLU E 35 22.24 3.19 -6.71
N ARG E 36 22.36 1.87 -6.74
CA ARG E 36 23.45 1.19 -6.05
C ARG E 36 24.80 1.56 -6.64
N LEU E 37 24.85 1.93 -7.92
CA LEU E 37 26.10 2.32 -8.55
C LEU E 37 26.54 3.70 -8.08
N GLU E 38 25.59 4.62 -7.91
CA GLU E 38 25.92 5.90 -7.30
C GLU E 38 26.44 5.69 -5.87
N LYS E 39 25.78 4.82 -5.11
CA LYS E 39 26.27 4.52 -3.76
C LYS E 39 27.67 3.91 -3.80
N ALA E 40 27.91 3.02 -4.76
CA ALA E 40 29.22 2.40 -4.89
C ALA E 40 30.29 3.41 -5.26
N ARG E 41 29.95 4.37 -6.12
CA ARG E 41 30.90 5.45 -6.43
C ARG E 41 31.25 6.23 -5.17
N HIS E 42 30.24 6.56 -4.36
CA HIS E 42 30.51 7.25 -3.11
C HIS E 42 31.44 6.44 -2.21
N LEU E 43 31.16 5.14 -2.07
CA LEU E 43 31.97 4.29 -1.21
C LEU E 43 33.40 4.18 -1.73
N LEU E 44 33.58 4.02 -3.04
CA LEU E 44 34.91 3.92 -3.61
C LEU E 44 35.69 5.21 -3.44
N LEU E 45 35.02 6.36 -3.61
CA LEU E 45 35.69 7.63 -3.37
C LEU E 45 36.10 7.77 -1.90
N ASP E 46 35.25 7.30 -0.99
CA ASP E 46 35.59 7.34 0.43
C ASP E 46 36.76 6.42 0.75
N ALA E 47 36.87 5.29 0.04
CA ALA E 47 37.92 4.32 0.35
C ALA E 47 39.31 4.87 0.07
N GLY E 48 39.49 5.59 -1.04
CA GLY E 48 40.78 6.15 -1.36
C GLY E 48 41.19 6.00 -2.81
N LEU E 49 40.30 5.44 -3.64
CA LEU E 49 40.60 5.30 -5.05
C LEU E 49 40.68 6.68 -5.71
N PRO E 50 41.49 6.83 -6.76
CA PRO E 50 41.50 8.10 -7.49
C PRO E 50 40.15 8.42 -8.08
N GLU E 51 39.84 9.72 -8.16
CA GLU E 51 38.54 10.15 -8.66
C GLU E 51 38.35 9.77 -10.13
N GLU E 52 39.42 9.87 -10.93
CA GLU E 52 39.29 9.65 -12.37
C GLU E 52 38.87 8.22 -12.68
N VAL E 53 39.49 7.23 -12.04
CA VAL E 53 39.18 5.84 -12.33
C VAL E 53 37.74 5.51 -11.94
N VAL E 54 37.33 5.96 -10.75
CA VAL E 54 35.97 5.72 -10.30
C VAL E 54 34.97 6.36 -11.24
N ARG E 55 35.23 7.61 -11.63
CA ARG E 55 34.33 8.30 -12.55
C ARG E 55 34.23 7.57 -13.88
N ARG E 56 35.37 7.15 -14.43
CA ARG E 56 35.38 6.44 -15.71
C ARG E 56 34.56 5.16 -15.63
N ALA E 57 34.84 4.32 -14.63
CA ALA E 57 34.16 3.05 -14.52
C ALA E 57 32.67 3.24 -14.29
N THR E 58 32.30 4.17 -13.41
CA THR E 58 30.90 4.39 -13.10
C THR E 58 30.13 4.93 -14.30
N GLU E 59 30.73 5.88 -15.03
CA GLU E 59 30.07 6.41 -16.22
C GLU E 59 29.91 5.32 -17.28
N THR E 60 30.94 4.50 -17.47
CA THR E 60 30.83 3.41 -18.45
C THR E 60 29.71 2.46 -18.09
N PHE E 61 29.64 2.06 -16.82
CA PHE E 61 28.60 1.12 -16.41
C PHE E 61 27.21 1.73 -16.48
N LEU E 62 27.08 3.01 -16.10
CA LEU E 62 25.79 3.69 -16.19
C LEU E 62 25.33 3.78 -17.65
N GLN E 63 26.25 4.11 -18.55
CA GLN E 63 25.88 4.18 -19.97
C GLN E 63 25.47 2.81 -20.48
N ALA E 64 26.20 1.77 -20.08
CA ALA E 64 25.84 0.41 -20.50
C ALA E 64 24.45 0.04 -20.00
N LEU E 65 24.13 0.40 -18.76
CA LEU E 65 22.80 0.14 -18.23
C LEU E 65 21.72 0.92 -18.98
N LYS E 66 22.00 2.18 -19.30
CA LYS E 66 21.00 3.02 -19.96
C LYS E 66 20.71 2.52 -21.38
N ASP E 67 21.76 2.15 -22.12
CA ASP E 67 21.57 1.75 -23.51
C ASP E 67 20.80 0.43 -23.60
N ASP E 68 21.21 -0.57 -22.83
CA ASP E 68 20.59 -1.90 -22.86
C ASP E 68 20.28 -2.34 -21.43
N PRO E 69 19.17 -1.86 -20.87
CA PRO E 69 18.82 -2.28 -19.50
C PRO E 69 18.61 -3.78 -19.35
N SER E 70 18.13 -4.45 -20.40
CA SER E 70 17.84 -5.88 -20.31
C SER E 70 19.09 -6.75 -20.33
N ASP E 71 20.26 -6.16 -20.59
CA ASP E 71 21.49 -6.94 -20.67
C ASP E 71 21.82 -7.56 -19.32
N ARG E 72 22.00 -8.89 -19.32
CA ARG E 72 22.28 -9.59 -18.07
C ARG E 72 23.72 -9.39 -17.62
N ALA E 73 24.66 -9.37 -18.57
CA ALA E 73 26.07 -9.26 -18.23
C ALA E 73 26.37 -7.92 -17.55
N VAL E 74 25.76 -6.84 -18.05
CA VAL E 74 25.96 -5.53 -17.45
C VAL E 74 25.42 -5.50 -16.03
N GLN E 75 24.25 -6.12 -15.81
CA GLN E 75 23.67 -6.17 -14.48
C GLN E 75 24.56 -6.94 -13.52
N ASP E 76 25.09 -8.09 -13.97
CA ASP E 76 25.99 -8.86 -13.12
C ASP E 76 27.26 -8.08 -12.81
N ALA E 77 27.80 -7.38 -13.80
CA ALA E 77 29.00 -6.57 -13.58
C ALA E 77 28.74 -5.45 -12.59
N VAL E 78 27.57 -4.81 -12.68
CA VAL E 78 27.25 -3.73 -11.74
C VAL E 78 27.08 -4.29 -10.33
N GLU E 79 26.46 -5.46 -10.20
CA GLU E 79 26.35 -6.09 -8.90
C GLU E 79 27.73 -6.39 -8.32
N LEU E 80 28.63 -6.90 -9.15
CA LEU E 80 29.98 -7.18 -8.69
C LEU E 80 30.72 -5.90 -8.31
N VAL E 81 30.45 -4.80 -9.03
CA VAL E 81 31.08 -3.52 -8.73
C VAL E 81 30.62 -3.00 -7.37
N VAL E 82 29.31 -3.10 -7.08
CA VAL E 82 28.81 -2.68 -5.78
C VAL E 82 29.41 -3.55 -4.67
N GLY E 83 29.46 -4.87 -4.91
CA GLY E 83 30.08 -5.75 -3.95
C GLY E 83 31.53 -5.40 -3.68
N LEU E 84 32.29 -5.08 -4.72
CA LEU E 84 33.68 -4.69 -4.56
C LEU E 84 33.81 -3.36 -3.82
N ALA E 85 32.90 -2.41 -4.09
CA ALA E 85 32.94 -1.14 -3.40
C ALA E 85 32.75 -1.32 -1.90
N GLU E 86 31.82 -2.20 -1.51
CA GLU E 86 31.66 -2.50 -0.09
C GLU E 86 32.86 -3.27 0.45
N ALA E 87 33.38 -4.21 -0.33
CA ALA E 87 34.45 -5.09 0.12
C ALA E 87 35.73 -4.33 0.38
N ALA E 88 36.03 -3.32 -0.44
CA ALA E 88 37.25 -2.53 -0.23
C ALA E 88 37.21 -1.83 1.12
N GLY E 89 36.08 -1.21 1.44
CA GLY E 89 35.94 -0.56 2.73
C GLY E 89 36.03 -1.54 3.89
N LEU E 90 35.36 -2.70 3.76
CA LEU E 90 35.43 -3.69 4.82
C LEU E 90 36.85 -4.18 5.04
N LEU E 91 37.58 -4.43 3.95
CA LEU E 91 38.94 -4.95 4.08
C LEU E 91 39.89 -3.90 4.64
N ILE E 92 39.70 -2.62 4.27
CA ILE E 92 40.55 -1.57 4.82
C ILE E 92 40.26 -1.38 6.31
N ASP E 93 38.98 -1.42 6.71
CA ASP E 93 38.66 -1.32 8.12
C ASP E 93 39.16 -2.52 8.90
N ALA E 94 39.22 -3.69 8.26
CA ALA E 94 39.66 -4.89 8.94
C ALA E 94 41.10 -4.78 9.41
N GLY E 95 41.96 -4.15 8.61
CA GLY E 95 43.35 -3.99 8.99
C GLY E 95 44.31 -4.18 7.83
N ILE E 96 43.85 -4.78 6.75
CA ILE E 96 44.67 -4.98 5.55
C ILE E 96 45.05 -3.63 4.98
N PRO E 97 46.33 -3.38 4.67
CA PRO E 97 46.73 -2.05 4.21
C PRO E 97 46.08 -1.68 2.89
N ALA E 98 45.92 -0.38 2.68
CA ALA E 98 45.33 0.15 1.45
C ALA E 98 46.31 0.10 0.28
N SER E 99 47.55 -0.31 0.51
CA SER E 99 48.52 -0.47 -0.58
C SER E 99 48.34 -1.78 -1.34
N VAL E 100 47.57 -2.72 -0.81
CA VAL E 100 47.27 -3.97 -1.50
C VAL E 100 45.81 -4.09 -1.91
N VAL E 101 44.90 -3.40 -1.23
CA VAL E 101 43.48 -3.46 -1.57
C VAL E 101 43.15 -2.52 -2.73
N LEU E 102 43.59 -1.26 -2.63
CA LEU E 102 43.24 -0.28 -3.65
C LEU E 102 43.75 -0.63 -5.04
N PRO E 103 45.01 -1.04 -5.25
CA PRO E 103 45.40 -1.47 -6.60
C PRO E 103 44.59 -2.64 -7.12
N LEU E 104 44.29 -3.62 -6.27
CA LEU E 104 43.51 -4.77 -6.70
C LEU E 104 42.09 -4.37 -7.11
N VAL E 105 41.44 -3.53 -6.31
CA VAL E 105 40.10 -3.08 -6.64
C VAL E 105 40.12 -2.21 -7.90
N GLU E 106 41.17 -1.40 -8.07
CA GLU E 106 41.29 -0.60 -9.29
C GLU E 106 41.39 -1.49 -10.52
N ARG E 107 42.25 -2.52 -10.46
CA ARG E 107 42.40 -3.43 -11.59
C ARG E 107 41.11 -4.17 -11.87
N LEU E 108 40.42 -4.64 -10.83
CA LEU E 108 39.16 -5.34 -11.03
C LEU E 108 38.10 -4.43 -11.65
N LEU E 109 38.03 -3.18 -11.18
CA LEU E 109 37.07 -2.24 -11.73
C LEU E 109 37.35 -1.96 -13.20
N LEU E 110 38.62 -1.76 -13.55
CA LEU E 110 38.97 -1.51 -14.94
C LEU E 110 38.66 -2.73 -15.81
N GLY E 111 38.97 -3.92 -15.32
CA GLY E 111 38.67 -5.12 -16.08
C GLY E 111 37.19 -5.33 -16.30
N LEU E 112 36.39 -5.07 -15.27
CA LEU E 112 34.94 -5.18 -15.42
C LEU E 112 34.40 -4.12 -16.38
N ALA E 113 34.94 -2.91 -16.33
CA ALA E 113 34.48 -1.85 -17.22
C ALA E 113 34.80 -2.18 -18.68
N ASP E 114 36.00 -2.69 -18.93
CA ASP E 114 36.41 -3.02 -20.29
C ASP E 114 35.54 -4.14 -20.88
N ASP E 115 35.59 -5.32 -20.28
CA ASP E 115 34.80 -6.45 -20.73
C ASP E 115 33.90 -6.93 -19.59
N PRO E 116 32.62 -6.56 -19.58
CA PRO E 116 31.74 -6.96 -18.48
C PRO E 116 31.42 -8.45 -18.45
N SER E 117 31.92 -9.19 -19.43
CA SER E 117 31.63 -10.61 -19.55
C SER E 117 32.92 -11.42 -19.67
N ASP E 118 33.98 -10.97 -18.99
CA ASP E 118 35.23 -11.72 -18.94
C ASP E 118 35.18 -12.61 -17.70
N HIS E 119 35.13 -13.92 -17.94
CA HIS E 119 34.80 -14.87 -16.87
C HIS E 119 35.83 -14.82 -15.74
N ARG E 120 37.11 -14.74 -16.08
CA ARG E 120 38.15 -14.76 -15.06
C ARG E 120 38.08 -13.52 -14.17
N VAL E 121 37.79 -12.37 -14.76
CA VAL E 121 37.69 -11.14 -13.98
C VAL E 121 36.53 -11.22 -13.00
N ARG E 122 35.38 -11.73 -13.45
CA ARG E 122 34.24 -11.91 -12.54
C ARG E 122 34.57 -12.91 -11.44
N ASP E 123 35.28 -14.00 -11.78
CA ASP E 123 35.67 -14.96 -10.76
C ASP E 123 36.56 -14.32 -9.71
N LEU E 124 37.51 -13.50 -10.14
CA LEU E 124 38.38 -12.81 -9.18
C LEU E 124 37.59 -11.82 -8.33
N ALA E 125 36.63 -11.12 -8.93
CA ALA E 125 35.83 -10.17 -8.17
C ALA E 125 34.99 -10.87 -7.10
N GLU E 126 34.36 -12.00 -7.46
CA GLU E 126 33.65 -12.76 -6.45
C GLU E 126 34.58 -13.35 -5.40
N LEU E 127 35.81 -13.72 -5.78
CA LEU E 127 36.78 -14.15 -4.79
C LEU E 127 37.11 -13.06 -3.78
N VAL E 128 37.33 -11.84 -4.24
CA VAL E 128 37.59 -10.73 -3.33
C VAL E 128 36.38 -10.40 -2.45
N VAL E 129 35.17 -10.41 -3.03
CA VAL E 129 33.98 -10.16 -2.23
C VAL E 129 33.79 -11.24 -1.17
N GLY E 130 33.99 -12.51 -1.54
CA GLY E 130 33.95 -13.59 -0.57
C GLY E 130 35.02 -13.50 0.50
N LEU E 131 36.23 -13.07 0.14
CA LEU E 131 37.25 -12.83 1.15
C LEU E 131 36.85 -11.75 2.14
N ALA E 132 36.26 -10.66 1.66
CA ALA E 132 35.78 -9.62 2.56
C ALA E 132 34.67 -10.13 3.47
N GLU E 133 33.73 -10.90 2.91
CA GLU E 133 32.66 -11.48 3.74
C GLU E 133 33.22 -12.44 4.78
N ALA E 134 34.20 -13.26 4.39
CA ALA E 134 34.83 -14.17 5.34
C ALA E 134 35.57 -13.42 6.44
N ALA E 135 36.25 -12.33 6.09
CA ALA E 135 36.90 -11.51 7.10
C ALA E 135 35.90 -10.86 8.05
N MET E 136 34.75 -10.43 7.53
CA MET E 136 33.69 -9.88 8.36
C MET E 136 33.06 -10.92 9.27
N LEU E 137 32.89 -12.16 8.80
CA LEU E 137 32.28 -13.21 9.60
C LEU E 137 33.24 -13.84 10.59
N ALA E 138 34.54 -13.81 10.33
CA ALA E 138 35.51 -14.37 11.28
C ALA E 138 35.53 -13.56 12.58
N ARG E 139 35.26 -12.26 12.50
CA ARG E 139 35.16 -11.45 13.71
C ARG E 139 33.95 -11.84 14.54
N ALA E 140 32.81 -12.08 13.88
CA ALA E 140 31.60 -12.49 14.60
C ALA E 140 31.80 -13.85 15.26
N VAL E 141 32.47 -14.77 14.56
CA VAL E 141 32.84 -16.06 15.14
C VAL E 141 33.83 -15.91 16.29
N ASN E 142 34.32 -14.68 16.52
CA ASN E 142 35.23 -14.33 17.59
C ASN E 142 36.62 -14.93 17.37
N ILE E 143 37.14 -14.77 16.17
CA ILE E 143 38.52 -15.13 15.83
C ILE E 143 39.37 -13.87 15.97
N PRO E 144 40.50 -13.92 16.66
CA PRO E 144 41.32 -12.71 16.83
C PRO E 144 41.80 -12.17 15.49
N SER E 145 41.96 -10.85 15.43
CA SER E 145 42.42 -10.21 14.21
C SER E 145 43.84 -10.60 13.84
N ALA E 146 44.70 -10.86 14.82
CA ALA E 146 46.11 -11.12 14.58
C ALA E 146 46.38 -12.46 13.92
N VAL E 147 45.39 -13.35 13.82
CA VAL E 147 45.61 -14.65 13.20
C VAL E 147 45.01 -14.67 11.79
N TYR E 148 43.91 -13.95 11.59
CA TYR E 148 43.24 -13.99 10.29
C TYR E 148 43.61 -12.84 9.37
N VAL E 149 43.99 -11.69 9.90
CA VAL E 149 44.41 -10.57 9.05
C VAL E 149 45.67 -10.92 8.27
N PRO E 150 46.71 -11.52 8.88
CA PRO E 150 47.88 -11.91 8.07
C PRO E 150 47.57 -12.85 6.92
N VAL E 151 46.66 -13.80 7.11
CA VAL E 151 46.34 -14.75 6.05
C VAL E 151 45.63 -14.05 4.89
N VAL E 152 44.67 -13.18 5.19
CA VAL E 152 43.99 -12.44 4.14
C VAL E 152 44.96 -11.50 3.44
N GLU E 153 45.89 -10.90 4.19
CA GLU E 153 46.91 -10.06 3.58
C GLU E 153 47.78 -10.85 2.61
N LYS E 154 48.20 -12.04 3.01
CA LYS E 154 49.02 -12.87 2.14
C LYS E 154 48.25 -13.27 0.88
N VAL E 155 46.99 -13.65 1.04
CA VAL E 155 46.18 -14.06 -0.11
C VAL E 155 45.99 -12.90 -1.07
N LEU E 156 45.68 -11.71 -0.54
CA LEU E 156 45.49 -10.55 -1.41
C LEU E 156 46.78 -10.12 -2.08
N ARG E 157 47.92 -10.22 -1.39
CA ARG E 157 49.20 -9.91 -2.02
C ARG E 157 49.50 -10.88 -3.16
N ALA E 158 49.26 -12.17 -2.94
CA ALA E 158 49.47 -13.16 -3.99
C ALA E 158 48.55 -12.90 -5.17
N LEU E 159 47.29 -12.53 -4.92
CA LEU E 159 46.37 -12.20 -5.99
C LEU E 159 46.79 -10.95 -6.75
N LEU E 160 47.31 -9.94 -6.05
CA LEU E 160 47.78 -8.73 -6.71
C LEU E 160 49.03 -9.00 -7.55
N ALA E 161 49.88 -9.92 -7.09
CA ALA E 161 51.09 -10.25 -7.84
C ALA E 161 50.74 -10.80 -9.22
N ASP E 162 50.04 -11.92 -9.27
CA ASP E 162 49.62 -12.55 -10.52
C ASP E 162 48.15 -12.90 -10.44
N PRO E 163 47.28 -12.20 -11.17
CA PRO E 163 45.84 -12.49 -11.10
C PRO E 163 45.48 -13.91 -11.53
N GLU E 164 46.22 -14.49 -12.47
CA GLU E 164 45.90 -15.80 -13.02
C GLU E 164 46.54 -16.94 -12.23
N ASN E 165 47.20 -16.63 -11.12
CA ASN E 165 47.80 -17.67 -10.29
C ASN E 165 46.71 -18.52 -9.66
N GLU E 166 46.71 -19.82 -9.97
CA GLU E 166 45.70 -20.71 -9.42
C GLU E 166 45.87 -20.96 -7.93
N ARG E 167 47.10 -20.93 -7.42
CA ARG E 167 47.33 -21.19 -6.01
C ARG E 167 46.72 -20.10 -5.14
N ALA E 168 46.83 -18.84 -5.57
CA ALA E 168 46.23 -17.75 -4.79
C ALA E 168 44.72 -17.84 -4.76
N ARG E 169 44.11 -18.18 -5.91
CA ARG E 169 42.65 -18.37 -5.94
C ARG E 169 42.24 -19.52 -5.05
N ARG E 170 42.99 -20.62 -5.08
CA ARG E 170 42.71 -21.75 -4.20
C ARG E 170 42.82 -21.35 -2.73
N ALA E 171 43.82 -20.53 -2.39
CA ALA E 171 43.99 -20.09 -1.01
C ALA E 171 42.82 -19.21 -0.57
N ALA E 172 42.37 -18.31 -1.44
CA ALA E 172 41.22 -17.48 -1.11
C ALA E 172 39.97 -18.33 -0.88
N ARG E 173 39.72 -19.28 -1.79
CA ARG E 173 38.58 -20.17 -1.62
C ARG E 173 38.68 -21.00 -0.35
N ARG E 174 39.88 -21.44 0.01
CA ARG E 174 40.07 -22.19 1.24
C ARG E 174 39.85 -21.35 2.48
N VAL E 175 40.24 -20.06 2.46
CA VAL E 175 39.93 -19.19 3.60
C VAL E 175 38.43 -19.04 3.76
N VAL E 176 37.72 -18.83 2.65
CA VAL E 176 36.26 -18.73 2.72
C VAL E 176 35.65 -20.01 3.27
N GLU E 177 36.13 -21.16 2.78
CA GLU E 177 35.64 -22.45 3.29
C GLU E 177 35.96 -22.65 4.77
N LEU E 178 37.10 -22.15 5.25
CA LEU E 178 37.41 -22.25 6.67
C LEU E 178 36.43 -21.45 7.51
N VAL E 179 36.11 -20.24 7.08
CA VAL E 179 35.14 -19.45 7.84
C VAL E 179 33.76 -20.13 7.82
N LEU E 180 33.35 -20.66 6.66
CA LEU E 180 32.09 -21.38 6.61
C LEU E 180 32.09 -22.64 7.45
N ALA E 181 33.22 -23.34 7.55
CA ALA E 181 33.31 -24.50 8.44
C ALA E 181 33.23 -24.09 9.90
N ALA E 182 33.78 -22.92 10.25
CA ALA E 182 33.60 -22.41 11.60
C ALA E 182 32.12 -22.16 11.90
N ALA E 183 31.42 -21.57 10.94
CA ALA E 183 29.97 -21.38 11.12
C ALA E 183 29.25 -22.72 11.27
N ARG E 184 29.63 -23.72 10.47
CA ARG E 184 29.03 -25.04 10.59
C ARG E 184 29.29 -25.69 11.94
N LEU E 185 30.51 -25.54 12.46
CA LEU E 185 30.83 -26.05 13.78
C LEU E 185 30.01 -25.35 14.87
N LEU E 186 29.79 -24.04 14.72
CA LEU E 186 28.89 -23.35 15.63
C LEU E 186 27.48 -23.94 15.55
N ALA E 187 27.02 -24.23 14.34
CA ALA E 187 25.68 -24.80 14.17
C ALA E 187 25.58 -26.20 14.75
N LEU E 188 26.67 -26.97 14.76
CA LEU E 188 26.63 -28.34 15.25
C LEU E 188 26.47 -28.42 16.77
N GLY E 189 26.74 -27.34 17.50
CA GLY E 189 26.62 -27.34 18.95
C GLY E 189 27.91 -27.16 19.70
N VAL E 190 29.04 -26.98 19.02
CA VAL E 190 30.31 -26.73 19.72
C VAL E 190 30.28 -25.35 20.35
N PRO E 191 30.74 -25.17 21.59
CA PRO E 191 30.75 -23.85 22.21
C PRO E 191 31.61 -22.88 21.43
N PRO E 192 31.27 -21.59 21.43
CA PRO E 192 32.02 -20.61 20.62
C PRO E 192 33.50 -20.54 20.95
N HIS E 193 33.88 -20.73 22.21
CA HIS E 193 35.30 -20.65 22.57
C HIS E 193 36.11 -21.77 21.92
N ALA E 194 35.58 -22.99 21.92
CA ALA E 194 36.27 -24.11 21.29
C ALA E 194 36.40 -23.91 19.79
N VAL E 195 35.34 -23.41 19.15
CA VAL E 195 35.39 -23.13 17.72
C VAL E 195 36.46 -22.07 17.44
N ALA E 196 36.48 -21.01 18.24
CA ALA E 196 37.48 -19.96 18.03
C ALA E 196 38.89 -20.51 18.18
N ASP E 197 39.12 -21.34 19.20
CA ASP E 197 40.45 -21.91 19.40
C ASP E 197 40.87 -22.79 18.23
N ALA E 198 39.98 -23.69 17.79
CA ALA E 198 40.35 -24.60 16.71
C ALA E 198 40.60 -23.87 15.41
N VAL E 199 39.72 -22.93 15.04
CA VAL E 199 39.92 -22.21 13.80
C VAL E 199 41.10 -21.25 13.90
N SER E 200 41.42 -20.73 15.09
CA SER E 200 42.64 -19.95 15.24
C SER E 200 43.89 -20.78 15.03
N LEU E 201 43.89 -22.03 15.53
CA LEU E 201 45.00 -22.93 15.24
C LEU E 201 45.11 -23.19 13.74
N THR E 202 43.98 -23.40 13.07
CA THR E 202 44.00 -23.63 11.63
C THR E 202 44.55 -22.42 10.88
N PHE E 203 44.15 -21.21 11.28
CA PHE E 203 44.68 -20.00 10.66
C PHE E 203 46.16 -19.85 10.90
N ARG E 204 46.63 -20.14 12.12
CA ARG E 204 48.06 -20.07 12.41
C ARG E 204 48.85 -21.00 11.52
N ARG E 205 48.35 -22.22 11.32
CA ARG E 205 49.06 -23.14 10.42
C ARG E 205 48.95 -22.70 8.96
N MET E 206 47.80 -22.15 8.55
CA MET E 206 47.67 -21.68 7.18
C MET E 206 48.61 -20.52 6.89
N LEU E 207 49.01 -19.78 7.92
CA LEU E 207 49.98 -18.70 7.73
C LEU E 207 51.28 -19.22 7.13
N THR E 208 51.76 -20.38 7.57
CA THR E 208 53.04 -20.88 7.12
C THR E 208 52.89 -21.88 5.97
N ASP E 209 52.12 -22.94 6.18
CA ASP E 209 52.02 -24.01 5.21
C ASP E 209 50.85 -23.76 4.25
N PRO E 210 51.05 -23.95 2.94
CA PRO E 210 50.00 -23.64 1.97
C PRO E 210 48.74 -24.51 2.07
N ASP E 211 48.91 -25.83 2.20
CA ASP E 211 47.77 -26.73 2.28
C ASP E 211 47.33 -26.97 3.72
N ALA E 212 47.28 -25.91 4.51
CA ALA E 212 46.87 -26.01 5.91
C ALA E 212 45.50 -25.40 6.12
N ASN F 25 -28.85 23.58 -38.08
CA ASN F 25 -29.10 23.69 -39.51
C ASN F 25 -27.82 24.10 -40.23
N PRO F 26 -27.54 23.52 -41.40
CA PRO F 26 -26.25 23.74 -42.07
C PRO F 26 -25.90 25.20 -42.27
N GLU F 27 -26.89 26.05 -42.59
CA GLU F 27 -26.61 27.47 -42.74
C GLU F 27 -26.30 28.13 -41.40
N ASP F 28 -27.02 27.74 -40.35
CA ASP F 28 -26.71 28.27 -39.02
C ASP F 28 -25.33 27.82 -38.56
N VAL F 29 -24.99 26.55 -38.80
CA VAL F 29 -23.65 26.08 -38.48
C VAL F 29 -22.61 26.84 -39.29
N ALA F 30 -22.92 27.16 -40.55
CA ALA F 30 -22.00 27.95 -41.36
C ALA F 30 -21.76 29.33 -40.77
N GLU F 31 -22.83 29.99 -40.31
CA GLU F 31 -22.68 31.31 -39.69
C GLU F 31 -21.85 31.23 -38.41
N HIS F 32 -22.17 30.25 -37.55
CA HIS F 32 -21.42 30.09 -36.32
C HIS F 32 -19.95 29.80 -36.61
N LEU F 33 -19.69 28.97 -37.62
CA LEU F 33 -18.32 28.64 -37.97
C LEU F 33 -17.59 29.82 -38.58
N GLN F 34 -18.31 30.72 -39.28
CA GLN F 34 -17.68 31.94 -39.74
C GLN F 34 -17.24 32.82 -38.58
N GLU F 35 -18.10 32.96 -37.57
CA GLU F 35 -17.71 33.73 -36.39
C GLU F 35 -16.52 33.09 -35.67
N ARG F 36 -16.56 31.77 -35.49
CA ARG F 36 -15.45 31.07 -34.85
C ARG F 36 -14.20 31.15 -35.70
N LEU F 37 -14.34 31.25 -37.02
CA LEU F 37 -13.17 31.38 -37.89
C LEU F 37 -12.52 32.75 -37.74
N GLU F 38 -13.33 33.79 -37.59
CA GLU F 38 -12.76 35.10 -37.28
C GLU F 38 -12.03 35.08 -35.94
N LYS F 39 -12.64 34.45 -34.94
CA LYS F 39 -11.98 34.32 -33.64
C LYS F 39 -10.67 33.53 -33.76
N ALA F 40 -10.68 32.46 -34.57
CA ALA F 40 -9.49 31.65 -34.77
C ALA F 40 -8.40 32.43 -35.48
N ARG F 41 -8.77 33.27 -36.45
CA ARG F 41 -7.80 34.13 -37.09
C ARG F 41 -7.15 35.06 -36.08
N HIS F 42 -7.95 35.65 -35.19
CA HIS F 42 -7.39 36.51 -34.16
C HIS F 42 -6.43 35.74 -33.25
N LEU F 43 -6.83 34.55 -32.83
CA LEU F 43 -5.97 33.75 -31.95
C LEU F 43 -4.66 33.37 -32.64
N LEU F 44 -4.74 32.96 -33.90
CA LEU F 44 -3.53 32.58 -34.63
C LEU F 44 -2.61 33.78 -34.83
N LEU F 45 -3.18 34.95 -35.13
CA LEU F 45 -2.36 36.15 -35.25
C LEU F 45 -1.68 36.49 -33.93
N ASP F 46 -2.40 36.35 -32.81
CA ASP F 46 -1.79 36.61 -31.51
C ASP F 46 -0.73 35.58 -31.16
N ALA F 47 -0.87 34.36 -31.66
CA ALA F 47 0.08 33.31 -31.32
C ALA F 47 1.48 33.60 -31.88
N GLY F 48 1.56 34.11 -33.10
CA GLY F 48 2.85 34.41 -33.69
C GLY F 48 2.99 33.91 -35.12
N LEU F 49 1.93 33.35 -35.67
CA LEU F 49 1.96 32.87 -37.04
C LEU F 49 2.05 34.06 -38.00
N PRO F 50 2.66 33.88 -39.17
CA PRO F 50 2.72 34.97 -40.15
C PRO F 50 1.32 35.39 -40.59
N GLU F 51 1.18 36.68 -40.87
CA GLU F 51 -0.14 37.21 -41.25
C GLU F 51 -0.60 36.64 -42.58
N GLU F 52 0.31 36.45 -43.53
CA GLU F 52 -0.08 36.02 -44.88
C GLU F 52 -0.71 34.63 -44.86
N VAL F 53 -0.10 33.69 -44.13
CA VAL F 53 -0.61 32.32 -44.11
C VAL F 53 -1.99 32.27 -43.47
N VAL F 54 -2.14 32.97 -42.34
CA VAL F 54 -3.43 33.00 -41.64
C VAL F 54 -4.50 33.61 -42.54
N ARG F 55 -4.16 34.73 -43.19
CA ARG F 55 -5.12 35.38 -44.08
C ARG F 55 -5.52 34.45 -45.22
N ARG F 56 -4.55 33.80 -45.84
CA ARG F 56 -4.84 32.89 -46.95
C ARG F 56 -5.78 31.77 -46.52
N ALA F 57 -5.42 31.08 -45.44
CA ALA F 57 -6.22 29.94 -44.99
C ALA F 57 -7.62 30.39 -44.58
N THR F 58 -7.71 31.49 -43.84
CA THR F 58 -9.02 31.94 -43.36
C THR F 58 -9.91 32.39 -44.52
N GLU F 59 -9.34 33.11 -45.49
CA GLU F 59 -10.13 33.52 -46.65
C GLU F 59 -10.60 32.32 -47.45
N THR F 60 -9.72 31.32 -47.64
CA THR F 60 -10.11 30.13 -48.37
C THR F 60 -11.26 29.40 -47.67
N PHE F 61 -11.16 29.25 -46.34
CA PHE F 61 -12.19 28.54 -45.62
C PHE F 61 -13.51 29.33 -45.59
N LEU F 62 -13.43 30.65 -45.45
CA LEU F 62 -14.63 31.47 -45.48
C LEU F 62 -15.32 31.39 -46.83
N GLN F 63 -14.54 31.42 -47.91
CA GLN F 63 -15.13 31.28 -49.24
C GLN F 63 -15.77 29.91 -49.42
N ALA F 64 -15.10 28.86 -48.92
CA ALA F 64 -15.66 27.51 -49.02
C ALA F 64 -16.97 27.41 -48.27
N LEU F 65 -17.04 28.01 -47.08
CA LEU F 65 -18.29 28.01 -46.32
C LEU F 65 -19.37 28.82 -47.05
N LYS F 66 -19.00 29.95 -47.64
CA LYS F 66 -19.97 30.82 -48.29
C LYS F 66 -20.58 30.15 -49.52
N ASP F 67 -19.74 29.52 -50.34
CA ASP F 67 -20.24 28.93 -51.58
C ASP F 67 -21.15 27.74 -51.30
N ASP F 68 -20.71 26.82 -50.44
CA ASP F 68 -21.46 25.60 -50.13
C ASP F 68 -21.57 25.46 -48.62
N PRO F 69 -22.52 26.17 -47.99
CA PRO F 69 -22.68 26.04 -46.53
C PRO F 69 -23.01 24.63 -46.08
N SER F 70 -23.72 23.86 -46.90
CA SER F 70 -24.15 22.52 -46.49
C SER F 70 -23.03 21.50 -46.52
N ASP F 71 -21.86 21.86 -47.05
CA ASP F 71 -20.76 20.92 -47.17
C ASP F 71 -20.26 20.49 -45.78
N ARG F 72 -20.24 19.18 -45.56
CA ARG F 72 -19.82 18.64 -44.27
C ARG F 72 -18.32 18.73 -44.08
N ALA F 73 -17.56 18.44 -45.13
CA ALA F 73 -16.10 18.43 -45.03
C ALA F 73 -15.55 19.80 -44.67
N VAL F 74 -16.12 20.85 -45.27
CA VAL F 74 -15.68 22.21 -44.96
C VAL F 74 -15.98 22.55 -43.50
N GLN F 75 -17.15 22.13 -43.00
CA GLN F 75 -17.49 22.39 -41.61
C GLN F 75 -16.53 21.67 -40.67
N ASP F 76 -16.20 20.41 -40.96
CA ASP F 76 -15.25 19.68 -40.13
C ASP F 76 -13.87 20.33 -40.17
N ALA F 77 -13.45 20.79 -41.35
CA ALA F 77 -12.16 21.45 -41.47
C ALA F 77 -12.13 22.75 -40.68
N VAL F 78 -13.23 23.52 -40.69
CA VAL F 78 -13.28 24.76 -39.93
C VAL F 78 -13.24 24.47 -38.43
N GLU F 79 -13.96 23.43 -38.00
CA GLU F 79 -13.89 23.03 -36.59
C GLU F 79 -12.47 22.67 -36.19
N LEU F 80 -11.78 21.91 -37.05
CA LEU F 80 -10.40 21.54 -36.76
C LEU F 80 -9.50 22.78 -36.73
N VAL F 81 -9.77 23.74 -37.60
CA VAL F 81 -8.96 24.96 -37.64
C VAL F 81 -9.13 25.75 -36.35
N VAL F 82 -10.36 25.88 -35.86
CA VAL F 82 -10.58 26.58 -34.59
C VAL F 82 -9.92 25.83 -33.44
N GLY F 83 -10.03 24.50 -33.44
CA GLY F 83 -9.37 23.71 -32.42
C GLY F 83 -7.86 23.91 -32.43
N LEU F 84 -7.27 23.96 -33.63
CA LEU F 84 -5.82 24.18 -33.74
C LEU F 84 -5.44 25.60 -33.31
N ALA F 85 -6.30 26.57 -33.60
CA ALA F 85 -6.02 27.94 -33.17
C ALA F 85 -5.96 28.04 -31.66
N GLU F 86 -6.89 27.38 -30.97
CA GLU F 86 -6.81 27.34 -29.51
C GLU F 86 -5.62 26.51 -29.04
N ALA F 87 -5.35 25.39 -29.71
CA ALA F 87 -4.31 24.46 -29.29
C ALA F 87 -2.92 25.10 -29.36
N ALA F 88 -2.67 25.89 -30.39
CA ALA F 88 -1.36 26.54 -30.51
C ALA F 88 -1.10 27.46 -29.33
N GLY F 89 -2.09 28.27 -28.96
CA GLY F 89 -1.93 29.13 -27.81
C GLY F 89 -1.75 28.37 -26.52
N LEU F 90 -2.55 27.31 -26.31
CA LEU F 90 -2.40 26.52 -25.09
C LEU F 90 -1.02 25.87 -25.01
N LEU F 91 -0.54 25.34 -26.14
CA LEU F 91 0.75 24.67 -26.14
C LEU F 91 1.90 25.65 -25.92
N ILE F 92 1.81 26.84 -26.51
CA ILE F 92 2.85 27.84 -26.29
C ILE F 92 2.85 28.31 -24.84
N ASP F 93 1.66 28.50 -24.26
CA ASP F 93 1.59 28.89 -22.85
C ASP F 93 2.12 27.79 -21.94
N ALA F 94 1.91 26.52 -22.31
CA ALA F 94 2.32 25.41 -21.46
C ALA F 94 3.84 25.39 -21.27
N GLY F 95 4.59 25.77 -22.30
CA GLY F 95 6.03 25.80 -22.19
C GLY F 95 6.76 25.30 -23.42
N ILE F 96 6.05 24.61 -24.30
CA ILE F 96 6.62 24.09 -25.54
C ILE F 96 7.03 25.27 -26.41
N PRO F 97 8.25 25.30 -26.94
CA PRO F 97 8.69 26.46 -27.71
C PRO F 97 7.86 26.68 -28.97
N ALA F 98 7.78 27.95 -29.37
CA ALA F 98 7.04 28.32 -30.59
C ALA F 98 7.78 27.93 -31.86
N SER F 99 9.03 27.47 -31.76
CA SER F 99 9.77 27.01 -32.91
C SER F 99 9.36 25.61 -33.37
N VAL F 100 8.63 24.87 -32.55
CA VAL F 100 8.12 23.57 -32.95
C VAL F 100 6.60 23.56 -33.10
N VAL F 101 5.89 24.47 -32.46
CA VAL F 101 4.43 24.52 -32.57
C VAL F 101 3.99 25.29 -33.81
N LEU F 102 4.57 26.48 -34.03
CA LEU F 102 4.15 27.30 -35.16
C LEU F 102 4.37 26.65 -36.52
N PRO F 103 5.53 26.05 -36.83
CA PRO F 103 5.64 25.35 -38.12
C PRO F 103 4.62 24.22 -38.29
N LEU F 104 4.37 23.47 -37.21
CA LEU F 104 3.41 22.37 -37.29
C LEU F 104 2.01 22.87 -37.57
N VAL F 105 1.59 23.92 -36.85
CA VAL F 105 0.26 24.48 -37.08
C VAL F 105 0.17 25.11 -38.47
N GLU F 106 1.26 25.72 -38.95
CA GLU F 106 1.27 26.27 -40.30
C GLU F 106 1.05 25.17 -41.34
N ARG F 107 1.79 24.07 -41.21
CA ARG F 107 1.64 22.97 -42.16
C ARG F 107 0.24 22.37 -42.10
N LEU F 108 -0.29 22.19 -40.88
CA LEU F 108 -1.64 21.64 -40.74
C LEU F 108 -2.68 22.57 -41.36
N LEU F 109 -2.57 23.88 -41.13
CA LEU F 109 -3.50 24.83 -41.71
C LEU F 109 -3.43 24.81 -43.24
N LEU F 110 -2.22 24.78 -43.79
CA LEU F 110 -2.08 24.74 -45.24
C LEU F 110 -2.68 23.45 -45.81
N GLY F 111 -2.41 22.32 -45.16
CA GLY F 111 -2.97 21.06 -45.63
C GLY F 111 -4.49 21.03 -45.58
N LEU F 112 -5.07 21.57 -44.50
CA LEU F 112 -6.52 21.65 -44.40
C LEU F 112 -7.10 22.57 -45.46
N ALA F 113 -6.43 23.69 -45.72
CA ALA F 113 -6.92 24.63 -46.73
C ALA F 113 -6.89 24.02 -48.12
N ASP F 114 -5.80 23.32 -48.45
CA ASP F 114 -5.67 22.70 -49.77
C ASP F 114 -6.74 21.65 -49.99
N ASP F 115 -6.73 20.59 -49.19
CA ASP F 115 -7.71 19.50 -49.30
C ASP F 115 -8.46 19.39 -47.97
N PRO F 116 -9.67 19.93 -47.87
CA PRO F 116 -10.40 19.86 -46.59
C PRO F 116 -10.89 18.46 -46.24
N SER F 117 -10.57 17.48 -47.08
CA SER F 117 -11.02 16.10 -46.86
C SER F 117 -9.85 15.13 -47.01
N ASP F 118 -8.66 15.56 -46.63
CA ASP F 118 -7.48 14.70 -46.61
C ASP F 118 -7.44 14.03 -45.25
N HIS F 119 -7.69 12.72 -45.23
CA HIS F 119 -7.93 12.02 -43.96
C HIS F 119 -6.73 12.09 -43.02
N ARG F 120 -5.52 11.93 -43.56
CA ARG F 120 -4.34 11.95 -42.71
C ARG F 120 -4.13 13.32 -42.07
N VAL F 121 -4.39 14.39 -42.83
CA VAL F 121 -4.22 15.73 -42.27
C VAL F 121 -5.22 15.98 -41.15
N ARG F 122 -6.47 15.56 -41.34
CA ARG F 122 -7.46 15.68 -40.25
C ARG F 122 -7.06 14.86 -39.04
N ASP F 123 -6.52 13.66 -39.26
CA ASP F 123 -6.08 12.84 -38.14
C ASP F 123 -4.95 13.53 -37.37
N LEU F 124 -3.99 14.12 -38.09
CA LEU F 124 -2.90 14.83 -37.43
C LEU F 124 -3.40 16.05 -36.68
N ALA F 125 -4.34 16.79 -37.26
CA ALA F 125 -4.90 17.96 -36.57
C ALA F 125 -5.62 17.55 -35.30
N GLU F 126 -6.40 16.47 -35.37
CA GLU F 126 -7.06 15.96 -34.17
C GLU F 126 -6.06 15.48 -33.14
N LEU F 127 -4.96 14.86 -33.56
CA LEU F 127 -3.89 14.48 -32.64
C LEU F 127 -3.28 15.68 -31.94
N VAL F 128 -3.02 16.76 -32.66
CA VAL F 128 -2.47 17.96 -32.01
C VAL F 128 -3.48 18.60 -31.06
N VAL F 129 -4.76 18.65 -31.45
CA VAL F 129 -5.78 19.19 -30.54
C VAL F 129 -5.89 18.35 -29.28
N GLY F 130 -5.88 17.01 -29.42
CA GLY F 130 -5.86 16.14 -28.27
C GLY F 130 -4.63 16.26 -27.41
N LEU F 131 -3.46 16.46 -28.00
CA LEU F 131 -2.25 16.74 -27.24
C LEU F 131 -2.35 18.02 -26.44
N ALA F 132 -2.89 19.08 -27.02
CA ALA F 132 -3.09 20.32 -26.27
C ALA F 132 -4.07 20.13 -25.12
N GLU F 133 -5.17 19.42 -25.38
CA GLU F 133 -6.13 19.13 -24.31
C GLU F 133 -5.51 18.30 -23.20
N ALA F 134 -4.71 17.29 -23.55
CA ALA F 134 -4.04 16.48 -22.55
C ALA F 134 -3.03 17.29 -21.75
N ALA F 135 -2.28 18.18 -22.41
CA ALA F 135 -1.36 19.05 -21.69
C ALA F 135 -2.08 20.00 -20.74
N MET F 136 -3.25 20.51 -21.14
CA MET F 136 -4.04 21.35 -20.26
C MET F 136 -4.66 20.59 -19.10
N LEU F 137 -5.09 19.34 -19.33
CA LEU F 137 -5.67 18.51 -18.27
C LEU F 137 -4.63 17.95 -17.31
N ALA F 138 -3.40 17.73 -17.76
CA ALA F 138 -2.36 17.23 -16.87
C ALA F 138 -2.04 18.24 -15.78
N ARG F 139 -2.27 19.52 -16.03
CA ARG F 139 -2.06 20.54 -15.01
C ARG F 139 -3.15 20.48 -13.94
N ALA F 140 -4.40 20.30 -14.36
CA ALA F 140 -5.49 20.17 -13.40
C ALA F 140 -5.32 18.92 -12.55
N VAL F 141 -4.92 17.81 -13.18
CA VAL F 141 -4.60 16.58 -12.45
C VAL F 141 -3.41 16.78 -11.51
N ASN F 142 -2.73 17.92 -11.62
CA ASN F 142 -1.61 18.32 -10.76
C ASN F 142 -0.37 17.47 -11.05
N ILE F 143 -0.03 17.34 -12.32
CA ILE F 143 1.23 16.75 -12.76
C ILE F 143 2.22 17.88 -12.97
N PRO F 144 3.45 17.78 -12.45
CA PRO F 144 4.42 18.87 -12.62
C PRO F 144 4.71 19.14 -14.08
N SER F 145 4.99 20.40 -14.39
CA SER F 145 5.31 20.79 -15.77
C SER F 145 6.59 20.16 -16.27
N ALA F 146 7.58 19.93 -15.41
CA ALA F 146 8.88 19.45 -15.82
C ALA F 146 8.90 17.98 -16.24
N VAL F 147 7.81 17.24 -16.03
CA VAL F 147 7.79 15.84 -16.41
C VAL F 147 6.94 15.64 -17.66
N TYR F 148 5.96 16.52 -17.88
CA TYR F 148 5.08 16.36 -19.03
C TYR F 148 5.41 17.28 -20.20
N VAL F 149 6.02 18.44 -19.95
CA VAL F 149 6.41 19.33 -21.05
C VAL F 149 7.48 18.66 -21.92
N PRO F 150 8.52 18.01 -21.36
CA PRO F 150 9.47 17.32 -22.25
C PRO F 150 8.85 16.26 -23.14
N VAL F 151 7.87 15.50 -22.64
CA VAL F 151 7.28 14.44 -23.44
C VAL F 151 6.48 15.03 -24.60
N VAL F 152 5.69 16.07 -24.35
CA VAL F 152 4.94 16.71 -25.42
C VAL F 152 5.89 17.37 -26.41
N GLU F 153 6.98 17.95 -25.92
CA GLU F 153 7.98 18.52 -26.82
C GLU F 153 8.57 17.46 -27.73
N LYS F 154 8.93 16.30 -27.17
CA LYS F 154 9.48 15.21 -27.98
C LYS F 154 8.48 14.73 -29.02
N VAL F 155 7.21 14.56 -28.60
CA VAL F 155 6.19 14.08 -29.53
C VAL F 155 5.98 15.07 -30.66
N LEU F 156 5.89 16.36 -30.34
CA LEU F 156 5.69 17.37 -31.37
C LEU F 156 6.90 17.51 -32.28
N ARG F 157 8.12 17.36 -31.75
CA ARG F 157 9.30 17.38 -32.61
C ARG F 157 9.30 16.20 -33.56
N ALA F 158 8.94 15.00 -33.07
CA ALA F 158 8.87 13.83 -33.94
C ALA F 158 7.82 14.02 -35.02
N LEU F 159 6.66 14.59 -34.65
CA LEU F 159 5.61 14.86 -35.63
C LEU F 159 6.04 15.88 -36.67
N LEU F 160 6.77 16.93 -36.25
CA LEU F 160 7.25 17.93 -37.20
C LEU F 160 8.32 17.36 -38.12
N ALA F 161 9.10 16.39 -37.62
CA ALA F 161 10.11 15.76 -38.46
C ALA F 161 9.47 15.05 -39.65
N ASP F 162 8.63 14.07 -39.39
CA ASP F 162 7.93 13.33 -40.44
C ASP F 162 6.46 13.20 -40.07
N PRO F 163 5.54 13.87 -40.77
CA PRO F 163 4.11 13.77 -40.42
C PRO F 163 3.55 12.36 -40.51
N GLU F 164 4.05 11.53 -41.44
CA GLU F 164 3.51 10.20 -41.67
C GLU F 164 4.17 9.15 -40.78
N ASN F 165 5.07 9.56 -39.88
CA ASN F 165 5.70 8.62 -38.96
C ASN F 165 4.65 8.06 -38.01
N GLU F 166 4.44 6.74 -38.06
CA GLU F 166 3.42 6.12 -37.23
C GLU F 166 3.82 6.08 -35.76
N ARG F 167 5.12 6.02 -35.47
CA ARG F 167 5.56 5.97 -34.07
C ARG F 167 5.21 7.27 -33.34
N ALA F 168 5.38 8.42 -34.00
CA ALA F 168 5.04 9.68 -33.37
C ALA F 168 3.54 9.79 -33.10
N ARG F 169 2.71 9.36 -34.05
CA ARG F 169 1.27 9.36 -33.84
C ARG F 169 0.89 8.44 -32.69
N ARG F 170 1.50 7.26 -32.63
CA ARG F 170 1.25 6.35 -31.52
C ARG F 170 1.65 6.95 -30.19
N ALA F 171 2.78 7.67 -30.17
CA ALA F 171 3.22 8.31 -28.93
C ALA F 171 2.25 9.40 -28.49
N ALA F 172 1.76 10.21 -29.43
CA ALA F 172 0.78 11.23 -29.09
C ALA F 172 -0.49 10.61 -28.53
N ARG F 173 -1.00 9.56 -29.19
CA ARG F 173 -2.18 8.87 -28.70
C ARG F 173 -1.95 8.26 -27.33
N ARG F 174 -0.77 7.70 -27.07
CA ARG F 174 -0.45 7.16 -25.76
C ARG F 174 -0.36 8.23 -24.68
N VAL F 175 0.14 9.43 -25.01
CA VAL F 175 0.13 10.52 -24.03
C VAL F 175 -1.30 10.90 -23.68
N VAL F 176 -2.17 11.01 -24.68
CA VAL F 176 -3.57 11.33 -24.41
C VAL F 176 -4.21 10.24 -23.54
N GLU F 177 -3.95 8.97 -23.86
CA GLU F 177 -4.46 7.87 -23.06
C GLU F 177 -3.92 7.88 -21.64
N LEU F 178 -2.67 8.28 -21.44
CA LEU F 178 -2.14 8.37 -20.07
C LEU F 178 -2.87 9.44 -19.26
N VAL F 179 -3.13 10.59 -19.87
CA VAL F 179 -3.87 11.62 -19.15
C VAL F 179 -5.28 11.16 -18.82
N LEU F 180 -5.95 10.51 -19.78
CA LEU F 180 -7.28 9.96 -19.52
C LEU F 180 -7.26 8.87 -18.45
N ALA F 181 -6.22 8.05 -18.39
CA ALA F 181 -6.09 7.05 -17.33
C ALA F 181 -5.88 7.70 -15.98
N ALA F 182 -5.15 8.82 -15.93
CA ALA F 182 -5.03 9.57 -14.68
C ALA F 182 -6.38 10.08 -14.23
N ALA F 183 -7.19 10.59 -15.17
CA ALA F 183 -8.54 11.01 -14.83
C ALA F 183 -9.38 9.84 -14.32
N ARG F 184 -9.26 8.68 -14.95
CA ARG F 184 -9.98 7.50 -14.49
C ARG F 184 -9.56 7.06 -13.10
N LEU F 185 -8.26 7.14 -12.80
CA LEU F 185 -7.78 6.84 -11.45
C LEU F 185 -8.35 7.84 -10.44
N LEU F 186 -8.44 9.11 -10.81
CA LEU F 186 -9.11 10.08 -9.93
C LEU F 186 -10.56 9.68 -9.70
N ALA F 187 -11.25 9.23 -10.75
CA ALA F 187 -12.63 8.82 -10.61
C ALA F 187 -12.79 7.56 -9.75
N LEU F 188 -11.78 6.69 -9.75
CA LEU F 188 -11.88 5.44 -8.99
C LEU F 188 -11.82 5.65 -7.49
N GLY F 189 -11.26 6.77 -7.02
CA GLY F 189 -11.14 7.03 -5.61
C GLY F 189 -9.71 7.14 -5.09
N VAL F 190 -8.71 7.04 -5.94
CA VAL F 190 -7.33 7.23 -5.50
C VAL F 190 -7.11 8.71 -5.16
N PRO F 191 -6.43 9.02 -4.07
CA PRO F 191 -6.18 10.43 -3.73
C PRO F 191 -5.37 11.11 -4.82
N PRO F 192 -5.58 12.42 -5.03
CA PRO F 192 -4.89 13.12 -6.11
C PRO F 192 -3.37 13.06 -6.02
N HIS F 193 -2.82 13.04 -4.81
CA HIS F 193 -1.36 13.01 -4.66
C HIS F 193 -0.77 11.71 -5.20
N ALA F 194 -1.40 10.58 -4.88
CA ALA F 194 -0.92 9.29 -5.37
C ALA F 194 -1.04 9.20 -6.89
N VAL F 195 -2.15 9.71 -7.44
CA VAL F 195 -2.31 9.73 -8.89
C VAL F 195 -1.22 10.56 -9.54
N ALA F 196 -0.93 11.74 -8.98
CA ALA F 196 0.11 12.59 -9.52
C ALA F 196 1.47 11.90 -9.47
N ASP F 197 1.77 11.23 -8.37
CA ASP F 197 3.05 10.53 -8.25
C ASP F 197 3.18 9.41 -9.28
N ALA F 198 2.15 8.57 -9.40
CA ALA F 198 2.22 7.44 -10.33
C ALA F 198 2.32 7.91 -11.77
N VAL F 199 1.51 8.88 -12.16
CA VAL F 199 1.56 9.36 -13.54
C VAL F 199 2.85 10.13 -13.81
N SER F 200 3.42 10.81 -12.81
CA SER F 200 4.72 11.43 -12.99
C SER F 200 5.81 10.40 -13.23
N LEU F 201 5.76 9.28 -12.50
CA LEU F 201 6.70 8.19 -12.78
C LEU F 201 6.52 7.66 -14.21
N THR F 202 5.28 7.50 -14.64
CA THR F 202 5.04 7.02 -16.00
C THR F 202 5.57 7.99 -17.04
N PHE F 203 5.38 9.30 -16.82
CA PHE F 203 5.91 10.30 -17.74
C PHE F 203 7.43 10.28 -17.77
N ARG F 204 8.06 10.13 -16.59
CA ARG F 204 9.52 10.07 -16.54
C ARG F 204 10.05 8.88 -17.34
N ARG F 205 9.41 7.72 -17.20
CA ARG F 205 9.85 6.58 -17.99
C ARG F 205 9.55 6.75 -19.47
N MET F 206 8.42 7.37 -19.82
CA MET F 206 8.10 7.59 -21.23
C MET F 206 9.11 8.53 -21.88
N LEU F 207 9.71 9.43 -21.08
CA LEU F 207 10.71 10.34 -21.63
C LEU F 207 11.85 9.59 -22.30
N THR F 208 12.31 8.49 -21.70
CA THR F 208 13.44 7.76 -22.26
C THR F 208 12.99 6.61 -23.16
N ASP F 209 12.18 5.70 -22.62
CA ASP F 209 11.73 4.50 -23.32
C ASP F 209 10.49 4.79 -24.14
N PRO F 210 10.46 4.39 -25.42
CA PRO F 210 9.31 4.72 -26.27
C PRO F 210 8.04 3.98 -25.88
N ASP F 211 8.14 2.67 -25.67
CA ASP F 211 6.98 1.88 -25.27
C ASP F 211 6.82 1.85 -23.76
N ALA F 212 6.81 3.04 -23.15
CA ALA F 212 6.68 3.15 -21.70
C ALA F 212 5.51 4.04 -21.34
N ASN G 25 6.32 -22.39 0.12
CA ASN G 25 5.31 -22.82 -0.84
C ASN G 25 5.97 -23.53 -2.02
N PRO G 26 5.35 -24.60 -2.54
CA PRO G 26 6.00 -25.40 -3.60
C PRO G 26 6.46 -24.59 -4.79
N GLU G 27 5.67 -23.60 -5.20
CA GLU G 27 6.10 -22.73 -6.30
C GLU G 27 7.27 -21.83 -5.89
N ASP G 28 7.23 -21.32 -4.66
CA ASP G 28 8.35 -20.52 -4.16
C ASP G 28 9.62 -21.36 -4.08
N VAL G 29 9.51 -22.59 -3.55
CA VAL G 29 10.65 -23.48 -3.51
C VAL G 29 11.14 -23.79 -4.93
N ALA G 30 10.21 -23.92 -5.88
CA ALA G 30 10.60 -24.18 -7.27
C ALA G 30 11.41 -23.02 -7.83
N GLU G 31 10.98 -21.78 -7.57
CA GLU G 31 11.73 -20.62 -8.06
C GLU G 31 13.10 -20.52 -7.42
N HIS G 32 13.16 -20.70 -6.09
CA HIS G 32 14.45 -20.66 -5.40
C HIS G 32 15.37 -21.75 -5.92
N LEU G 33 14.83 -22.95 -6.16
CA LEU G 33 15.65 -24.04 -6.67
C LEU G 33 16.07 -23.80 -8.11
N GLN G 34 15.28 -23.07 -8.89
CA GLN G 34 15.72 -22.68 -10.23
C GLN G 34 16.93 -21.76 -10.15
N GLU G 35 16.88 -20.78 -9.26
CA GLU G 35 18.05 -19.90 -9.09
C GLU G 35 19.26 -20.68 -8.61
N ARG G 36 19.08 -21.55 -7.62
CA ARG G 36 20.19 -22.36 -7.12
C ARG G 36 20.69 -23.33 -8.19
N LEU G 37 19.81 -23.75 -9.11
CA LEU G 37 20.23 -24.64 -10.19
C LEU G 37 21.09 -23.90 -11.20
N GLU G 38 20.76 -22.64 -11.48
CA GLU G 38 21.64 -21.83 -12.32
C GLU G 38 23.00 -21.66 -11.66
N LYS G 39 23.01 -21.38 -10.35
CA LYS G 39 24.28 -21.26 -9.64
C LYS G 39 25.05 -22.58 -9.67
N ALA G 40 24.35 -23.70 -9.53
CA ALA G 40 24.99 -25.01 -9.56
C ALA G 40 25.57 -25.31 -10.95
N ARG G 41 24.87 -24.89 -12.00
CA ARG G 41 25.43 -25.03 -13.34
C ARG G 41 26.73 -24.24 -13.47
N HIS G 42 26.75 -23.02 -12.95
CA HIS G 42 27.97 -22.23 -12.99
C HIS G 42 29.10 -22.93 -12.24
N LEU G 43 28.80 -23.43 -11.04
CA LEU G 43 29.83 -24.10 -10.25
C LEU G 43 30.35 -25.35 -10.93
N LEU G 44 29.45 -26.15 -11.52
CA LEU G 44 29.86 -27.38 -12.19
C LEU G 44 30.71 -27.07 -13.42
N LEU G 45 30.35 -26.03 -14.17
CA LEU G 45 31.18 -25.62 -15.30
C LEU G 45 32.56 -25.16 -14.83
N ASP G 46 32.60 -24.45 -13.70
CA ASP G 46 33.89 -24.02 -13.16
C ASP G 46 34.74 -25.21 -12.69
N ALA G 47 34.10 -26.25 -12.17
CA ALA G 47 34.84 -27.39 -11.64
C ALA G 47 35.62 -28.12 -12.71
N GLY G 48 35.02 -28.33 -13.89
CA GLY G 48 35.71 -29.02 -14.95
C GLY G 48 34.86 -30.05 -15.67
N LEU G 49 33.59 -30.14 -15.32
CA LEU G 49 32.70 -31.07 -15.99
C LEU G 49 32.48 -30.63 -17.43
N PRO G 50 32.22 -31.57 -18.35
CA PRO G 50 31.92 -31.17 -19.74
C PRO G 50 30.66 -30.31 -19.80
N GLU G 51 30.65 -29.40 -20.77
CA GLU G 51 29.51 -28.49 -20.91
C GLU G 51 28.24 -29.25 -21.26
N GLU G 52 28.34 -30.27 -22.12
CA GLU G 52 27.15 -30.97 -22.60
C GLU G 52 26.40 -31.66 -21.47
N VAL G 53 27.12 -32.36 -20.59
CA VAL G 53 26.47 -33.12 -19.52
C VAL G 53 25.79 -32.16 -18.54
N VAL G 54 26.49 -31.09 -18.17
CA VAL G 54 25.93 -30.11 -17.25
C VAL G 54 24.68 -29.47 -17.85
N ARG G 55 24.78 -29.09 -19.12
CA ARG G 55 23.63 -28.48 -19.80
C ARG G 55 22.44 -29.43 -19.83
N ARG G 56 22.68 -30.69 -20.17
CA ARG G 56 21.60 -31.68 -20.26
C ARG G 56 20.92 -31.86 -18.92
N ALA G 57 21.72 -32.11 -17.87
CA ALA G 57 21.13 -32.33 -16.55
C ALA G 57 20.37 -31.10 -16.08
N THR G 58 20.94 -29.91 -16.30
CA THR G 58 20.30 -28.70 -15.82
C THR G 58 19.00 -28.42 -16.55
N GLU G 59 18.97 -28.62 -17.87
CA GLU G 59 17.73 -28.37 -18.61
C GLU G 59 16.67 -29.39 -18.23
N THR G 60 17.06 -30.65 -18.03
CA THR G 60 16.11 -31.66 -17.60
C THR G 60 15.49 -31.29 -16.26
N PHE G 61 16.33 -30.90 -15.29
CA PHE G 61 15.80 -30.57 -13.97
C PHE G 61 14.96 -29.30 -14.00
N LEU G 62 15.37 -28.30 -14.79
CA LEU G 62 14.59 -27.07 -14.91
C LEU G 62 13.22 -27.35 -15.52
N GLN G 63 13.17 -28.19 -16.56
CA GLN G 63 11.89 -28.55 -17.15
C GLN G 63 11.03 -29.31 -16.17
N ALA G 64 11.63 -30.23 -15.40
CA ALA G 64 10.88 -30.98 -14.41
C ALA G 64 10.29 -30.06 -13.36
N LEU G 65 11.06 -29.07 -12.92
CA LEU G 65 10.54 -28.08 -11.97
C LEU G 65 9.43 -27.24 -12.58
N LYS G 66 9.60 -26.85 -13.85
CA LYS G 66 8.62 -25.97 -14.49
C LYS G 66 7.28 -26.67 -14.69
N ASP G 67 7.32 -27.93 -15.13
CA ASP G 67 6.07 -28.64 -15.41
C ASP G 67 5.29 -28.92 -14.14
N ASP G 68 5.96 -29.46 -13.11
CA ASP G 68 5.32 -29.83 -11.85
C ASP G 68 6.11 -29.23 -10.70
N PRO G 69 5.88 -27.94 -10.40
CA PRO G 69 6.60 -27.33 -9.26
C PRO G 69 6.32 -28.00 -7.94
N SER G 70 5.12 -28.55 -7.74
CA SER G 70 4.76 -29.14 -6.46
C SER G 70 5.41 -30.49 -6.23
N ASP G 71 6.08 -31.06 -7.23
CA ASP G 71 6.69 -32.38 -7.10
C ASP G 71 7.81 -32.35 -6.06
N ARG G 72 7.70 -33.25 -5.08
CA ARG G 72 8.70 -33.28 -4.01
C ARG G 72 9.99 -33.93 -4.47
N ALA G 73 9.89 -34.99 -5.29
CA ALA G 73 11.08 -35.72 -5.72
C ALA G 73 12.00 -34.83 -6.55
N VAL G 74 11.42 -34.01 -7.43
CA VAL G 74 12.22 -33.11 -8.24
C VAL G 74 12.93 -32.08 -7.36
N GLN G 75 12.23 -31.57 -6.34
CA GLN G 75 12.86 -30.60 -5.44
C GLN G 75 14.02 -31.23 -4.68
N ASP G 76 13.83 -32.46 -4.18
CA ASP G 76 14.91 -33.14 -3.48
C ASP G 76 16.10 -33.40 -4.40
N ALA G 77 15.81 -33.80 -5.65
CA ALA G 77 16.88 -34.03 -6.62
C ALA G 77 17.64 -32.75 -6.92
N VAL G 78 16.94 -31.62 -7.05
CA VAL G 78 17.61 -30.35 -7.32
C VAL G 78 18.47 -29.95 -6.13
N GLU G 79 17.96 -30.15 -4.91
CA GLU G 79 18.77 -29.87 -3.73
C GLU G 79 20.04 -30.72 -3.72
N LEU G 80 19.92 -31.99 -4.04
CA LEU G 80 21.08 -32.87 -4.10
C LEU G 80 22.05 -32.43 -5.20
N VAL G 81 21.51 -31.95 -6.33
CA VAL G 81 22.36 -31.49 -7.42
C VAL G 81 23.17 -30.27 -7.01
N VAL G 82 22.53 -29.32 -6.32
CA VAL G 82 23.26 -28.15 -5.83
C VAL G 82 24.31 -28.56 -4.82
N GLY G 83 23.96 -29.46 -3.90
CA GLY G 83 24.93 -29.95 -2.94
C GLY G 83 26.12 -30.61 -3.61
N LEU G 84 25.88 -31.41 -4.65
CA LEU G 84 26.97 -32.04 -5.40
C LEU G 84 27.81 -31.01 -6.14
N ALA G 85 27.18 -29.97 -6.68
CA ALA G 85 27.92 -28.93 -7.37
C ALA G 85 28.90 -28.24 -6.43
N GLU G 86 28.46 -27.95 -5.20
CA GLU G 86 29.39 -27.38 -4.23
C GLU G 86 30.42 -28.39 -3.77
N ALA G 87 29.99 -29.66 -3.61
CA ALA G 87 30.88 -30.70 -3.08
C ALA G 87 32.04 -30.98 -4.02
N ALA G 88 31.79 -30.96 -5.32
CA ALA G 88 32.86 -31.20 -6.28
C ALA G 88 33.95 -30.15 -6.16
N GLY G 89 33.56 -28.88 -6.07
CA GLY G 89 34.53 -27.82 -5.89
C GLY G 89 35.30 -27.93 -4.59
N LEU G 90 34.59 -28.22 -3.49
CA LEU G 90 35.27 -28.37 -2.20
C LEU G 90 36.25 -29.53 -2.23
N LEU G 91 35.86 -30.65 -2.82
CA LEU G 91 36.73 -31.83 -2.85
C LEU G 91 37.94 -31.59 -3.74
N ILE G 92 37.77 -30.88 -4.86
CA ILE G 92 38.92 -30.58 -5.72
C ILE G 92 39.87 -29.62 -5.02
N ASP G 93 39.32 -28.61 -4.34
CA ASP G 93 40.17 -27.67 -3.61
C ASP G 93 40.92 -28.36 -2.47
N ALA G 94 40.29 -29.34 -1.84
CA ALA G 94 40.90 -30.01 -0.69
C ALA G 94 42.19 -30.72 -1.08
N GLY G 95 42.24 -31.30 -2.28
CA GLY G 95 43.44 -31.98 -2.72
C GLY G 95 43.16 -33.26 -3.48
N ILE G 96 41.93 -33.76 -3.37
CA ILE G 96 41.52 -34.98 -4.08
C ILE G 96 41.56 -34.70 -5.58
N PRO G 97 42.18 -35.57 -6.38
CA PRO G 97 42.31 -35.27 -7.81
C PRO G 97 40.96 -35.21 -8.50
N ALA G 98 40.92 -34.43 -9.59
CA ALA G 98 39.72 -34.29 -10.40
C ALA G 98 39.45 -35.50 -11.28
N SER G 99 40.36 -36.48 -11.29
CA SER G 99 40.15 -37.70 -12.05
C SER G 99 39.25 -38.70 -11.35
N VAL G 100 38.99 -38.52 -10.05
CA VAL G 100 38.08 -39.38 -9.32
C VAL G 100 36.84 -38.64 -8.85
N VAL G 101 36.85 -37.30 -8.83
CA VAL G 101 35.68 -36.53 -8.42
C VAL G 101 34.77 -36.25 -9.59
N LEU G 102 35.33 -35.77 -10.71
CA LEU G 102 34.51 -35.43 -11.85
C LEU G 102 33.75 -36.61 -12.44
N PRO G 103 34.35 -37.79 -12.67
CA PRO G 103 33.53 -38.94 -13.13
C PRO G 103 32.42 -39.31 -12.17
N LEU G 104 32.69 -39.28 -10.86
CA LEU G 104 31.68 -39.64 -9.87
C LEU G 104 30.52 -38.65 -9.88
N VAL G 105 30.84 -37.35 -9.93
CA VAL G 105 29.79 -36.34 -9.97
C VAL G 105 29.02 -36.43 -11.27
N GLU G 106 29.69 -36.73 -12.39
CA GLU G 106 29.01 -36.90 -13.65
C GLU G 106 28.01 -38.06 -13.59
N ARG G 107 28.45 -39.20 -13.05
CA ARG G 107 27.56 -40.36 -12.95
C ARG G 107 26.38 -40.06 -12.02
N LEU G 108 26.63 -39.40 -10.89
CA LEU G 108 25.55 -39.06 -9.98
C LEU G 108 24.56 -38.09 -10.61
N LEU G 109 25.07 -37.09 -11.34
CA LEU G 109 24.20 -36.13 -12.00
C LEU G 109 23.33 -36.81 -13.05
N LEU G 110 23.93 -37.69 -13.85
CA LEU G 110 23.16 -38.41 -14.86
C LEU G 110 22.10 -39.31 -14.22
N GLY G 111 22.47 -40.01 -13.14
CA GLY G 111 21.51 -40.87 -12.47
C GLY G 111 20.36 -40.09 -11.87
N LEU G 112 20.65 -38.94 -11.28
CA LEU G 112 19.57 -38.10 -10.73
C LEU G 112 18.70 -37.54 -11.85
N ALA G 113 19.30 -37.18 -12.97
CA ALA G 113 18.52 -36.65 -14.10
C ALA G 113 17.58 -37.70 -14.66
N ASP G 114 18.07 -38.94 -14.81
CA ASP G 114 17.25 -40.01 -15.37
C ASP G 114 16.03 -40.30 -14.50
N ASP G 115 16.28 -40.76 -13.28
CA ASP G 115 15.19 -41.05 -12.34
C ASP G 115 15.39 -40.24 -11.06
N PRO G 116 14.68 -39.14 -10.88
CA PRO G 116 14.90 -38.29 -9.70
C PRO G 116 14.43 -38.92 -8.39
N SER G 117 13.94 -40.16 -8.45
CA SER G 117 13.41 -40.83 -7.28
C SER G 117 13.98 -42.23 -7.15
N ASP G 118 15.25 -42.41 -7.53
CA ASP G 118 15.95 -43.68 -7.35
C ASP G 118 16.70 -43.59 -6.03
N HIS G 119 16.32 -44.46 -5.09
CA HIS G 119 16.78 -44.32 -3.71
C HIS G 119 18.29 -44.44 -3.60
N ARG G 120 18.88 -45.40 -4.32
CA ARG G 120 20.32 -45.63 -4.21
C ARG G 120 21.13 -44.45 -4.72
N VAL G 121 20.68 -43.82 -5.81
CA VAL G 121 21.41 -42.67 -6.34
C VAL G 121 21.35 -41.49 -5.37
N ARG G 122 20.17 -41.24 -4.78
CA ARG G 122 20.09 -40.19 -3.77
C ARG G 122 20.95 -40.49 -2.57
N ASP G 123 21.00 -41.75 -2.13
CA ASP G 123 21.85 -42.12 -1.01
C ASP G 123 23.33 -41.87 -1.33
N LEU G 124 23.75 -42.22 -2.55
CA LEU G 124 25.14 -42.01 -2.93
C LEU G 124 25.47 -40.53 -3.04
N ALA G 125 24.55 -39.72 -3.58
CA ALA G 125 24.77 -38.28 -3.65
C ALA G 125 24.87 -37.68 -2.27
N GLU G 126 24.01 -38.09 -1.34
CA GLU G 126 24.09 -37.64 0.03
C GLU G 126 25.39 -38.07 0.69
N LEU G 127 25.87 -39.28 0.40
CA LEU G 127 27.17 -39.73 0.90
C LEU G 127 28.31 -38.86 0.40
N VAL G 128 28.32 -38.51 -0.89
CA VAL G 128 29.36 -37.64 -1.41
C VAL G 128 29.29 -36.23 -0.81
N VAL G 129 28.09 -35.67 -0.67
CA VAL G 129 27.96 -34.36 -0.05
C VAL G 129 28.43 -34.40 1.40
N GLY G 130 28.06 -35.45 2.15
CA GLY G 130 28.55 -35.61 3.50
C GLY G 130 30.05 -35.78 3.60
N LEU G 131 30.65 -36.50 2.66
CA LEU G 131 32.10 -36.61 2.61
C LEU G 131 32.77 -35.27 2.36
N ALA G 132 32.22 -34.45 1.45
CA ALA G 132 32.77 -33.12 1.25
C ALA G 132 32.65 -32.25 2.49
N GLU G 133 31.49 -32.31 3.16
CA GLU G 133 31.32 -31.55 4.40
C GLU G 133 32.28 -32.03 5.49
N ALA G 134 32.49 -33.34 5.60
CA ALA G 134 33.43 -33.88 6.57
C ALA G 134 34.86 -33.44 6.26
N ALA G 135 35.25 -33.46 4.99
CA ALA G 135 36.57 -32.97 4.62
C ALA G 135 36.74 -31.49 4.90
N MET G 136 35.68 -30.70 4.73
CA MET G 136 35.74 -29.27 5.05
C MET G 136 35.81 -29.02 6.56
N LEU G 137 35.09 -29.80 7.36
CA LEU G 137 35.12 -29.64 8.81
C LEU G 137 36.38 -30.20 9.45
N ALA G 138 37.02 -31.20 8.84
CA ALA G 138 38.25 -31.73 9.40
C ALA G 138 39.37 -30.70 9.37
N ARG G 139 39.33 -29.77 8.41
CA ARG G 139 40.32 -28.69 8.38
C ARG G 139 40.09 -27.70 9.52
N ALA G 140 38.84 -27.35 9.79
CA ALA G 140 38.53 -26.46 10.91
C ALA G 140 38.92 -27.09 12.23
N VAL G 141 38.66 -28.39 12.39
CA VAL G 141 39.09 -29.14 13.57
C VAL G 141 40.61 -29.22 13.66
N ASN G 142 41.31 -28.76 12.62
CA ASN G 142 42.78 -28.69 12.56
C ASN G 142 43.39 -30.08 12.49
N ILE G 143 42.88 -30.89 11.58
CA ILE G 143 43.50 -32.16 11.21
C ILE G 143 44.35 -31.93 9.97
N PRO G 144 45.61 -32.38 9.95
CA PRO G 144 46.45 -32.14 8.78
C PRO G 144 45.87 -32.78 7.52
N SER G 145 46.13 -32.14 6.39
CA SER G 145 45.62 -32.64 5.11
C SER G 145 46.21 -33.98 4.73
N ALA G 146 47.44 -34.27 5.13
CA ALA G 146 48.14 -35.48 4.71
C ALA G 146 47.60 -36.75 5.34
N VAL G 147 46.74 -36.65 6.37
CA VAL G 147 46.22 -37.85 7.01
C VAL G 147 44.78 -38.11 6.57
N TYR G 148 44.04 -37.04 6.23
CA TYR G 148 42.64 -37.20 5.86
C TYR G 148 42.39 -37.18 4.35
N VAL G 149 43.24 -36.54 3.57
CA VAL G 149 43.06 -36.55 2.11
C VAL G 149 43.22 -37.95 1.55
N PRO G 150 44.24 -38.74 1.94
CA PRO G 150 44.32 -40.12 1.43
C PRO G 150 43.08 -40.97 1.74
N VAL G 151 42.48 -40.81 2.91
CA VAL G 151 41.33 -41.63 3.28
C VAL G 151 40.13 -41.28 2.40
N VAL G 152 39.86 -39.99 2.21
CA VAL G 152 38.76 -39.59 1.34
C VAL G 152 39.05 -40.00 -0.10
N GLU G 153 40.30 -39.92 -0.53
CA GLU G 153 40.66 -40.37 -1.87
C GLU G 153 40.36 -41.86 -2.05
N LYS G 154 40.74 -42.68 -1.07
CA LYS G 154 40.50 -44.11 -1.15
C LYS G 154 39.00 -44.41 -1.17
N VAL G 155 38.24 -43.71 -0.32
CA VAL G 155 36.80 -43.93 -0.26
C VAL G 155 36.15 -43.57 -1.59
N LEU G 156 36.52 -42.43 -2.16
CA LEU G 156 35.95 -42.01 -3.43
C LEU G 156 36.37 -42.93 -4.57
N ARG G 157 37.61 -43.43 -4.56
CA ARG G 157 38.03 -44.39 -5.58
C ARG G 157 37.22 -45.68 -5.47
N ALA G 158 37.00 -46.17 -4.26
CA ALA G 158 36.19 -47.37 -4.09
C ALA G 158 34.75 -47.14 -4.54
N LEU G 159 34.19 -45.96 -4.23
CA LEU G 159 32.85 -45.64 -4.70
C LEU G 159 32.77 -45.53 -6.22
N LEU G 160 33.79 -44.96 -6.86
CA LEU G 160 33.80 -44.88 -8.32
C LEU G 160 33.96 -46.25 -8.96
N ALA G 161 34.69 -47.15 -8.30
CA ALA G 161 34.86 -48.50 -8.83
C ALA G 161 33.52 -49.21 -8.95
N ASP G 162 32.84 -49.41 -7.81
CA ASP G 162 31.53 -50.05 -7.78
C ASP G 162 30.58 -49.20 -6.95
N PRO G 163 29.58 -48.55 -7.55
CA PRO G 163 28.67 -47.71 -6.77
C PRO G 163 27.88 -48.48 -5.72
N GLU G 164 27.54 -49.74 -5.97
CA GLU G 164 26.71 -50.52 -5.07
C GLU G 164 27.52 -51.26 -4.01
N ASN G 165 28.84 -51.06 -3.98
CA ASN G 165 29.67 -51.70 -2.97
C ASN G 165 29.30 -51.17 -1.59
N GLU G 166 28.84 -52.06 -0.70
CA GLU G 166 28.45 -51.64 0.63
C GLU G 166 29.63 -51.25 1.50
N ARG G 167 30.80 -51.84 1.27
CA ARG G 167 31.97 -51.51 2.07
C ARG G 167 32.39 -50.05 1.87
N ALA G 168 32.35 -49.57 0.62
CA ALA G 168 32.72 -48.18 0.36
C ALA G 168 31.73 -47.21 0.99
N ARG G 169 30.43 -47.52 0.93
CA ARG G 169 29.43 -46.68 1.57
C ARG G 169 29.63 -46.66 3.08
N ARG G 170 29.92 -47.82 3.67
CA ARG G 170 30.18 -47.88 5.10
C ARG G 170 31.42 -47.07 5.46
N ALA G 171 32.45 -47.11 4.62
CA ALA G 171 33.67 -46.34 4.88
C ALA G 171 33.39 -44.84 4.81
N ALA G 172 32.59 -44.40 3.84
CA ALA G 172 32.24 -42.99 3.76
C ALA G 172 31.45 -42.55 5.00
N ARG G 173 30.46 -43.35 5.40
CA ARG G 173 29.70 -43.02 6.59
C ARG G 173 30.58 -43.01 7.83
N ARG G 174 31.55 -43.91 7.94
CA ARG G 174 32.47 -43.91 9.06
C ARG G 174 33.40 -42.71 9.07
N VAL G 175 33.83 -42.22 7.90
CA VAL G 175 34.61 -40.99 7.86
C VAL G 175 33.77 -39.82 8.39
N VAL G 176 32.51 -39.74 7.95
CA VAL G 176 31.64 -38.67 8.45
C VAL G 176 31.46 -38.77 9.95
N GLU G 177 31.23 -39.98 10.46
CA GLU G 177 31.09 -40.17 11.90
C GLU G 177 32.37 -39.85 12.66
N LEU G 178 33.54 -40.10 12.08
CA LEU G 178 34.80 -39.74 12.74
C LEU G 178 34.90 -38.23 12.88
N VAL G 179 34.57 -37.49 11.82
CA VAL G 179 34.62 -36.04 11.93
C VAL G 179 33.62 -35.52 12.95
N LEU G 180 32.40 -36.08 12.96
CA LEU G 180 31.41 -35.68 13.96
C LEU G 180 31.83 -36.04 15.38
N ALA G 181 32.52 -37.16 15.57
CA ALA G 181 33.05 -37.51 16.88
C ALA G 181 34.16 -36.57 17.31
N ALA G 182 34.99 -36.10 16.37
CA ALA G 182 35.96 -35.08 16.70
C ALA G 182 35.28 -33.80 17.17
N ALA G 183 34.21 -33.41 16.48
CA ALA G 183 33.44 -32.23 16.92
C ALA G 183 32.85 -32.45 18.31
N ARG G 184 32.33 -33.65 18.58
CA ARG G 184 31.79 -33.94 19.91
C ARG G 184 32.86 -33.91 20.98
N LEU G 185 34.07 -34.39 20.66
CA LEU G 185 35.18 -34.30 21.60
C LEU G 185 35.56 -32.85 21.89
N LEU G 186 35.54 -32.00 20.86
CA LEU G 186 35.75 -30.57 21.08
C LEU G 186 34.67 -30.00 22.00
N ALA G 187 33.42 -30.42 21.80
CA ALA G 187 32.33 -29.94 22.64
C ALA G 187 32.46 -30.43 24.08
N LEU G 188 33.03 -31.61 24.29
CA LEU G 188 33.15 -32.16 25.65
C LEU G 188 34.13 -31.38 26.51
N GLY G 189 35.10 -30.69 25.92
CA GLY G 189 36.09 -29.95 26.68
C GLY G 189 37.53 -30.36 26.45
N VAL G 190 37.79 -31.28 25.54
CA VAL G 190 39.18 -31.67 25.24
C VAL G 190 39.85 -30.53 24.47
N PRO G 191 41.11 -30.21 24.77
CA PRO G 191 41.81 -29.16 24.02
C PRO G 191 41.92 -29.54 22.54
N PRO G 192 41.91 -28.55 21.65
CA PRO G 192 41.96 -28.85 20.21
C PRO G 192 43.17 -29.66 19.78
N HIS G 193 44.32 -29.46 20.41
CA HIS G 193 45.51 -30.21 20.00
C HIS G 193 45.37 -31.70 20.29
N ALA G 194 44.83 -32.04 21.46
CA ALA G 194 44.62 -33.45 21.80
C ALA G 194 43.62 -34.10 20.86
N VAL G 195 42.54 -33.38 20.52
CA VAL G 195 41.57 -33.89 19.58
C VAL G 195 42.21 -34.13 18.22
N ALA G 196 43.00 -33.16 17.75
CA ALA G 196 43.67 -33.32 16.47
C ALA G 196 44.61 -34.52 16.47
N ASP G 197 45.36 -34.70 17.56
CA ASP G 197 46.26 -35.85 17.64
C ASP G 197 45.52 -37.17 17.61
N ALA G 198 44.46 -37.30 18.42
CA ALA G 198 43.72 -38.56 18.47
C ALA G 198 43.06 -38.88 17.13
N VAL G 199 42.41 -37.89 16.51
CA VAL G 199 41.75 -38.15 15.25
C VAL G 199 42.74 -38.36 14.12
N SER G 200 43.92 -37.73 14.17
CA SER G 200 44.96 -38.02 13.19
C SER G 200 45.45 -39.45 13.31
N LEU G 201 45.61 -39.95 14.55
CA LEU G 201 45.97 -41.35 14.73
C LEU G 201 44.88 -42.27 14.17
N THR G 202 43.61 -41.93 14.41
CA THR G 202 42.52 -42.73 13.88
C THR G 202 42.52 -42.73 12.35
N PHE G 203 42.77 -41.58 11.74
CA PHE G 203 42.85 -41.52 10.28
C PHE G 203 44.02 -42.33 9.74
N ARG G 204 45.17 -42.29 10.41
CA ARG G 204 46.31 -43.09 9.99
C ARG G 204 45.97 -44.58 10.05
N ARG G 205 45.28 -45.02 11.11
CA ARG G 205 44.85 -46.41 11.16
C ARG G 205 43.83 -46.73 10.08
N MET G 206 42.88 -45.83 9.81
CA MET G 206 41.88 -46.08 8.78
C MET G 206 42.50 -46.19 7.40
N LEU G 207 43.64 -45.53 7.19
CA LEU G 207 44.31 -45.61 5.89
C LEU G 207 44.64 -47.06 5.52
N THR G 208 45.04 -47.87 6.50
CA THR G 208 45.46 -49.23 6.22
C THR G 208 44.33 -50.23 6.44
N ASP G 209 43.77 -50.27 7.65
CA ASP G 209 42.79 -51.27 8.02
C ASP G 209 41.36 -50.76 7.82
N PRO G 210 40.50 -51.53 7.14
CA PRO G 210 39.15 -51.05 6.83
C PRO G 210 38.26 -50.76 8.02
N ASP G 211 38.31 -51.59 9.06
CA ASP G 211 37.43 -51.40 10.22
C ASP G 211 38.12 -50.60 11.31
N ALA G 212 39.07 -49.75 10.93
CA ALA G 212 39.79 -48.92 11.90
C ALA G 212 39.05 -47.60 12.11
N ASN H 25 -27.97 44.38 -37.09
CA ASN H 25 -27.69 45.54 -37.93
C ASN H 25 -26.88 46.57 -37.14
N PRO H 26 -25.89 47.21 -37.77
CA PRO H 26 -24.98 48.10 -37.03
C PRO H 26 -25.68 49.16 -36.20
N GLU H 27 -26.76 49.74 -36.72
CA GLU H 27 -27.49 50.74 -35.95
C GLU H 27 -28.21 50.12 -34.75
N ASP H 28 -28.82 48.95 -34.93
CA ASP H 28 -29.46 48.26 -33.82
C ASP H 28 -28.44 47.87 -32.77
N VAL H 29 -27.29 47.34 -33.19
CA VAL H 29 -26.22 47.03 -32.26
C VAL H 29 -25.75 48.28 -31.54
N ALA H 30 -25.70 49.41 -32.25
CA ALA H 30 -25.30 50.67 -31.62
C ALA H 30 -26.29 51.07 -30.53
N GLU H 31 -27.59 50.95 -30.80
CA GLU H 31 -28.60 51.29 -29.80
C GLU H 31 -28.49 50.38 -28.58
N HIS H 32 -28.37 49.06 -28.81
CA HIS H 32 -28.21 48.13 -27.71
C HIS H 32 -26.96 48.44 -26.92
N LEU H 33 -25.89 48.87 -27.60
CA LEU H 33 -24.64 49.18 -26.91
C LEU H 33 -24.75 50.46 -26.11
N GLN H 34 -25.54 51.44 -26.56
CA GLN H 34 -25.79 52.61 -25.73
C GLN H 34 -26.54 52.22 -24.46
N GLU H 35 -27.54 51.34 -24.57
CA GLU H 35 -28.25 50.89 -23.37
C GLU H 35 -27.31 50.16 -22.42
N ARG H 36 -26.50 49.22 -22.95
CA ARG H 36 -25.54 48.51 -22.12
C ARG H 36 -24.47 49.45 -21.57
N LEU H 37 -24.18 50.55 -22.26
CA LEU H 37 -23.21 51.52 -21.77
C LEU H 37 -23.76 52.29 -20.58
N GLU H 38 -25.04 52.65 -20.63
CA GLU H 38 -25.67 53.26 -19.45
C GLU H 38 -25.65 52.29 -18.27
N LYS H 39 -25.97 51.02 -18.54
CA LYS H 39 -25.92 50.02 -17.46
C LYS H 39 -24.50 49.88 -16.91
N ALA H 40 -23.50 49.89 -17.79
CA ALA H 40 -22.11 49.78 -17.36
C ALA H 40 -21.68 50.99 -16.55
N ARG H 41 -22.15 52.18 -16.92
CA ARG H 41 -21.88 53.36 -16.11
C ARG H 41 -22.46 53.20 -14.71
N HIS H 42 -23.69 52.71 -14.62
CA HIS H 42 -24.29 52.48 -13.31
C HIS H 42 -23.45 51.48 -12.49
N LEU H 43 -23.05 50.37 -13.12
CA LEU H 43 -22.28 49.36 -12.42
C LEU H 43 -20.92 49.90 -11.96
N LEU H 44 -20.25 50.66 -12.82
CA LEU H 44 -18.95 51.22 -12.46
C LEU H 44 -19.08 52.23 -11.32
N LEU H 45 -20.13 53.05 -11.35
CA LEU H 45 -20.35 53.98 -10.26
C LEU H 45 -20.62 53.23 -8.95
N ASP H 46 -21.39 52.14 -9.02
CA ASP H 46 -21.63 51.34 -7.83
C ASP H 46 -20.36 50.68 -7.31
N ALA H 47 -19.45 50.29 -8.22
CA ALA H 47 -18.24 49.58 -7.81
C ALA H 47 -17.32 50.45 -6.96
N GLY H 48 -17.15 51.72 -7.32
CA GLY H 48 -16.31 52.61 -6.54
C GLY H 48 -15.39 53.49 -7.35
N LEU H 49 -15.54 53.47 -8.68
CA LEU H 49 -14.73 54.34 -9.50
C LEU H 49 -15.14 55.80 -9.29
N PRO H 50 -14.23 56.75 -9.47
CA PRO H 50 -14.62 58.16 -9.39
C PRO H 50 -15.62 58.51 -10.47
N GLU H 51 -16.50 59.47 -10.15
CA GLU H 51 -17.56 59.84 -11.09
C GLU H 51 -16.98 60.46 -12.36
N GLU H 52 -15.93 61.26 -12.23
CA GLU H 52 -15.39 61.99 -13.37
C GLU H 52 -14.87 61.04 -14.46
N VAL H 53 -14.12 60.02 -14.06
CA VAL H 53 -13.52 59.11 -15.03
C VAL H 53 -14.61 58.34 -15.77
N VAL H 54 -15.59 57.82 -15.02
CA VAL H 54 -16.68 57.07 -15.63
C VAL H 54 -17.46 57.95 -16.59
N ARG H 55 -17.76 59.18 -16.16
CA ARG H 55 -18.49 60.10 -17.02
C ARG H 55 -17.72 60.39 -18.29
N ARG H 56 -16.42 60.66 -18.17
CA ARG H 56 -15.60 60.96 -19.34
C ARG H 56 -15.59 59.80 -20.32
N ALA H 57 -15.31 58.60 -19.82
CA ALA H 57 -15.22 57.43 -20.70
C ALA H 57 -16.56 57.14 -21.36
N THR H 58 -17.65 57.20 -20.58
CA THR H 58 -18.95 56.88 -21.13
C THR H 58 -19.39 57.91 -22.17
N GLU H 59 -19.15 59.20 -21.90
CA GLU H 59 -19.50 60.22 -22.87
C GLU H 59 -18.69 60.06 -24.15
N THR H 60 -17.39 59.76 -24.03
CA THR H 60 -16.56 59.57 -25.22
C THR H 60 -17.07 58.40 -26.05
N PHE H 61 -17.38 57.27 -25.40
CA PHE H 61 -17.83 56.10 -26.13
C PHE H 61 -19.22 56.33 -26.74
N LEU H 62 -20.11 57.01 -26.02
CA LEU H 62 -21.43 57.30 -26.55
C LEU H 62 -21.35 58.21 -27.76
N GLN H 63 -20.48 59.23 -27.71
CA GLN H 63 -20.30 60.10 -28.86
C GLN H 63 -19.72 59.33 -30.04
N ALA H 64 -18.75 58.45 -29.77
CA ALA H 64 -18.17 57.65 -30.85
C ALA H 64 -19.23 56.77 -31.50
N LEU H 65 -20.09 56.15 -30.69
CA LEU H 65 -21.18 55.35 -31.25
C LEU H 65 -22.15 56.20 -32.04
N LYS H 66 -22.48 57.39 -31.55
CA LYS H 66 -23.47 58.23 -32.21
C LYS H 66 -22.96 58.73 -33.57
N ASP H 67 -21.70 59.15 -33.63
CA ASP H 67 -21.17 59.70 -34.88
C ASP H 67 -21.05 58.63 -35.95
N ASP H 68 -20.46 57.48 -35.62
CA ASP H 68 -20.23 56.40 -36.57
C ASP H 68 -20.74 55.10 -35.97
N PRO H 69 -22.06 54.85 -36.05
CA PRO H 69 -22.59 53.59 -35.51
C PRO H 69 -22.01 52.35 -36.16
N SER H 70 -21.67 52.42 -37.45
CA SER H 70 -21.20 51.25 -38.16
C SER H 70 -19.77 50.87 -37.81
N ASP H 71 -19.07 51.70 -37.03
CA ASP H 71 -17.68 51.42 -36.69
C ASP H 71 -17.57 50.16 -35.84
N ARG H 72 -16.74 49.21 -36.30
CA ARG H 72 -16.59 47.95 -35.60
C ARG H 72 -15.74 48.10 -34.34
N ALA H 73 -14.68 48.92 -34.42
CA ALA H 73 -13.78 49.06 -33.28
C ALA H 73 -14.49 49.66 -32.08
N VAL H 74 -15.34 50.66 -32.32
CA VAL H 74 -16.08 51.28 -31.23
C VAL H 74 -17.03 50.28 -30.59
N GLN H 75 -17.68 49.44 -31.41
CA GLN H 75 -18.59 48.43 -30.87
C GLN H 75 -17.83 47.42 -30.02
N ASP H 76 -16.67 46.97 -30.48
CA ASP H 76 -15.86 46.04 -29.70
C ASP H 76 -15.39 46.68 -28.40
N ALA H 77 -14.99 47.95 -28.45
CA ALA H 77 -14.56 48.64 -27.24
C ALA H 77 -15.71 48.78 -26.24
N VAL H 78 -16.92 49.05 -26.73
CA VAL H 78 -18.07 49.17 -25.83
C VAL H 78 -18.40 47.83 -25.20
N GLU H 79 -18.32 46.76 -25.99
CA GLU H 79 -18.51 45.42 -25.42
C GLU H 79 -17.48 45.14 -24.34
N LEU H 80 -16.22 45.48 -24.59
CA LEU H 80 -15.18 45.28 -23.58
C LEU H 80 -15.44 46.13 -22.34
N VAL H 81 -15.97 47.35 -22.53
CA VAL H 81 -16.25 48.22 -21.40
C VAL H 81 -17.36 47.65 -20.53
N VAL H 82 -18.42 47.12 -21.15
CA VAL H 82 -19.49 46.49 -20.38
C VAL H 82 -18.96 45.26 -19.65
N GLY H 83 -18.14 44.46 -20.33
CA GLY H 83 -17.53 43.31 -19.69
C GLY H 83 -16.69 43.69 -18.49
N LEU H 84 -15.90 44.75 -18.62
CA LEU H 84 -15.09 45.23 -17.50
C LEU H 84 -15.95 45.77 -16.37
N ALA H 85 -17.05 46.43 -16.70
CA ALA H 85 -17.95 46.95 -15.67
C ALA H 85 -18.51 45.80 -14.83
N GLU H 86 -18.92 44.71 -15.49
CA GLU H 86 -19.37 43.55 -14.73
C GLU H 86 -18.21 42.89 -13.98
N ALA H 87 -17.05 42.81 -14.61
CA ALA H 87 -15.91 42.10 -14.04
C ALA H 87 -15.41 42.76 -12.76
N ALA H 88 -15.41 44.10 -12.72
CA ALA H 88 -14.96 44.79 -11.51
C ALA H 88 -15.83 44.44 -10.32
N GLY H 89 -17.15 44.44 -10.52
CA GLY H 89 -18.05 44.07 -9.43
C GLY H 89 -17.88 42.62 -9.01
N LEU H 90 -17.75 41.72 -9.99
CA LEU H 90 -17.56 40.31 -9.64
C LEU H 90 -16.27 40.09 -8.86
N LEU H 91 -15.19 40.75 -9.27
CA LEU H 91 -13.91 40.56 -8.60
C LEU H 91 -13.91 41.18 -7.21
N ILE H 92 -14.59 42.32 -7.04
CA ILE H 92 -14.68 42.92 -5.71
C ILE H 92 -15.51 42.05 -4.78
N ASP H 93 -16.62 41.50 -5.29
CA ASP H 93 -17.45 40.60 -4.48
C ASP H 93 -16.70 39.33 -4.14
N ALA H 94 -15.83 38.86 -5.04
CA ALA H 94 -15.11 37.61 -4.82
C ALA H 94 -14.20 37.69 -3.60
N GLY H 95 -13.55 38.83 -3.40
CA GLY H 95 -12.67 38.98 -2.27
C GLY H 95 -11.42 39.79 -2.56
N ILE H 96 -11.10 39.95 -3.84
CA ILE H 96 -9.94 40.74 -4.25
C ILE H 96 -10.16 42.18 -3.84
N PRO H 97 -9.20 42.82 -3.18
CA PRO H 97 -9.43 44.18 -2.67
C PRO H 97 -9.66 45.18 -3.79
N ALA H 98 -10.41 46.23 -3.48
CA ALA H 98 -10.70 47.29 -4.42
C ALA H 98 -9.49 48.20 -4.68
N SER H 99 -8.41 48.02 -3.94
CA SER H 99 -7.19 48.79 -4.16
C SER H 99 -6.38 48.29 -5.35
N VAL H 100 -6.67 47.10 -5.86
CA VAL H 100 -6.00 46.58 -7.04
C VAL H 100 -6.93 46.45 -8.25
N VAL H 101 -8.23 46.30 -8.04
CA VAL H 101 -9.18 46.20 -9.13
C VAL H 101 -9.52 47.56 -9.71
N LEU H 102 -9.85 48.52 -8.85
CA LEU H 102 -10.28 49.83 -9.33
C LEU H 102 -9.21 50.56 -10.14
N PRO H 103 -7.94 50.65 -9.70
CA PRO H 103 -6.93 51.29 -10.57
C PRO H 103 -6.77 50.60 -11.92
N LEU H 104 -6.79 49.26 -11.94
CA LEU H 104 -6.62 48.52 -13.18
C LEU H 104 -7.78 48.78 -14.14
N VAL H 105 -9.01 48.75 -13.62
CA VAL H 105 -10.18 49.03 -14.47
C VAL H 105 -10.16 50.47 -14.94
N GLU H 106 -9.71 51.40 -14.09
CA GLU H 106 -9.60 52.80 -14.49
C GLU H 106 -8.63 52.95 -15.66
N ARG H 107 -7.44 52.33 -15.54
CA ARG H 107 -6.46 52.43 -16.62
C ARG H 107 -6.98 51.79 -17.90
N LEU H 108 -7.63 50.63 -17.79
CA LEU H 108 -8.17 49.99 -18.98
C LEU H 108 -9.26 50.83 -19.63
N LEU H 109 -10.12 51.45 -18.81
CA LEU H 109 -11.17 52.31 -19.33
C LEU H 109 -10.58 53.51 -20.07
N LEU H 110 -9.57 54.14 -19.47
CA LEU H 110 -8.92 55.29 -20.11
C LEU H 110 -8.24 54.88 -21.42
N GLY H 111 -7.56 53.73 -21.41
CA GLY H 111 -6.91 53.27 -22.62
C GLY H 111 -7.89 52.96 -23.73
N LEU H 112 -9.02 52.33 -23.39
CA LEU H 112 -10.05 52.07 -24.38
C LEU H 112 -10.66 53.35 -24.91
N ALA H 113 -10.89 54.33 -24.03
CA ALA H 113 -11.48 55.60 -24.46
C ALA H 113 -10.55 56.35 -25.40
N ASP H 114 -9.25 56.37 -25.09
CA ASP H 114 -8.29 57.09 -25.93
C ASP H 114 -8.21 56.49 -27.33
N ASP H 115 -7.75 55.25 -27.42
CA ASP H 115 -7.63 54.56 -28.71
C ASP H 115 -8.42 53.26 -28.66
N PRO H 116 -9.63 53.23 -29.21
CA PRO H 116 -10.45 52.02 -29.12
C PRO H 116 -9.93 50.86 -29.97
N SER H 117 -8.81 51.06 -30.65
CA SER H 117 -8.25 50.03 -31.52
C SER H 117 -6.80 49.76 -31.18
N ASP H 118 -6.46 49.79 -29.89
CA ASP H 118 -5.13 49.45 -29.41
C ASP H 118 -5.16 47.98 -29.02
N HIS H 119 -4.42 47.15 -29.75
CA HIS H 119 -4.53 45.70 -29.61
C HIS H 119 -4.16 45.24 -28.21
N ARG H 120 -3.09 45.82 -27.64
CA ARG H 120 -2.64 45.39 -26.32
C ARG H 120 -3.66 45.73 -25.24
N VAL H 121 -4.31 46.89 -25.35
CA VAL H 121 -5.31 47.28 -24.36
C VAL H 121 -6.52 46.35 -24.42
N ARG H 122 -6.98 46.02 -25.62
CA ARG H 122 -8.08 45.07 -25.74
C ARG H 122 -7.68 43.69 -25.23
N ASP H 123 -6.44 43.27 -25.47
CA ASP H 123 -5.99 41.99 -24.94
C ASP H 123 -6.01 41.98 -23.42
N LEU H 124 -5.54 43.07 -22.80
CA LEU H 124 -5.56 43.14 -21.34
C LEU H 124 -6.98 43.18 -20.80
N ALA H 125 -7.88 43.90 -21.48
CA ALA H 125 -9.26 43.94 -21.03
C ALA H 125 -9.91 42.58 -21.11
N GLU H 126 -9.67 41.84 -22.21
CA GLU H 126 -10.19 40.49 -22.32
C GLU H 126 -9.56 39.56 -21.28
N LEU H 127 -8.29 39.75 -20.95
CA LEU H 127 -7.67 38.99 -19.88
C LEU H 127 -8.34 39.22 -18.53
N VAL H 128 -8.65 40.48 -18.20
CA VAL H 128 -9.34 40.77 -16.95
C VAL H 128 -10.77 40.21 -16.94
N VAL H 129 -11.50 40.33 -18.06
CA VAL H 129 -12.84 39.77 -18.12
C VAL H 129 -12.79 38.25 -17.97
N GLY H 130 -11.85 37.58 -18.64
CA GLY H 130 -11.67 36.16 -18.47
C GLY H 130 -11.27 35.75 -17.07
N LEU H 131 -10.43 36.53 -16.40
CA LEU H 131 -10.09 36.28 -15.02
C LEU H 131 -11.31 36.38 -14.11
N ALA H 132 -12.16 37.39 -14.30
CA ALA H 132 -13.38 37.47 -13.50
C ALA H 132 -14.32 36.30 -13.77
N GLU H 133 -14.46 35.91 -15.04
CA GLU H 133 -15.30 34.76 -15.36
C GLU H 133 -14.74 33.48 -14.76
N ALA H 134 -13.43 33.29 -14.80
CA ALA H 134 -12.81 32.12 -14.18
C ALA H 134 -12.97 32.12 -12.67
N ALA H 135 -12.85 33.28 -12.03
CA ALA H 135 -13.08 33.36 -10.60
C ALA H 135 -14.53 33.07 -10.23
N MET H 136 -15.48 33.47 -11.06
CA MET H 136 -16.88 33.14 -10.83
C MET H 136 -17.17 31.67 -11.07
N LEU H 137 -16.53 31.05 -12.06
CA LEU H 137 -16.74 29.64 -12.36
C LEU H 137 -16.02 28.70 -11.38
N ALA H 138 -14.93 29.15 -10.77
CA ALA H 138 -14.24 28.31 -9.79
C ALA H 138 -15.10 28.07 -8.56
N ARG H 139 -15.95 29.04 -8.20
CA ARG H 139 -16.87 28.84 -7.09
C ARG H 139 -17.89 27.77 -7.40
N ALA H 140 -18.44 27.76 -8.62
CA ALA H 140 -19.40 26.74 -9.00
C ALA H 140 -18.78 25.35 -9.00
N VAL H 141 -17.52 25.27 -9.45
CA VAL H 141 -16.76 24.02 -9.39
C VAL H 141 -16.51 23.57 -7.96
N ASN H 142 -16.87 24.42 -6.98
CA ASN H 142 -16.72 24.15 -5.55
C ASN H 142 -15.26 24.15 -5.14
N ILE H 143 -14.52 25.16 -5.58
CA ILE H 143 -13.14 25.39 -5.17
C ILE H 143 -13.16 26.43 -4.06
N PRO H 144 -12.49 26.19 -2.92
CA PRO H 144 -12.53 27.15 -1.83
C PRO H 144 -11.96 28.49 -2.23
N SER H 145 -12.51 29.55 -1.63
CA SER H 145 -12.03 30.90 -1.91
C SER H 145 -10.60 31.13 -1.47
N ALA H 146 -10.15 30.46 -0.41
CA ALA H 146 -8.84 30.68 0.16
C ALA H 146 -7.70 30.17 -0.71
N VAL H 147 -7.98 29.38 -1.74
CA VAL H 147 -6.91 28.86 -2.58
C VAL H 147 -6.86 29.61 -3.90
N TYR H 148 -8.01 30.09 -4.39
CA TYR H 148 -8.05 30.75 -5.68
C TYR H 148 -8.03 32.27 -5.60
N VAL H 149 -8.52 32.87 -4.52
CA VAL H 149 -8.47 34.32 -4.37
C VAL H 149 -7.03 34.82 -4.31
N PRO H 150 -6.12 34.19 -3.54
CA PRO H 150 -4.72 34.66 -3.56
C PRO H 150 -4.09 34.64 -4.95
N VAL H 151 -4.37 33.64 -5.77
CA VAL H 151 -3.75 33.55 -7.08
C VAL H 151 -4.25 34.67 -8.00
N VAL H 152 -5.56 34.91 -8.00
CA VAL H 152 -6.10 36.00 -8.80
C VAL H 152 -5.59 37.35 -8.28
N GLU H 153 -5.45 37.50 -6.97
CA GLU H 153 -4.88 38.72 -6.41
C GLU H 153 -3.47 38.94 -6.90
N LYS H 154 -2.64 37.88 -6.88
CA LYS H 154 -1.26 38.01 -7.34
C LYS H 154 -1.21 38.37 -8.83
N VAL H 155 -2.05 37.72 -9.63
CA VAL H 155 -2.06 37.99 -11.06
C VAL H 155 -2.47 39.43 -11.34
N LEU H 156 -3.52 39.91 -10.66
CA LEU H 156 -3.97 41.28 -10.86
C LEU H 156 -2.95 42.30 -10.37
N ARG H 157 -2.26 42.00 -9.25
CA ARG H 157 -1.20 42.90 -8.78
C ARG H 157 -0.06 42.97 -9.79
N ALA H 158 0.35 41.83 -10.34
CA ALA H 158 1.40 41.83 -11.35
C ALA H 158 0.98 42.59 -12.60
N LEU H 159 -0.28 42.43 -13.01
CA LEU H 159 -0.79 43.18 -14.16
C LEU H 159 -0.84 44.67 -13.89
N LEU H 160 -1.21 45.08 -12.67
CA LEU H 160 -1.24 46.50 -12.32
C LEU H 160 0.17 47.08 -12.27
N ALA H 161 1.15 46.28 -11.84
CA ALA H 161 2.52 46.77 -11.77
C ALA H 161 3.03 47.17 -13.15
N ASP H 162 3.08 46.21 -14.08
CA ASP H 162 3.53 46.47 -15.44
C ASP H 162 2.52 45.87 -16.41
N PRO H 163 1.74 46.67 -17.12
CA PRO H 163 0.73 46.11 -18.04
C PRO H 163 1.33 45.27 -19.16
N GLU H 164 2.54 45.59 -19.62
CA GLU H 164 3.16 44.90 -20.74
C GLU H 164 3.97 43.68 -20.31
N ASN H 165 3.95 43.34 -19.03
CA ASN H 165 4.67 42.18 -18.54
C ASN H 165 4.04 40.91 -19.12
N GLU H 166 4.83 40.14 -19.88
CA GLU H 166 4.32 38.93 -20.50
C GLU H 166 4.06 37.81 -19.51
N ARG H 167 4.84 37.74 -18.43
CA ARG H 167 4.64 36.68 -17.44
C ARG H 167 3.29 36.80 -16.75
N ALA H 168 2.86 38.02 -16.44
CA ALA H 168 1.56 38.20 -15.79
C ALA H 168 0.42 37.82 -16.73
N ARG H 169 0.52 38.18 -18.01
CA ARG H 169 -0.49 37.79 -18.98
C ARG H 169 -0.53 36.27 -19.13
N ARG H 170 0.64 35.63 -19.16
CA ARG H 170 0.69 34.18 -19.23
C ARG H 170 0.05 33.55 -18.00
N ALA H 171 0.29 34.13 -16.81
CA ALA H 171 -0.30 33.60 -15.60
C ALA H 171 -1.82 33.73 -15.60
N ALA H 172 -2.33 34.87 -16.08
CA ALA H 172 -3.77 35.03 -16.19
C ALA H 172 -4.38 34.01 -17.15
N ARG H 173 -3.76 33.83 -18.31
CA ARG H 173 -4.25 32.86 -19.27
C ARG H 173 -4.20 31.44 -18.69
N ARG H 174 -3.16 31.12 -17.93
CA ARG H 174 -3.07 29.82 -17.28
C ARG H 174 -4.11 29.61 -16.20
N VAL H 175 -4.47 30.65 -15.45
CA VAL H 175 -5.56 30.51 -14.47
C VAL H 175 -6.87 30.21 -15.19
N VAL H 176 -7.14 30.92 -16.29
CA VAL H 176 -8.36 30.66 -17.04
C VAL H 176 -8.35 29.22 -17.58
N GLU H 177 -7.20 28.77 -18.10
CA GLU H 177 -7.09 27.41 -18.58
C GLU H 177 -7.27 26.39 -17.47
N LEU H 178 -6.81 26.68 -16.25
CA LEU H 178 -7.02 25.75 -15.14
C LEU H 178 -8.50 25.61 -14.82
N VAL H 179 -9.24 26.72 -14.79
CA VAL H 179 -10.68 26.62 -14.54
C VAL H 179 -11.37 25.85 -15.66
N LEU H 180 -11.00 26.11 -16.91
CA LEU H 180 -11.59 25.37 -18.02
C LEU H 180 -11.23 23.88 -17.97
N ALA H 181 -10.02 23.54 -17.53
CA ALA H 181 -9.67 22.13 -17.37
C ALA H 181 -10.46 21.47 -16.25
N ALA H 182 -10.75 22.22 -15.19
CA ALA H 182 -11.64 21.69 -14.15
C ALA H 182 -13.03 21.40 -14.72
N ALA H 183 -13.55 22.31 -15.55
CA ALA H 183 -14.82 22.05 -16.21
C ALA H 183 -14.76 20.83 -17.12
N ARG H 184 -13.65 20.67 -17.85
CA ARG H 184 -13.49 19.49 -18.71
C ARG H 184 -13.43 18.20 -17.90
N LEU H 185 -12.75 18.22 -16.76
CA LEU H 185 -12.71 17.05 -15.88
C LEU H 185 -14.10 16.73 -15.36
N LEU H 186 -14.89 17.74 -15.01
CA LEU H 186 -16.28 17.50 -14.63
C LEU H 186 -17.04 16.85 -15.77
N ALA H 187 -16.82 17.32 -17.00
CA ALA H 187 -17.51 16.73 -18.15
C ALA H 187 -17.06 15.29 -18.41
N LEU H 188 -15.84 14.93 -18.04
CA LEU H 188 -15.34 13.58 -18.31
C LEU H 188 -15.99 12.53 -17.42
N GLY H 189 -16.56 12.91 -16.29
CA GLY H 189 -17.17 11.97 -15.37
C GLY H 189 -16.50 11.88 -14.01
N VAL H 190 -15.49 12.67 -13.74
CA VAL H 190 -14.87 12.68 -12.40
C VAL H 190 -15.84 13.30 -11.41
N PRO H 191 -16.00 12.75 -10.22
CA PRO H 191 -16.89 13.35 -9.22
C PRO H 191 -16.43 14.76 -8.85
N PRO H 192 -17.36 15.64 -8.50
CA PRO H 192 -16.97 17.03 -8.19
C PRO H 192 -15.97 17.15 -7.05
N HIS H 193 -16.02 16.24 -6.07
CA HIS H 193 -15.10 16.33 -4.94
C HIS H 193 -13.66 16.09 -5.37
N ALA H 194 -13.43 15.08 -6.21
CA ALA H 194 -12.08 14.82 -6.69
C ALA H 194 -11.57 15.96 -7.55
N VAL H 195 -12.42 16.53 -8.40
CA VAL H 195 -12.03 17.67 -9.22
C VAL H 195 -11.66 18.84 -8.33
N ALA H 196 -12.46 19.12 -7.31
CA ALA H 196 -12.16 20.22 -6.40
C ALA H 196 -10.83 20.00 -5.69
N ASP H 197 -10.58 18.77 -5.23
CA ASP H 197 -9.32 18.48 -4.55
C ASP H 197 -8.12 18.67 -5.48
N ALA H 198 -8.20 18.14 -6.69
CA ALA H 198 -7.06 18.23 -7.61
C ALA H 198 -6.79 19.67 -8.01
N VAL H 199 -7.83 20.43 -8.36
CA VAL H 199 -7.60 21.80 -8.77
C VAL H 199 -7.21 22.68 -7.59
N SER H 200 -7.64 22.35 -6.37
CA SER H 200 -7.16 23.07 -5.21
C SER H 200 -5.67 22.84 -4.98
N LEU H 201 -5.20 21.59 -5.16
CA LEU H 201 -3.77 21.33 -5.09
C LEU H 201 -3.02 22.13 -6.16
N THR H 202 -3.56 22.18 -7.37
CA THR H 202 -2.92 22.93 -8.44
C THR H 202 -2.84 24.42 -8.11
N PHE H 203 -3.92 24.98 -7.56
CA PHE H 203 -3.91 26.38 -7.15
C PHE H 203 -2.90 26.64 -6.04
N ARG H 204 -2.82 25.72 -5.06
CA ARG H 204 -1.85 25.88 -3.98
C ARG H 204 -0.43 25.91 -4.53
N ARG H 205 -0.12 25.03 -5.49
CA ARG H 205 1.21 25.07 -6.08
C ARG H 205 1.42 26.30 -6.94
N MET H 206 0.39 26.75 -7.65
CA MET H 206 0.52 27.95 -8.48
C MET H 206 0.75 29.20 -7.62
N LEU H 207 0.32 29.15 -6.35
CA LEU H 207 0.57 30.29 -5.47
C LEU H 207 2.05 30.60 -5.35
N THR H 208 2.89 29.57 -5.27
CA THR H 208 4.33 29.78 -5.10
C THR H 208 5.08 29.68 -6.42
N ASP H 209 4.96 28.53 -7.09
CA ASP H 209 5.73 28.24 -8.30
C ASP H 209 5.09 28.91 -9.52
N PRO H 210 5.81 29.81 -10.20
CA PRO H 210 5.23 30.53 -11.35
C PRO H 210 4.74 29.62 -12.48
N ASP H 211 5.47 28.55 -12.78
CA ASP H 211 5.09 27.69 -13.90
C ASP H 211 4.40 26.42 -13.41
N ALA H 212 3.64 26.53 -12.33
CA ALA H 212 2.88 25.39 -11.82
C ALA H 212 1.40 25.56 -12.08
N ASN I 25 9.79 -21.83 20.83
CA ASN I 25 8.36 -21.82 21.06
C ASN I 25 7.79 -23.21 20.80
N PRO I 26 6.83 -23.67 21.63
CA PRO I 26 6.33 -25.04 21.52
C PRO I 26 5.86 -25.42 20.11
N GLU I 27 5.21 -24.49 19.41
CA GLU I 27 4.79 -24.77 18.04
C GLU I 27 5.99 -24.84 17.09
N ASP I 28 6.96 -23.94 17.28
CA ASP I 28 8.17 -24.00 16.47
C ASP I 28 8.94 -25.30 16.73
N VAL I 29 9.05 -25.69 18.00
CA VAL I 29 9.68 -26.96 18.32
C VAL I 29 8.90 -28.11 17.70
N ALA I 30 7.57 -28.01 17.68
CA ALA I 30 6.75 -29.06 17.06
C ALA I 30 7.04 -29.18 15.56
N GLU I 31 7.16 -28.06 14.87
CA GLU I 31 7.46 -28.10 13.44
C GLU I 31 8.85 -28.68 13.18
N HIS I 32 9.84 -28.22 13.95
CA HIS I 32 11.19 -28.77 13.82
C HIS I 32 11.19 -30.27 14.10
N LEU I 33 10.42 -30.70 15.09
CA LEU I 33 10.35 -32.11 15.43
C LEU I 33 9.65 -32.91 14.36
N GLN I 34 8.67 -32.32 13.66
CA GLN I 34 8.06 -33.00 12.53
C GLN I 34 9.08 -33.24 11.43
N GLU I 35 9.90 -32.22 11.13
CA GLU I 35 10.94 -32.41 10.11
C GLU I 35 11.95 -33.48 10.55
N ARG I 36 12.41 -33.41 11.79
CA ARG I 36 13.36 -34.40 12.28
C ARG I 36 12.72 -35.79 12.34
N LEU I 37 11.40 -35.86 12.52
CA LEU I 37 10.72 -37.15 12.55
C LEU I 37 10.65 -37.77 11.17
N GLU I 38 10.42 -36.94 10.14
CA GLU I 38 10.52 -37.45 8.77
C GLU I 38 11.93 -37.96 8.48
N LYS I 39 12.95 -37.21 8.91
CA LYS I 39 14.32 -37.67 8.73
C LYS I 39 14.57 -38.98 9.48
N ALA I 40 14.03 -39.10 10.70
CA ALA I 40 14.20 -40.31 11.49
C ALA I 40 13.51 -41.50 10.83
N ARG I 41 12.33 -41.27 10.23
CA ARG I 41 11.67 -42.34 9.48
C ARG I 41 12.55 -42.81 8.33
N HIS I 42 13.14 -41.86 7.60
CA HIS I 42 14.03 -42.25 6.50
C HIS I 42 15.21 -43.07 7.02
N LEU I 43 15.82 -42.62 8.12
CA LEU I 43 16.97 -43.34 8.68
C LEU I 43 16.59 -44.74 9.14
N LEU I 44 15.45 -44.87 9.81
CA LEU I 44 15.01 -46.18 10.29
C LEU I 44 14.70 -47.11 9.13
N LEU I 45 14.08 -46.59 8.06
CA LEU I 45 13.84 -47.42 6.88
C LEU I 45 15.15 -47.85 6.24
N ASP I 46 16.14 -46.96 6.21
CA ASP I 46 17.44 -47.34 5.65
C ASP I 46 18.15 -48.37 6.51
N ALA I 47 17.94 -48.33 7.83
CA ALA I 47 18.63 -49.26 8.73
C ALA I 47 18.22 -50.70 8.48
N GLY I 48 16.94 -50.95 8.26
CA GLY I 48 16.47 -52.31 8.01
C GLY I 48 15.24 -52.68 8.79
N LEU I 49 14.66 -51.72 9.51
CA LEU I 49 13.45 -51.98 10.27
C LEU I 49 12.28 -52.22 9.32
N PRO I 50 11.29 -53.02 9.71
CA PRO I 50 10.11 -53.22 8.86
C PRO I 50 9.38 -51.91 8.63
N GLU I 51 8.79 -51.78 7.43
CA GLU I 51 8.12 -50.55 7.05
C GLU I 51 6.91 -50.27 7.94
N GLU I 52 6.16 -51.32 8.30
CA GLU I 52 4.91 -51.12 9.04
C GLU I 52 5.15 -50.52 10.42
N VAL I 53 6.15 -51.03 11.14
CA VAL I 53 6.41 -50.55 12.49
C VAL I 53 6.83 -49.08 12.48
N VAL I 54 7.76 -48.75 11.58
CA VAL I 54 8.22 -47.36 11.47
C VAL I 54 7.07 -46.45 11.08
N ARG I 55 6.25 -46.87 10.12
CA ARG I 55 5.11 -46.07 9.69
C ARG I 55 4.16 -45.82 10.86
N ARG I 56 3.84 -46.88 11.61
CA ARG I 56 2.92 -46.76 12.74
C ARG I 56 3.45 -45.80 13.79
N ALA I 57 4.70 -46.00 14.22
CA ALA I 57 5.26 -45.14 15.25
C ALA I 57 5.33 -43.69 14.77
N THR I 58 5.75 -43.49 13.52
CA THR I 58 5.90 -42.12 13.03
C THR I 58 4.55 -41.42 12.91
N GLU I 59 3.52 -42.11 12.41
CA GLU I 59 2.21 -41.48 12.30
C GLU I 59 1.64 -41.17 13.66
N THR I 60 1.83 -42.08 14.63
CA THR I 60 1.34 -41.83 15.98
C THR I 60 2.01 -40.60 16.57
N PHE I 61 3.33 -40.50 16.41
CA PHE I 61 4.04 -39.36 16.99
C PHE I 61 3.69 -38.05 16.28
N LEU I 62 3.53 -38.09 14.95
CA LEU I 62 3.14 -36.90 14.22
C LEU I 62 1.75 -36.43 14.64
N GLN I 63 0.81 -37.37 14.82
CA GLN I 63 -0.52 -37.01 15.27
C GLN I 63 -0.47 -36.41 16.68
N ALA I 64 0.34 -37.01 17.55
CA ALA I 64 0.46 -36.48 18.91
C ALA I 64 1.02 -35.05 18.89
N LEU I 65 2.01 -34.81 18.03
CA LEU I 65 2.55 -33.45 17.91
C LEU I 65 1.52 -32.48 17.36
N LYS I 66 0.74 -32.92 16.36
CA LYS I 66 -0.22 -32.03 15.72
C LYS I 66 -1.35 -31.65 16.67
N ASP I 67 -1.87 -32.63 17.42
CA ASP I 67 -3.00 -32.35 18.30
C ASP I 67 -2.61 -31.42 19.43
N ASP I 68 -1.51 -31.70 20.11
CA ASP I 68 -1.04 -30.92 21.26
C ASP I 68 0.43 -30.58 21.07
N PRO I 69 0.73 -29.54 20.28
CA PRO I 69 2.14 -29.17 20.08
C PRO I 69 2.85 -28.77 21.37
N SER I 70 2.13 -28.20 22.33
CA SER I 70 2.75 -27.72 23.56
C SER I 70 3.12 -28.84 24.51
N ASP I 71 2.71 -30.08 24.23
CA ASP I 71 2.98 -31.21 25.12
C ASP I 71 4.48 -31.46 25.21
N ARG I 72 5.00 -31.48 26.43
CA ARG I 72 6.43 -31.68 26.64
C ARG I 72 6.82 -33.14 26.45
N ALA I 73 5.98 -34.06 26.91
CA ALA I 73 6.32 -35.48 26.85
C ALA I 73 6.45 -35.94 25.40
N VAL I 74 5.55 -35.49 24.53
CA VAL I 74 5.63 -35.85 23.12
C VAL I 74 6.91 -35.33 22.51
N GLN I 75 7.31 -34.10 22.86
CA GLN I 75 8.53 -33.53 22.32
C GLN I 75 9.75 -34.32 22.77
N ASP I 76 9.80 -34.70 24.05
CA ASP I 76 10.91 -35.51 24.55
C ASP I 76 10.93 -36.88 23.86
N ALA I 77 9.75 -37.47 23.65
CA ALA I 77 9.69 -38.75 22.97
C ALA I 77 10.19 -38.65 21.53
N VAL I 78 9.88 -37.54 20.85
CA VAL I 78 10.33 -37.36 19.47
C VAL I 78 11.84 -37.17 19.43
N GLU I 79 12.39 -36.40 20.37
CA GLU I 79 13.84 -36.32 20.50
C GLU I 79 14.46 -37.70 20.70
N LEU I 80 13.86 -38.52 21.57
CA LEU I 80 14.40 -39.86 21.80
C LEU I 80 14.29 -40.72 20.54
N VAL I 81 13.21 -40.56 19.78
CA VAL I 81 13.02 -41.34 18.57
C VAL I 81 14.07 -40.97 17.51
N VAL I 82 14.34 -39.69 17.35
CA VAL I 82 15.38 -39.26 16.39
C VAL I 82 16.74 -39.76 16.85
N GLY I 83 17.03 -39.65 18.14
CA GLY I 83 18.28 -40.17 18.67
C GLY I 83 18.43 -41.65 18.42
N LEU I 84 17.36 -42.42 18.61
CA LEU I 84 17.39 -43.86 18.35
C LEU I 84 17.57 -44.15 16.86
N ALA I 85 16.94 -43.35 16.00
CA ALA I 85 17.10 -43.56 14.56
C ALA I 85 18.55 -43.37 14.15
N GLU I 86 19.22 -42.36 14.68
CA GLU I 86 20.64 -42.19 14.40
C GLU I 86 21.47 -43.30 15.04
N ALA I 87 21.12 -43.69 16.28
CA ALA I 87 21.90 -44.65 17.03
C ALA I 87 21.88 -46.02 16.38
N ALA I 88 20.74 -46.42 15.81
CA ALA I 88 20.66 -47.72 15.15
C ALA I 88 21.64 -47.79 13.99
N GLY I 89 21.68 -46.74 13.17
CA GLY I 89 22.62 -46.71 12.05
C GLY I 89 24.06 -46.70 12.52
N LEU I 90 24.38 -45.89 13.54
CA LEU I 90 25.74 -45.85 14.05
C LEU I 90 26.17 -47.20 14.59
N LEU I 91 25.28 -47.89 15.32
CA LEU I 91 25.63 -49.17 15.92
C LEU I 91 25.77 -50.26 14.86
N ILE I 92 24.92 -50.23 13.83
CA ILE I 92 25.05 -51.20 12.75
C ILE I 92 26.35 -50.98 11.98
N ASP I 93 26.70 -49.72 11.72
CA ASP I 93 27.96 -49.42 11.04
C ASP I 93 29.16 -49.82 11.90
N ALA I 94 29.04 -49.67 13.23
CA ALA I 94 30.17 -49.95 14.10
C ALA I 94 30.58 -51.41 14.04
N GLY I 95 29.62 -52.32 13.87
CA GLY I 95 29.94 -53.73 13.77
C GLY I 95 28.98 -54.64 14.49
N ILE I 96 28.19 -54.09 15.40
CA ILE I 96 27.20 -54.85 16.15
C ILE I 96 26.16 -55.39 15.17
N PRO I 97 25.82 -56.68 15.21
CA PRO I 97 24.91 -57.24 14.21
C PRO I 97 23.52 -56.61 14.30
N ALA I 98 22.84 -56.58 13.17
CA ALA I 98 21.49 -56.05 13.07
C ALA I 98 20.45 -56.96 13.71
N SER I 99 20.83 -58.16 14.11
CA SER I 99 19.92 -59.07 14.80
C SER I 99 19.74 -58.72 16.28
N VAL I 100 20.59 -57.87 16.83
CA VAL I 100 20.44 -57.42 18.21
C VAL I 100 20.06 -55.95 18.31
N VAL I 101 20.38 -55.13 17.31
CA VAL I 101 20.02 -53.71 17.34
C VAL I 101 18.59 -53.50 16.88
N LEU I 102 18.20 -54.10 15.76
CA LEU I 102 16.87 -53.86 15.21
C LEU I 102 15.74 -54.30 16.13
N PRO I 103 15.74 -55.50 16.74
CA PRO I 103 14.68 -55.82 17.70
C PRO I 103 14.61 -54.85 18.87
N LEU I 104 15.76 -54.43 19.40
CA LEU I 104 15.78 -53.51 20.53
C LEU I 104 15.19 -52.16 20.14
N VAL I 105 15.59 -51.63 18.99
CA VAL I 105 15.05 -50.35 18.54
C VAL I 105 13.57 -50.47 18.24
N GLU I 106 13.13 -51.62 17.70
CA GLU I 106 11.71 -51.84 17.45
C GLU I 106 10.91 -51.78 18.75
N ARG I 107 11.38 -52.50 19.77
CA ARG I 107 10.67 -52.51 21.05
C ARG I 107 10.68 -51.11 21.68
N LEU I 108 11.80 -50.41 21.61
CA LEU I 108 11.86 -49.06 22.17
C LEU I 108 10.91 -48.11 21.45
N LEU I 109 10.85 -48.20 20.11
CA LEU I 109 9.95 -47.34 19.35
C LEU I 109 8.49 -47.64 19.70
N LEU I 110 8.14 -48.93 19.80
CA LEU I 110 6.77 -49.28 20.14
C LEU I 110 6.42 -48.79 21.54
N GLY I 111 7.33 -48.96 22.50
CA GLY I 111 7.08 -48.51 23.85
C GLY I 111 6.91 -47.00 23.93
N LEU I 112 7.74 -46.25 23.19
CA LEU I 112 7.61 -44.80 23.17
C LEU I 112 6.29 -44.38 22.52
N ALA I 113 5.89 -45.07 21.44
CA ALA I 113 4.65 -44.73 20.77
C ALA I 113 3.45 -44.99 21.67
N ASP I 114 3.44 -46.11 22.39
CA ASP I 114 2.32 -46.45 23.26
C ASP I 114 2.16 -45.42 24.38
N ASP I 115 3.15 -45.32 25.25
CA ASP I 115 3.13 -44.36 26.36
C ASP I 115 4.36 -43.48 26.29
N PRO I 116 4.25 -42.25 25.78
CA PRO I 116 5.43 -41.39 25.63
C PRO I 116 5.98 -40.88 26.96
N SER I 117 5.36 -41.27 28.08
CA SER I 117 5.75 -40.79 29.39
C SER I 117 6.02 -41.97 30.33
N ASP I 118 6.59 -43.04 29.80
CA ASP I 118 6.97 -44.20 30.59
C ASP I 118 8.46 -44.05 30.92
N HIS I 119 8.76 -43.83 32.21
CA HIS I 119 10.10 -43.42 32.61
C HIS I 119 11.15 -44.47 32.24
N ARG I 120 10.81 -45.75 32.44
CA ARG I 120 11.78 -46.81 32.17
C ARG I 120 12.12 -46.89 30.68
N VAL I 121 11.12 -46.73 29.83
CA VAL I 121 11.35 -46.79 28.38
C VAL I 121 12.25 -45.64 27.93
N ARG I 122 12.00 -44.43 28.44
CA ARG I 122 12.86 -43.30 28.11
C ARG I 122 14.28 -43.52 28.63
N ASP I 123 14.41 -44.08 29.83
CA ASP I 123 15.74 -44.37 30.37
C ASP I 123 16.48 -45.36 29.48
N LEU I 124 15.80 -46.40 29.02
CA LEU I 124 16.44 -47.38 28.14
C LEU I 124 16.82 -46.75 26.80
N ALA I 125 15.96 -45.91 26.25
CA ALA I 125 16.27 -45.24 24.99
C ALA I 125 17.48 -44.33 25.13
N GLU I 126 17.54 -43.57 26.22
CA GLU I 126 18.72 -42.74 26.48
C GLU I 126 19.97 -43.58 26.69
N LEU I 127 19.85 -44.74 27.34
CA LEU I 127 20.98 -45.65 27.47
C LEU I 127 21.49 -46.13 26.12
N VAL I 128 20.60 -46.50 25.21
CA VAL I 128 21.01 -46.92 23.88
C VAL I 128 21.66 -45.77 23.09
N VAL I 129 21.09 -44.57 23.16
CA VAL I 129 21.68 -43.43 22.48
C VAL I 129 23.07 -43.11 23.04
N GLY I 130 23.22 -43.14 24.36
CA GLY I 130 24.52 -42.97 24.97
C GLY I 130 25.51 -44.05 24.62
N LEU I 131 25.06 -45.31 24.50
CA LEU I 131 25.93 -46.38 24.04
C LEU I 131 26.41 -46.14 22.62
N ALA I 132 25.53 -45.68 21.72
CA ALA I 132 25.96 -45.38 20.37
C ALA I 132 26.95 -44.22 20.33
N GLU I 133 26.71 -43.18 21.13
CA GLU I 133 27.65 -42.07 21.19
C GLU I 133 29.00 -42.51 21.74
N ALA I 134 29.00 -43.35 22.78
CA ALA I 134 30.24 -43.88 23.32
C ALA I 134 30.97 -44.74 22.32
N ALA I 135 30.24 -45.55 21.54
CA ALA I 135 30.87 -46.34 20.48
C ALA I 135 31.48 -45.48 19.40
N MET I 136 30.83 -44.37 19.04
CA MET I 136 31.40 -43.47 18.04
C MET I 136 32.55 -42.64 18.58
N LEU I 137 32.60 -42.38 19.89
CA LEU I 137 33.71 -41.65 20.49
C LEU I 137 34.90 -42.54 20.81
N ALA I 138 34.68 -43.83 21.06
CA ALA I 138 35.81 -44.74 21.28
C ALA I 138 36.67 -44.86 20.04
N ARG I 139 36.07 -44.78 18.85
CA ARG I 139 36.85 -44.79 17.62
C ARG I 139 37.69 -43.52 17.50
N ALA I 140 37.14 -42.37 17.88
CA ALA I 140 37.86 -41.11 17.76
C ALA I 140 39.09 -41.09 18.66
N VAL I 141 38.96 -41.61 19.89
CA VAL I 141 40.09 -41.69 20.80
C VAL I 141 41.03 -42.84 20.46
N ASN I 142 40.81 -43.50 19.32
CA ASN I 142 41.70 -44.51 18.76
C ASN I 142 41.73 -45.78 19.60
N ILE I 143 40.55 -46.28 19.97
CA ILE I 143 40.41 -47.58 20.61
C ILE I 143 40.06 -48.59 19.52
N PRO I 144 40.76 -49.74 19.45
CA PRO I 144 40.47 -50.70 18.39
C PRO I 144 39.05 -51.23 18.47
N SER I 145 38.50 -51.56 17.30
CA SER I 145 37.13 -52.08 17.24
C SER I 145 36.98 -53.43 17.92
N ALA I 146 38.02 -54.26 17.89
CA ALA I 146 37.96 -55.62 18.40
C ALA I 146 37.87 -55.70 19.93
N VAL I 147 38.10 -54.60 20.64
CA VAL I 147 38.03 -54.64 22.09
C VAL I 147 36.73 -54.00 22.58
N TYR I 148 36.22 -53.00 21.86
CA TYR I 148 35.03 -52.30 22.30
C TYR I 148 33.75 -52.82 21.68
N VAL I 149 33.80 -53.37 20.46
CA VAL I 149 32.60 -53.93 19.84
C VAL I 149 32.06 -55.12 20.63
N PRO I 150 32.90 -56.07 21.09
CA PRO I 150 32.34 -57.16 21.91
C PRO I 150 31.62 -56.70 23.16
N VAL I 151 32.12 -55.66 23.84
CA VAL I 151 31.49 -55.21 25.08
C VAL I 151 30.12 -54.59 24.79
N VAL I 152 30.04 -53.76 23.75
CA VAL I 152 28.75 -53.17 23.38
C VAL I 152 27.79 -54.25 22.91
N GLU I 153 28.28 -55.26 22.20
CA GLU I 153 27.43 -56.37 21.79
C GLU I 153 26.87 -57.11 23.00
N LYS I 154 27.72 -57.39 24.00
CA LYS I 154 27.26 -58.08 25.19
C LYS I 154 26.22 -57.25 25.93
N VAL I 155 26.46 -55.95 26.07
CA VAL I 155 25.53 -55.08 26.78
C VAL I 155 24.19 -55.03 26.07
N LEU I 156 24.21 -54.88 24.74
CA LEU I 156 22.97 -54.83 23.99
C LEU I 156 22.23 -56.16 24.01
N ARG I 157 22.95 -57.28 23.98
CA ARG I 157 22.29 -58.59 24.10
C ARG I 157 21.63 -58.75 25.45
N ALA I 158 22.33 -58.34 26.52
CA ALA I 158 21.74 -58.41 27.86
C ALA I 158 20.51 -57.52 27.97
N LEU I 159 20.56 -56.32 27.38
CA LEU I 159 19.40 -55.44 27.38
C LEU I 159 18.24 -56.00 26.57
N LEU I 160 18.53 -56.67 25.46
CA LEU I 160 17.47 -57.28 24.66
C LEU I 160 16.84 -58.47 25.38
N ALA I 161 17.65 -59.20 26.16
CA ALA I 161 17.12 -60.33 26.91
C ALA I 161 16.05 -59.89 27.89
N ASP I 162 16.42 -59.05 28.85
CA ASP I 162 15.49 -58.53 29.85
C ASP I 162 15.66 -57.02 29.95
N PRO I 163 14.70 -56.22 29.48
CA PRO I 163 14.84 -54.77 29.54
C PRO I 163 14.97 -54.22 30.94
N GLU I 164 14.34 -54.84 31.93
CA GLU I 164 14.33 -54.35 33.30
C GLU I 164 15.52 -54.86 34.12
N ASN I 165 16.42 -55.60 33.51
CA ASN I 165 17.61 -56.07 34.22
C ASN I 165 18.49 -54.89 34.60
N GLU I 166 18.74 -54.74 35.91
CA GLU I 166 19.54 -53.61 36.38
C GLU I 166 21.02 -53.77 36.05
N ARG I 167 21.52 -55.01 35.99
CA ARG I 167 22.94 -55.20 35.70
C ARG I 167 23.29 -54.76 34.30
N ALA I 168 22.42 -55.01 33.33
CA ALA I 168 22.69 -54.59 31.95
C ALA I 168 22.69 -53.07 31.83
N ARG I 169 21.75 -52.40 32.50
CA ARG I 169 21.74 -50.94 32.50
C ARG I 169 23.00 -50.38 33.17
N ARG I 170 23.42 -51.00 34.27
CA ARG I 170 24.65 -50.59 34.93
C ARG I 170 25.85 -50.77 34.01
N ALA I 171 25.89 -51.87 33.26
CA ALA I 171 27.00 -52.11 32.33
C ALA I 171 27.02 -51.07 31.22
N ALA I 172 25.85 -50.73 30.68
CA ALA I 172 25.79 -49.69 29.65
C ALA I 172 26.28 -48.36 30.18
N ARG I 173 25.82 -47.97 31.37
CA ARG I 173 26.27 -46.73 31.97
C ARG I 173 27.76 -46.74 32.25
N ARG I 174 28.31 -47.87 32.69
CA ARG I 174 29.75 -47.98 32.91
C ARG I 174 30.55 -47.89 31.63
N VAL I 175 30.05 -48.42 30.52
CA VAL I 175 30.73 -48.26 29.24
C VAL I 175 30.78 -46.78 28.85
N VAL I 176 29.65 -46.08 29.01
CA VAL I 176 29.62 -44.66 28.71
C VAL I 176 30.60 -43.89 29.59
N GLU I 177 30.62 -44.21 30.89
CA GLU I 177 31.56 -43.58 31.81
C GLU I 177 33.01 -43.89 31.46
N LEU I 178 33.31 -45.09 30.97
CA LEU I 178 34.68 -45.39 30.57
C LEU I 178 35.10 -44.54 29.38
N VAL I 179 34.21 -44.36 28.40
CA VAL I 179 34.58 -43.51 27.27
C VAL I 179 34.77 -42.06 27.71
N LEU I 180 33.88 -41.57 28.59
CA LEU I 180 34.06 -40.22 29.12
C LEU I 180 35.34 -40.08 29.94
N ALA I 181 35.73 -41.11 30.68
CA ALA I 181 37.00 -41.07 31.41
C ALA I 181 38.19 -41.06 30.46
N ALA I 182 38.09 -41.76 29.33
CA ALA I 182 39.14 -41.67 28.32
C ALA I 182 39.26 -40.25 27.79
N ALA I 183 38.13 -39.60 27.53
CA ALA I 183 38.15 -38.20 27.12
C ALA I 183 38.78 -37.31 28.19
N ARG I 184 38.45 -37.56 29.46
CA ARG I 184 39.05 -36.79 30.55
C ARG I 184 40.55 -37.01 30.64
N LEU I 185 41.02 -38.25 30.44
CA LEU I 185 42.45 -38.52 30.42
C LEU I 185 43.14 -37.79 29.28
N LEU I 186 42.50 -37.73 28.10
CA LEU I 186 43.03 -36.92 27.02
C LEU I 186 43.13 -35.46 27.43
N ALA I 187 42.10 -34.95 28.11
CA ALA I 187 42.12 -33.56 28.56
C ALA I 187 43.19 -33.31 29.60
N LEU I 188 43.56 -34.32 30.40
CA LEU I 188 44.56 -34.14 31.44
C LEU I 188 45.96 -33.97 30.91
N GLY I 189 46.22 -34.42 29.67
CA GLY I 189 47.55 -34.31 29.09
C GLY I 189 48.22 -35.63 28.79
N VAL I 190 47.57 -36.77 29.02
CA VAL I 190 48.16 -38.07 28.68
C VAL I 190 48.20 -38.20 27.16
N PRO I 191 49.29 -38.71 26.58
CA PRO I 191 49.34 -38.90 25.13
C PRO I 191 48.27 -39.86 24.66
N PRO I 192 47.75 -39.68 23.44
CA PRO I 192 46.67 -40.55 22.96
C PRO I 192 46.99 -42.03 22.96
N HIS I 193 48.23 -42.40 22.68
CA HIS I 193 48.59 -43.82 22.64
C HIS I 193 48.45 -44.47 24.02
N ALA I 194 48.91 -43.78 25.06
CA ALA I 194 48.78 -44.32 26.42
C ALA I 194 47.32 -44.45 26.84
N VAL I 195 46.51 -43.45 26.50
CA VAL I 195 45.08 -43.52 26.80
C VAL I 195 44.45 -44.71 26.08
N ALA I 196 44.78 -44.88 24.80
CA ALA I 196 44.23 -46.01 24.05
C ALA I 196 44.62 -47.34 24.67
N ASP I 197 45.89 -47.47 25.07
CA ASP I 197 46.34 -48.73 25.68
C ASP I 197 45.62 -49.00 26.99
N ALA I 198 45.52 -48.01 27.87
CA ALA I 198 44.89 -48.22 29.17
C ALA I 198 43.41 -48.55 29.02
N VAL I 199 42.69 -47.79 28.21
CA VAL I 199 41.26 -48.06 28.05
C VAL I 199 41.03 -49.36 27.28
N SER I 200 41.94 -49.76 26.40
CA SER I 200 41.83 -51.07 25.76
C SER I 200 41.99 -52.20 26.77
N LEU I 201 42.93 -52.06 27.71
CA LEU I 201 43.03 -53.05 28.78
C LEU I 201 41.75 -53.10 29.61
N THR I 202 41.19 -51.93 29.92
CA THR I 202 39.95 -51.90 30.70
C THR I 202 38.80 -52.58 29.94
N PHE I 203 38.69 -52.35 28.64
CA PHE I 203 37.67 -53.01 27.84
C PHE I 203 37.89 -54.52 27.79
N ARG I 204 39.14 -54.95 27.66
CA ARG I 204 39.44 -56.38 27.66
C ARG I 204 38.99 -57.02 28.97
N ARG I 205 39.23 -56.35 30.10
CA ARG I 205 38.78 -56.91 31.37
C ARG I 205 37.26 -56.84 31.52
N MET I 206 36.61 -55.80 31.01
CA MET I 206 35.14 -55.77 31.06
C MET I 206 34.54 -56.90 30.25
N LEU I 207 35.24 -57.36 29.20
CA LEU I 207 34.71 -58.45 28.40
C LEU I 207 34.41 -59.68 29.25
N THR I 208 35.25 -59.97 30.24
CA THR I 208 35.04 -61.14 31.08
C THR I 208 34.40 -60.77 32.42
N ASP I 209 35.04 -59.90 33.18
CA ASP I 209 34.62 -59.53 34.52
C ASP I 209 33.53 -58.46 34.46
N PRO I 210 32.35 -58.72 35.02
CA PRO I 210 31.28 -57.72 35.00
C PRO I 210 31.64 -56.42 35.72
N ASP I 211 32.14 -56.53 36.95
CA ASP I 211 32.48 -55.35 37.74
C ASP I 211 33.91 -54.88 37.47
N ALA I 212 34.26 -54.77 36.20
CA ALA I 212 35.58 -54.32 35.79
C ALA I 212 35.49 -53.07 34.92
N ASN J 25 -41.83 55.96 -26.52
CA ASN J 25 -42.12 57.36 -26.20
C ASN J 25 -42.56 57.47 -24.73
N PRO J 26 -42.11 58.52 -24.02
CA PRO J 26 -42.37 58.61 -22.57
C PRO J 26 -43.83 58.46 -22.19
N GLU J 27 -44.74 59.03 -22.97
CA GLU J 27 -46.16 58.89 -22.68
C GLU J 27 -46.64 57.46 -22.91
N ASP J 28 -46.17 56.82 -23.99
CA ASP J 28 -46.53 55.42 -24.23
C ASP J 28 -45.97 54.53 -23.13
N VAL J 29 -44.73 54.76 -22.71
CA VAL J 29 -44.16 54.01 -21.59
C VAL J 29 -44.96 54.25 -20.33
N ALA J 30 -45.45 55.48 -20.13
CA ALA J 30 -46.27 55.76 -18.96
C ALA J 30 -47.57 54.97 -18.98
N GLU J 31 -48.21 54.89 -20.15
CA GLU J 31 -49.45 54.12 -20.25
C GLU J 31 -49.21 52.64 -20.02
N HIS J 32 -48.15 52.10 -20.61
CA HIS J 32 -47.81 50.70 -20.40
C HIS J 32 -47.51 50.43 -18.94
N LEU J 33 -46.80 51.36 -18.28
CA LEU J 33 -46.48 51.20 -16.88
C LEU J 33 -47.71 51.31 -16.00
N GLN J 34 -48.70 52.12 -16.40
CA GLN J 34 -49.97 52.14 -15.67
C GLN J 34 -50.66 50.78 -15.74
N GLU J 35 -50.70 50.19 -16.93
CA GLU J 35 -51.31 48.86 -17.05
C GLU J 35 -50.55 47.82 -16.22
N ARG J 36 -49.21 47.83 -16.30
CA ARG J 36 -48.42 46.91 -15.50
C ARG J 36 -48.55 47.20 -14.02
N LEU J 37 -48.82 48.44 -13.64
CA LEU J 37 -49.03 48.77 -12.23
C LEU J 37 -50.34 48.21 -11.72
N GLU J 38 -51.39 48.25 -12.54
CA GLU J 38 -52.63 47.57 -12.17
C GLU J 38 -52.41 46.07 -12.00
N LYS J 39 -51.67 45.47 -12.94
CA LYS J 39 -51.36 44.04 -12.81
C LYS J 39 -50.54 43.76 -11.55
N ALA J 40 -49.59 44.65 -11.23
CA ALA J 40 -48.76 44.48 -10.04
C ALA J 40 -49.61 44.61 -8.77
N ARG J 41 -50.57 45.52 -8.77
CA ARG J 41 -51.48 45.62 -7.63
C ARG J 41 -52.25 44.32 -7.44
N HIS J 42 -52.74 43.74 -8.54
CA HIS J 42 -53.44 42.46 -8.45
C HIS J 42 -52.52 41.38 -7.88
N LEU J 43 -51.28 41.30 -8.38
CA LEU J 43 -50.35 40.28 -7.91
C LEU J 43 -50.02 40.46 -6.44
N LEU J 44 -49.77 41.71 -6.01
CA LEU J 44 -49.46 41.96 -4.61
C LEU J 44 -50.63 41.63 -3.70
N LEU J 45 -51.85 41.95 -4.14
CA LEU J 45 -53.03 41.60 -3.35
C LEU J 45 -53.17 40.08 -3.23
N ASP J 46 -52.91 39.36 -4.32
CA ASP J 46 -52.98 37.90 -4.26
C ASP J 46 -51.87 37.31 -3.40
N ALA J 47 -50.72 37.98 -3.33
CA ALA J 47 -49.60 37.45 -2.57
C ALA J 47 -49.88 37.39 -1.07
N GLY J 48 -50.51 38.42 -0.52
CA GLY J 48 -50.82 38.44 0.89
C GLY J 48 -50.53 39.76 1.58
N LEU J 49 -50.10 40.75 0.81
CA LEU J 49 -49.85 42.07 1.39
C LEU J 49 -51.16 42.70 1.83
N PRO J 50 -51.14 43.57 2.85
CA PRO J 50 -52.37 44.27 3.24
C PRO J 50 -52.87 45.15 2.11
N GLU J 51 -54.20 45.29 2.05
CA GLU J 51 -54.82 46.07 0.99
C GLU J 51 -54.42 47.54 1.06
N GLU J 52 -54.32 48.09 2.28
CA GLU J 52 -54.06 49.52 2.43
C GLU J 52 -52.70 49.92 1.87
N VAL J 53 -51.66 49.14 2.18
CA VAL J 53 -50.31 49.49 1.74
C VAL J 53 -50.21 49.43 0.22
N VAL J 54 -50.73 48.36 -0.37
CA VAL J 54 -50.70 48.21 -1.82
C VAL J 54 -51.48 49.35 -2.48
N ARG J 55 -52.66 49.66 -1.94
CA ARG J 55 -53.47 50.75 -2.49
C ARG J 55 -52.72 52.07 -2.44
N ARG J 56 -52.11 52.38 -1.28
CA ARG J 56 -51.39 53.64 -1.12
C ARG J 56 -50.24 53.76 -2.10
N ALA J 57 -49.39 52.73 -2.15
CA ALA J 57 -48.24 52.76 -3.05
C ALA J 57 -48.68 52.88 -4.49
N THR J 58 -49.71 52.13 -4.88
CA THR J 58 -50.14 52.12 -6.27
C THR J 58 -50.74 53.47 -6.66
N GLU J 59 -51.56 54.07 -5.78
CA GLU J 59 -52.14 55.37 -6.13
C GLU J 59 -51.07 56.44 -6.21
N THR J 60 -50.09 56.39 -5.30
CA THR J 60 -48.98 57.35 -5.36
C THR J 60 -48.24 57.24 -6.68
N PHE J 61 -47.92 56.01 -7.08
CA PHE J 61 -47.16 55.82 -8.32
C PHE J 61 -47.98 56.20 -9.55
N LEU J 62 -49.27 55.87 -9.55
CA LEU J 62 -50.12 56.25 -10.68
C LEU J 62 -50.24 57.77 -10.80
N GLN J 63 -50.41 58.46 -9.66
CA GLN J 63 -50.48 59.91 -9.69
C GLN J 63 -49.17 60.51 -10.17
N ALA J 64 -48.04 59.97 -9.71
CA ALA J 64 -46.74 60.47 -10.14
C ALA J 64 -46.55 60.29 -11.64
N LEU J 65 -46.98 59.14 -12.17
CA LEU J 65 -46.92 58.92 -13.61
C LEU J 65 -47.82 59.87 -14.36
N LYS J 66 -49.03 60.12 -13.83
CA LYS J 66 -49.99 60.98 -14.52
C LYS J 66 -49.51 62.41 -14.59
N ASP J 67 -48.95 62.93 -13.49
CA ASP J 67 -48.53 64.33 -13.46
C ASP J 67 -47.35 64.57 -14.39
N ASP J 68 -46.31 63.73 -14.31
CA ASP J 68 -45.09 63.89 -15.10
C ASP J 68 -44.77 62.57 -15.78
N PRO J 69 -45.43 62.28 -16.90
CA PRO J 69 -45.13 61.03 -17.61
C PRO J 69 -43.68 60.91 -18.07
N SER J 70 -43.05 62.04 -18.41
CA SER J 70 -41.69 62.00 -18.94
C SER J 70 -40.64 61.73 -17.87
N ASP J 71 -41.02 61.72 -16.60
CA ASP J 71 -40.07 61.51 -15.52
C ASP J 71 -39.47 60.11 -15.61
N ARG J 72 -38.14 60.04 -15.64
CA ARG J 72 -37.46 58.76 -15.76
C ARG J 72 -37.45 58.01 -14.43
N ALA J 73 -37.27 58.74 -13.32
CA ALA J 73 -37.16 58.10 -12.02
C ALA J 73 -38.44 57.34 -11.65
N VAL J 74 -39.60 57.95 -11.93
CA VAL J 74 -40.86 57.28 -11.63
C VAL J 74 -41.04 56.06 -12.52
N GLN J 75 -40.56 56.12 -13.76
CA GLN J 75 -40.65 54.97 -14.65
C GLN J 75 -39.80 53.81 -14.13
N ASP J 76 -38.58 54.10 -13.69
CA ASP J 76 -37.74 53.06 -13.12
C ASP J 76 -38.35 52.51 -11.83
N ALA J 77 -38.95 53.37 -11.01
CA ALA J 77 -39.58 52.92 -9.78
C ALA J 77 -40.76 52.01 -10.07
N VAL J 78 -41.57 52.33 -11.09
CA VAL J 78 -42.71 51.49 -11.43
C VAL J 78 -42.24 50.16 -11.99
N GLU J 79 -41.18 50.17 -12.80
CA GLU J 79 -40.61 48.92 -13.28
C GLU J 79 -40.15 48.04 -12.12
N LEU J 80 -39.48 48.66 -11.14
CA LEU J 80 -39.05 47.91 -9.96
C LEU J 80 -40.23 47.39 -9.17
N VAL J 81 -41.31 48.16 -9.08
CA VAL J 81 -42.48 47.73 -8.35
C VAL J 81 -43.12 46.51 -9.01
N VAL J 82 -43.23 46.52 -10.34
CA VAL J 82 -43.77 45.36 -11.04
C VAL J 82 -42.87 44.15 -10.85
N GLY J 83 -41.55 44.35 -10.95
CA GLY J 83 -40.62 43.27 -10.71
C GLY J 83 -40.76 42.69 -9.32
N LEU J 84 -40.91 43.54 -8.31
CA LEU J 84 -41.11 43.06 -6.95
C LEU J 84 -42.44 42.34 -6.78
N ALA J 85 -43.48 42.81 -7.46
CA ALA J 85 -44.78 42.14 -7.39
C ALA J 85 -44.69 40.72 -7.92
N GLU J 86 -43.97 40.52 -9.03
CA GLU J 86 -43.77 39.16 -9.52
C GLU J 86 -42.84 38.37 -8.61
N ALA J 87 -41.80 39.03 -8.09
CA ALA J 87 -40.78 38.35 -7.29
C ALA J 87 -41.36 37.81 -5.99
N ALA J 88 -42.27 38.56 -5.36
CA ALA J 88 -42.88 38.09 -4.13
C ALA J 88 -43.65 36.79 -4.34
N GLY J 89 -44.43 36.73 -5.42
CA GLY J 89 -45.16 35.51 -5.73
C GLY J 89 -44.22 34.35 -6.03
N LEU J 90 -43.18 34.59 -6.84
CA LEU J 90 -42.24 33.53 -7.15
C LEU J 90 -41.54 33.01 -5.89
N LEU J 91 -41.13 33.92 -5.01
CA LEU J 91 -40.42 33.52 -3.80
C LEU J 91 -41.33 32.78 -2.83
N ILE J 92 -42.59 33.18 -2.73
CA ILE J 92 -43.52 32.46 -1.87
C ILE J 92 -43.81 31.08 -2.42
N ASP J 93 -43.99 30.96 -3.74
CA ASP J 93 -44.20 29.65 -4.34
C ASP J 93 -42.99 28.76 -4.17
N ALA J 94 -41.78 29.34 -4.22
CA ALA J 94 -40.56 28.54 -4.14
C ALA J 94 -40.45 27.80 -2.82
N GLY J 95 -40.91 28.42 -1.73
CA GLY J 95 -40.85 27.78 -0.44
C GLY J 95 -40.49 28.70 0.71
N ILE J 96 -39.96 29.88 0.39
CA ILE J 96 -39.61 30.87 1.40
C ILE J 96 -40.89 31.32 2.10
N PRO J 97 -40.92 31.34 3.43
CA PRO J 97 -42.17 31.67 4.13
C PRO J 97 -42.62 33.10 3.86
N ALA J 98 -43.93 33.31 3.92
CA ALA J 98 -44.52 34.63 3.73
C ALA J 98 -44.24 35.58 4.89
N SER J 99 -43.71 35.06 6.01
CA SER J 99 -43.31 35.90 7.11
C SER J 99 -41.99 36.62 6.86
N VAL J 100 -41.26 36.24 5.81
CA VAL J 100 -40.03 36.90 5.45
C VAL J 100 -40.16 37.76 4.20
N VAL J 101 -40.79 37.25 3.14
CA VAL J 101 -40.93 38.01 1.89
C VAL J 101 -41.84 39.20 2.05
N LEU J 102 -43.01 39.00 2.67
CA LEU J 102 -44.00 40.08 2.73
C LEU J 102 -43.52 41.32 3.48
N PRO J 103 -42.92 41.23 4.67
CA PRO J 103 -42.39 42.46 5.30
C PRO J 103 -41.34 43.16 4.45
N LEU J 104 -40.45 42.39 3.82
CA LEU J 104 -39.40 42.99 3.00
C LEU J 104 -39.98 43.70 1.79
N VAL J 105 -40.94 43.07 1.12
CA VAL J 105 -41.58 43.70 -0.04
C VAL J 105 -42.38 44.92 0.40
N GLU J 106 -43.01 44.86 1.57
CA GLU J 106 -43.73 46.03 2.08
C GLU J 106 -42.78 47.20 2.31
N ARG J 107 -41.66 46.94 2.96
CA ARG J 107 -40.69 48.01 3.21
C ARG J 107 -40.14 48.57 1.91
N LEU J 108 -39.82 47.70 0.95
CA LEU J 108 -39.30 48.17 -0.34
C LEU J 108 -40.32 49.00 -1.08
N LEU J 109 -41.59 48.57 -1.08
CA LEU J 109 -42.64 49.32 -1.75
C LEU J 109 -42.83 50.69 -1.11
N LEU J 110 -42.83 50.74 0.22
CA LEU J 110 -42.97 52.03 0.90
C LEU J 110 -41.79 52.94 0.60
N GLY J 111 -40.58 52.40 0.61
CA GLY J 111 -39.41 53.20 0.30
C GLY J 111 -39.42 53.74 -1.12
N LEU J 112 -39.84 52.90 -2.08
CA LEU J 112 -39.95 53.37 -3.45
C LEU J 112 -41.03 54.44 -3.59
N ALA J 113 -42.15 54.27 -2.89
CA ALA J 113 -43.23 55.24 -2.96
C ALA J 113 -42.80 56.59 -2.40
N ASP J 114 -42.11 56.58 -1.27
CA ASP J 114 -41.68 57.82 -0.63
C ASP J 114 -40.72 58.60 -1.51
N ASP J 115 -39.55 58.03 -1.79
CA ASP J 115 -38.55 58.67 -2.65
C ASP J 115 -38.24 57.75 -3.82
N PRO J 116 -38.79 58.00 -5.00
CA PRO J 116 -38.55 57.10 -6.14
C PRO J 116 -37.13 57.17 -6.69
N SER J 117 -36.27 57.98 -6.06
CA SER J 117 -34.90 58.15 -6.52
C SER J 117 -33.93 57.95 -5.37
N ASP J 118 -34.23 57.02 -4.47
CA ASP J 118 -33.34 56.66 -3.37
C ASP J 118 -32.49 55.49 -3.85
N HIS J 119 -31.20 55.73 -4.04
CA HIS J 119 -30.33 54.77 -4.71
C HIS J 119 -30.28 53.44 -3.97
N ARG J 120 -30.17 53.49 -2.65
CA ARG J 120 -30.06 52.24 -1.88
C ARG J 120 -31.33 51.42 -1.96
N VAL J 121 -32.49 52.08 -1.95
CA VAL J 121 -33.75 51.35 -2.04
C VAL J 121 -33.90 50.66 -3.40
N ARG J 122 -33.54 51.35 -4.48
CA ARG J 122 -33.56 50.72 -5.79
C ARG J 122 -32.57 49.57 -5.87
N ASP J 123 -31.39 49.72 -5.26
CA ASP J 123 -30.42 48.64 -5.26
C ASP J 123 -30.98 47.41 -4.53
N LEU J 124 -31.63 47.62 -3.38
CA LEU J 124 -32.21 46.50 -2.65
C LEU J 124 -33.34 45.85 -3.42
N ALA J 125 -34.18 46.65 -4.07
CA ALA J 125 -35.27 46.08 -4.87
C ALA J 125 -34.73 45.26 -6.04
N GLU J 126 -33.70 45.76 -6.71
CA GLU J 126 -33.05 44.99 -7.77
C GLU J 126 -32.41 43.72 -7.24
N LEU J 127 -31.82 43.76 -6.03
CA LEU J 127 -31.29 42.57 -5.41
C LEU J 127 -32.36 41.52 -5.14
N VAL J 128 -33.52 41.93 -4.64
CA VAL J 128 -34.61 40.99 -4.42
C VAL J 128 -35.16 40.42 -5.74
N VAL J 129 -35.31 41.26 -6.76
CA VAL J 129 -35.76 40.74 -8.06
C VAL J 129 -34.76 39.75 -8.63
N GLY J 130 -33.46 40.06 -8.55
CA GLY J 130 -32.44 39.12 -8.96
C GLY J 130 -32.42 37.84 -8.17
N LEU J 131 -32.67 37.91 -6.86
CA LEU J 131 -32.77 36.70 -6.05
C LEU J 131 -33.94 35.83 -6.49
N ALA J 132 -35.09 36.45 -6.80
CA ALA J 132 -36.23 35.67 -7.29
C ALA J 132 -35.91 35.03 -8.64
N GLU J 133 -35.26 35.78 -9.54
CA GLU J 133 -34.88 35.22 -10.83
C GLU J 133 -33.89 34.06 -10.67
N ALA J 134 -32.92 34.20 -9.76
CA ALA J 134 -31.98 33.12 -9.50
C ALA J 134 -32.67 31.90 -8.90
N ALA J 135 -33.63 32.12 -8.00
CA ALA J 135 -34.38 31.01 -7.43
C ALA J 135 -35.21 30.28 -8.48
N MET J 136 -35.82 31.00 -9.41
CA MET J 136 -36.58 30.34 -10.47
C MET J 136 -35.68 29.68 -11.52
N LEU J 137 -34.46 30.18 -11.71
CA LEU J 137 -33.52 29.57 -12.65
C LEU J 137 -32.77 28.39 -12.08
N ALA J 138 -32.60 28.33 -10.76
CA ALA J 138 -31.95 27.17 -10.15
C ALA J 138 -32.80 25.92 -10.31
N ARG J 139 -34.12 26.08 -10.38
CA ARG J 139 -35.00 24.93 -10.62
C ARG J 139 -34.85 24.42 -12.04
N ALA J 140 -34.74 25.33 -13.02
CA ALA J 140 -34.54 24.91 -14.40
C ALA J 140 -33.20 24.22 -14.57
N VAL J 141 -32.16 24.74 -13.91
CA VAL J 141 -30.85 24.09 -13.89
C VAL J 141 -30.91 22.74 -13.16
N ASN J 142 -32.04 22.45 -12.52
CA ASN J 142 -32.30 21.17 -11.84
C ASN J 142 -31.42 21.08 -10.59
N ILE J 143 -31.44 22.14 -9.79
CA ILE J 143 -30.84 22.14 -8.45
C ILE J 143 -31.95 21.81 -7.45
N PRO J 144 -31.75 20.87 -6.53
CA PRO J 144 -32.82 20.51 -5.60
C PRO J 144 -33.24 21.70 -4.74
N SER J 145 -34.52 21.71 -4.38
CA SER J 145 -35.06 22.79 -3.57
C SER J 145 -34.45 22.84 -2.18
N ALA J 146 -34.09 21.70 -1.60
CA ALA J 146 -33.62 21.63 -0.23
C ALA J 146 -32.22 22.19 -0.04
N VAL J 147 -31.49 22.50 -1.11
CA VAL J 147 -30.15 23.05 -0.95
C VAL J 147 -30.15 24.55 -1.23
N TYR J 148 -31.07 25.02 -2.08
CA TYR J 148 -31.09 26.43 -2.44
C TYR J 148 -32.13 27.25 -1.71
N VAL J 149 -33.23 26.65 -1.27
CA VAL J 149 -34.24 27.39 -0.51
C VAL J 149 -33.67 27.87 0.83
N PRO J 150 -32.94 27.03 1.60
CA PRO J 150 -32.35 27.57 2.84
C PRO J 150 -31.42 28.75 2.64
N VAL J 151 -30.63 28.76 1.57
CA VAL J 151 -29.69 29.85 1.35
C VAL J 151 -30.42 31.15 1.04
N VAL J 152 -31.44 31.09 0.18
CA VAL J 152 -32.22 32.29 -0.12
C VAL J 152 -32.99 32.74 1.10
N GLU J 153 -33.48 31.80 1.92
CA GLU J 153 -34.14 32.18 3.17
C GLU J 153 -33.20 32.91 4.09
N LYS J 154 -31.96 32.42 4.24
CA LYS J 154 -30.99 33.08 5.10
C LYS J 154 -30.65 34.47 4.58
N VAL J 155 -30.47 34.59 3.26
CA VAL J 155 -30.13 35.89 2.68
C VAL J 155 -31.25 36.88 2.88
N LEU J 156 -32.50 36.46 2.65
CA LEU J 156 -33.63 37.36 2.84
C LEU J 156 -33.85 37.72 4.29
N ARG J 157 -33.60 36.77 5.22
CA ARG J 157 -33.69 37.09 6.64
C ARG J 157 -32.65 38.12 7.04
N ALA J 158 -31.41 37.96 6.55
CA ALA J 158 -30.37 38.94 6.85
C ALA J 158 -30.71 40.31 6.26
N LEU J 159 -31.27 40.34 5.05
CA LEU J 159 -31.68 41.60 4.46
C LEU J 159 -32.83 42.25 5.22
N LEU J 160 -33.77 41.46 5.73
CA LEU J 160 -34.88 42.01 6.51
C LEU J 160 -34.39 42.53 7.87
N ALA J 161 -33.36 41.89 8.44
CA ALA J 161 -32.82 42.35 9.71
C ALA J 161 -32.29 43.77 9.60
N ASP J 162 -31.29 43.96 8.74
CA ASP J 162 -30.69 45.29 8.53
C ASP J 162 -30.55 45.52 7.03
N PRO J 163 -31.35 46.42 6.45
CA PRO J 163 -31.26 46.66 5.00
C PRO J 163 -29.91 47.16 4.53
N GLU J 164 -29.19 47.93 5.36
CA GLU J 164 -27.92 48.52 4.97
C GLU J 164 -26.73 47.62 5.24
N ASN J 165 -26.97 46.39 5.69
CA ASN J 165 -25.88 45.45 5.92
C ASN J 165 -25.24 45.07 4.59
N GLU J 166 -23.94 45.35 4.45
CA GLU J 166 -23.25 45.05 3.21
C GLU J 166 -23.02 43.55 3.02
N ARG J 167 -22.89 42.79 4.10
CA ARG J 167 -22.67 41.36 3.98
C ARG J 167 -23.85 40.66 3.35
N ALA J 168 -25.08 41.04 3.73
CA ALA J 168 -26.27 40.42 3.17
C ALA J 168 -26.41 40.74 1.69
N ARG J 169 -26.13 41.99 1.30
CA ARG J 169 -26.18 42.36 -0.11
C ARG J 169 -25.13 41.59 -0.91
N ARG J 170 -23.93 41.44 -0.34
CA ARG J 170 -22.89 40.67 -1.00
C ARG J 170 -23.32 39.21 -1.15
N ALA J 171 -23.98 38.65 -0.13
CA ALA J 171 -24.43 37.27 -0.21
C ALA J 171 -25.50 37.09 -1.28
N ALA J 172 -26.42 38.05 -1.40
CA ALA J 172 -27.43 37.98 -2.45
C ALA J 172 -26.78 38.04 -3.83
N ARG J 173 -25.84 38.97 -4.02
CA ARG J 173 -25.16 39.06 -5.30
C ARG J 173 -24.37 37.79 -5.60
N ARG J 174 -23.76 37.17 -4.59
CA ARG J 174 -23.05 35.92 -4.78
C ARG J 174 -23.97 34.78 -5.14
N VAL J 175 -25.18 34.72 -4.58
CA VAL J 175 -26.13 33.69 -4.98
C VAL J 175 -26.51 33.86 -6.45
N VAL J 176 -26.78 35.10 -6.86
CA VAL J 176 -27.10 35.34 -8.27
C VAL J 176 -25.94 34.94 -9.17
N GLU J 177 -24.71 35.29 -8.78
CA GLU J 177 -23.54 34.89 -9.55
C GLU J 177 -23.36 33.38 -9.60
N LEU J 178 -23.69 32.67 -8.52
CA LEU J 178 -23.61 31.21 -8.55
C LEU J 178 -24.59 30.61 -9.55
N VAL J 179 -25.81 31.12 -9.59
CA VAL J 179 -26.76 30.62 -10.58
C VAL J 179 -26.30 30.93 -12.00
N LEU J 180 -25.79 32.15 -12.23
CA LEU J 180 -25.25 32.47 -13.54
C LEU J 180 -24.04 31.63 -13.91
N ALA J 181 -23.20 31.25 -12.94
CA ALA J 181 -22.09 30.36 -13.22
C ALA J 181 -22.56 28.96 -13.55
N ALA J 182 -23.64 28.50 -12.93
CA ALA J 182 -24.23 27.23 -13.33
C ALA J 182 -24.72 27.28 -14.77
N ALA J 183 -25.35 28.39 -15.15
CA ALA J 183 -25.75 28.57 -16.55
C ALA J 183 -24.55 28.57 -17.49
N ARG J 184 -23.47 29.24 -17.10
CA ARG J 184 -22.26 29.25 -17.92
C ARG J 184 -21.64 27.87 -18.04
N LEU J 185 -21.67 27.08 -16.97
CA LEU J 185 -21.20 25.69 -17.05
C LEU J 185 -22.06 24.87 -18.00
N LEU J 186 -23.38 25.07 -17.97
CA LEU J 186 -24.24 24.40 -18.94
C LEU J 186 -23.87 24.81 -20.36
N ALA J 187 -23.57 26.09 -20.57
CA ALA J 187 -23.18 26.56 -21.90
C ALA J 187 -21.83 25.97 -22.35
N LEU J 188 -20.91 25.74 -21.41
CA LEU J 188 -19.60 25.23 -21.76
C LEU J 188 -19.64 23.81 -22.32
N GLY J 189 -20.63 23.01 -21.92
CA GLY J 189 -20.73 21.64 -22.38
C GLY J 189 -20.77 20.59 -21.28
N VAL J 190 -20.75 20.99 -20.01
CA VAL J 190 -20.84 20.02 -18.92
C VAL J 190 -22.25 19.45 -18.88
N PRO J 191 -22.42 18.14 -18.68
CA PRO J 191 -23.76 17.56 -18.61
C PRO J 191 -24.56 18.15 -17.47
N PRO J 192 -25.88 18.26 -17.60
CA PRO J 192 -26.69 18.89 -16.54
C PRO J 192 -26.55 18.23 -15.19
N HIS J 193 -26.33 16.91 -15.13
CA HIS J 193 -26.22 16.23 -13.85
C HIS J 193 -24.97 16.67 -13.09
N ALA J 194 -23.83 16.78 -13.78
CA ALA J 194 -22.61 17.21 -13.12
C ALA J 194 -22.72 18.65 -12.65
N VAL J 195 -23.34 19.52 -13.46
CA VAL J 195 -23.56 20.89 -13.05
C VAL J 195 -24.42 20.95 -11.80
N ALA J 196 -25.51 20.17 -11.78
CA ALA J 196 -26.37 20.15 -10.62
C ALA J 196 -25.63 19.69 -9.38
N ASP J 197 -24.81 18.64 -9.51
CA ASP J 197 -24.05 18.13 -8.37
C ASP J 197 -23.07 19.17 -7.84
N ALA J 198 -22.30 19.79 -8.72
CA ALA J 198 -21.29 20.77 -8.29
C ALA J 198 -21.94 21.98 -7.63
N VAL J 199 -22.99 22.52 -8.25
CA VAL J 199 -23.64 23.69 -7.68
C VAL J 199 -24.39 23.35 -6.40
N SER J 200 -24.90 22.12 -6.26
CA SER J 200 -25.50 21.70 -5.00
C SER J 200 -24.45 21.64 -3.90
N LEU J 201 -23.26 21.14 -4.20
CA LEU J 201 -22.18 21.17 -3.22
C LEU J 201 -21.85 22.61 -2.82
N THR J 202 -21.78 23.51 -3.80
CA THR J 202 -21.49 24.91 -3.50
C THR J 202 -22.56 25.52 -2.62
N PHE J 203 -23.84 25.25 -2.90
CA PHE J 203 -24.92 25.76 -2.08
C PHE J 203 -24.85 25.21 -0.66
N ARG J 204 -24.54 23.92 -0.52
CA ARG J 204 -24.38 23.34 0.82
C ARG J 204 -23.27 24.04 1.58
N ARG J 205 -22.16 24.36 0.91
CA ARG J 205 -21.10 25.11 1.58
C ARG J 205 -21.53 26.51 1.96
N MET J 206 -22.25 27.22 1.07
CA MET J 206 -22.72 28.56 1.43
C MET J 206 -23.70 28.52 2.60
N LEU J 207 -24.39 27.40 2.78
CA LEU J 207 -25.35 27.31 3.89
C LEU J 207 -24.65 27.53 5.23
N THR J 208 -23.41 27.04 5.38
CA THR J 208 -22.72 27.16 6.66
C THR J 208 -21.76 28.34 6.68
N ASP J 209 -20.83 28.39 5.73
CA ASP J 209 -19.78 29.40 5.72
C ASP J 209 -20.17 30.57 4.82
N PRO J 210 -19.94 31.81 5.26
CA PRO J 210 -20.36 32.98 4.46
C PRO J 210 -19.61 33.15 3.15
N ASP J 211 -18.29 33.05 3.16
CA ASP J 211 -17.51 33.26 1.94
C ASP J 211 -17.33 31.96 1.16
N ALA J 212 -18.41 31.21 1.00
CA ALA J 212 -18.37 29.95 0.27
C ALA J 212 -19.14 30.05 -1.04
N ASN K 25 27.57 -14.50 29.27
CA ASN K 25 26.82 -13.42 29.90
C ASN K 25 26.01 -13.96 31.08
N PRO K 26 25.93 -13.21 32.18
CA PRO K 26 25.28 -13.72 33.40
C PRO K 26 23.87 -14.27 33.17
N GLU K 27 23.08 -13.60 32.33
CA GLU K 27 21.76 -14.12 32.01
C GLU K 27 21.83 -15.40 31.18
N ASP K 28 22.76 -15.46 30.23
CA ASP K 28 22.96 -16.68 29.46
C ASP K 28 23.40 -17.83 30.35
N VAL K 29 24.35 -17.56 31.27
CA VAL K 29 24.76 -18.58 32.22
C VAL K 29 23.60 -19.00 33.10
N ALA K 30 22.73 -18.05 33.46
CA ALA K 30 21.56 -18.38 34.26
C ALA K 30 20.63 -19.33 33.51
N GLU K 31 20.39 -19.07 32.23
CA GLU K 31 19.53 -19.95 31.43
C GLU K 31 20.15 -21.35 31.31
N HIS K 32 21.44 -21.41 30.98
CA HIS K 32 22.11 -22.69 30.85
C HIS K 32 22.09 -23.45 32.17
N LEU K 33 22.28 -22.75 33.29
CA LEU K 33 22.27 -23.40 34.59
C LEU K 33 20.86 -23.84 34.98
N GLN K 34 19.83 -23.13 34.51
CA GLN K 34 18.47 -23.60 34.73
C GLN K 34 18.23 -24.92 34.01
N GLU K 35 18.68 -25.02 32.76
CA GLU K 35 18.54 -26.29 32.04
C GLU K 35 19.33 -27.41 32.72
N ARG K 36 20.57 -27.12 33.11
CA ARG K 36 21.37 -28.12 33.81
C ARG K 36 20.78 -28.46 35.17
N LEU K 37 20.06 -27.53 35.79
CA LEU K 37 19.40 -27.81 37.07
C LEU K 37 18.23 -28.75 36.88
N GLU K 38 17.47 -28.58 35.80
CA GLU K 38 16.42 -29.56 35.49
C GLU K 38 17.03 -30.94 35.26
N LYS K 39 18.13 -31.00 34.51
CA LYS K 39 18.79 -32.28 34.28
C LYS K 39 19.30 -32.87 35.59
N ALA K 40 19.83 -32.04 36.48
CA ALA K 40 20.31 -32.50 37.77
C ALA K 40 19.18 -33.01 38.64
N ARG K 41 18.02 -32.36 38.59
CA ARG K 41 16.85 -32.86 39.31
C ARG K 41 16.48 -34.26 38.81
N HIS K 42 16.48 -34.43 37.48
CA HIS K 42 16.16 -35.75 36.92
C HIS K 42 17.16 -36.80 37.40
N LEU K 43 18.45 -36.46 37.36
CA LEU K 43 19.48 -37.41 37.79
C LEU K 43 19.35 -37.76 39.27
N LEU K 44 19.10 -36.75 40.12
CA LEU K 44 18.97 -37.00 41.54
C LEU K 44 17.74 -37.86 41.84
N LEU K 45 16.64 -37.61 41.13
CA LEU K 45 15.45 -38.45 41.30
C LEU K 45 15.73 -39.88 40.89
N ASP K 46 16.47 -40.07 39.79
CA ASP K 46 16.79 -41.42 39.35
C ASP K 46 17.76 -42.11 40.31
N ALA K 47 18.60 -41.34 41.00
CA ALA K 47 19.59 -41.93 41.90
C ALA K 47 18.94 -42.62 43.09
N GLY K 48 17.89 -42.02 43.65
CA GLY K 48 17.21 -42.62 44.78
C GLY K 48 16.94 -41.65 45.91
N LEU K 49 17.26 -40.38 45.70
CA LEU K 49 17.01 -39.37 46.71
C LEU K 49 15.50 -39.14 46.85
N PRO K 50 15.02 -38.75 48.03
CA PRO K 50 13.60 -38.47 48.18
C PRO K 50 13.15 -37.33 47.28
N GLU K 51 11.90 -37.39 46.83
CA GLU K 51 11.39 -36.39 45.91
C GLU K 51 11.30 -35.02 46.58
N GLU K 52 10.91 -34.98 47.85
CA GLU K 52 10.67 -33.71 48.52
C GLU K 52 11.95 -32.87 48.64
N VAL K 53 13.05 -33.50 49.06
CA VAL K 53 14.30 -32.77 49.26
C VAL K 53 14.81 -32.23 47.93
N VAL K 54 14.79 -33.07 46.90
CA VAL K 54 15.26 -32.65 45.58
C VAL K 54 14.41 -31.50 45.07
N ARG K 55 13.09 -31.63 45.20
CA ARG K 55 12.18 -30.58 44.74
C ARG K 55 12.46 -29.27 45.47
N ARG K 56 12.62 -29.33 46.80
CA ARG K 56 12.86 -28.14 47.59
C ARG K 56 14.14 -27.43 47.17
N ALA K 57 15.23 -28.19 47.09
CA ALA K 57 16.52 -27.61 46.70
C ALA K 57 16.44 -27.02 45.31
N THR K 58 15.81 -27.73 44.37
CA THR K 58 15.76 -27.27 43.00
C THR K 58 14.94 -26.00 42.87
N GLU K 59 13.78 -25.91 43.54
CA GLU K 59 12.97 -24.70 43.44
C GLU K 59 13.70 -23.53 44.09
N THR K 60 14.37 -23.78 45.22
CA THR K 60 15.13 -22.70 45.86
C THR K 60 16.20 -22.16 44.92
N PHE K 61 16.97 -23.06 44.29
CA PHE K 61 18.05 -22.61 43.41
C PHE K 61 17.50 -21.93 42.16
N LEU K 62 16.40 -22.46 41.60
CA LEU K 62 15.80 -21.85 40.42
C LEU K 62 15.28 -20.44 40.74
N GLN K 63 14.64 -20.27 41.89
CA GLN K 63 14.16 -18.96 42.29
C GLN K 63 15.33 -18.00 42.50
N ALA K 64 16.40 -18.48 43.13
CA ALA K 64 17.57 -17.64 43.35
C ALA K 64 18.18 -17.20 42.02
N LEU K 65 18.25 -18.11 41.05
CA LEU K 65 18.75 -17.73 39.72
C LEU K 65 17.81 -16.74 39.05
N LYS K 66 16.49 -16.94 39.18
CA LYS K 66 15.53 -16.08 38.50
C LYS K 66 15.58 -14.66 39.05
N ASP K 67 15.65 -14.51 40.37
CA ASP K 67 15.62 -13.18 40.97
C ASP K 67 16.89 -12.40 40.64
N ASP K 68 18.05 -13.01 40.82
CA ASP K 68 19.34 -12.34 40.61
C ASP K 68 20.20 -13.22 39.71
N PRO K 69 19.98 -13.17 38.40
CA PRO K 69 20.82 -13.96 37.48
C PRO K 69 22.29 -13.61 37.54
N SER K 70 22.63 -12.34 37.80
CA SER K 70 24.01 -11.91 37.79
C SER K 70 24.80 -12.37 39.02
N ASP K 71 24.13 -12.92 40.02
CA ASP K 71 24.81 -13.35 41.24
C ASP K 71 25.76 -14.49 40.95
N ARG K 72 27.01 -14.34 41.40
CA ARG K 72 28.03 -15.36 41.15
C ARG K 72 27.86 -16.55 42.09
N ALA K 73 27.49 -16.29 43.34
CA ALA K 73 27.42 -17.37 44.33
C ALA K 73 26.39 -18.41 43.95
N VAL K 74 25.22 -17.96 43.47
CA VAL K 74 24.18 -18.92 43.08
C VAL K 74 24.63 -19.71 41.87
N GLN K 75 25.38 -19.09 40.95
CA GLN K 75 25.87 -19.81 39.78
C GLN K 75 26.86 -20.90 40.19
N ASP K 76 27.79 -20.58 41.10
CA ASP K 76 28.72 -21.59 41.59
C ASP K 76 27.99 -22.70 42.32
N ALA K 77 26.98 -22.33 43.12
CA ALA K 77 26.20 -23.35 43.84
C ALA K 77 25.46 -24.27 42.88
N VAL K 78 24.90 -23.72 41.80
CA VAL K 78 24.18 -24.54 40.83
C VAL K 78 25.15 -25.47 40.09
N GLU K 79 26.34 -24.96 39.75
CA GLU K 79 27.34 -25.81 39.13
C GLU K 79 27.73 -26.96 40.06
N LEU K 80 27.91 -26.67 41.34
CA LEU K 80 28.22 -27.71 42.32
C LEU K 80 27.07 -28.70 42.45
N VAL K 81 25.83 -28.22 42.37
CA VAL K 81 24.67 -29.10 42.48
C VAL K 81 24.62 -30.06 41.31
N VAL K 82 24.87 -29.57 40.09
CA VAL K 82 24.89 -30.44 38.92
C VAL K 82 26.03 -31.46 39.03
N GLY K 83 27.20 -31.00 39.47
CA GLY K 83 28.30 -31.91 39.68
C GLY K 83 27.98 -33.00 40.68
N LEU K 84 27.31 -32.64 41.78
CA LEU K 84 26.91 -33.62 42.78
C LEU K 84 25.87 -34.59 42.24
N ALA K 85 24.93 -34.09 41.41
CA ALA K 85 23.93 -34.95 40.82
C ALA K 85 24.57 -36.02 39.95
N GLU K 86 25.58 -35.62 39.16
CA GLU K 86 26.31 -36.62 38.38
C GLU K 86 27.14 -37.53 39.27
N ALA K 87 27.76 -36.96 40.30
CA ALA K 87 28.67 -37.71 41.16
C ALA K 87 27.96 -38.80 41.94
N ALA K 88 26.73 -38.53 42.39
CA ALA K 88 25.98 -39.54 43.13
C ALA K 88 25.73 -40.76 42.26
N GLY K 89 25.31 -40.56 41.02
CA GLY K 89 25.10 -41.68 40.12
C GLY K 89 26.38 -42.43 39.80
N LEU K 90 27.47 -41.70 39.55
CA LEU K 90 28.74 -42.37 39.27
C LEU K 90 29.20 -43.19 40.46
N LEU K 91 29.07 -42.64 41.67
CA LEU K 91 29.54 -43.36 42.86
C LEU K 91 28.67 -44.57 43.16
N ILE K 92 27.35 -44.47 42.94
CA ILE K 92 26.49 -45.62 43.14
C ILE K 92 26.80 -46.71 42.11
N ASP K 93 27.03 -46.33 40.86
CA ASP K 93 27.38 -47.31 39.84
C ASP K 93 28.73 -47.97 40.13
N ALA K 94 29.67 -47.21 40.69
CA ALA K 94 31.01 -47.73 40.93
C ALA K 94 31.00 -48.88 41.92
N GLY K 95 30.07 -48.85 42.89
CA GLY K 95 29.98 -49.92 43.85
C GLY K 95 29.72 -49.47 45.27
N ILE K 96 29.96 -48.20 45.55
CA ILE K 96 29.75 -47.64 46.88
C ILE K 96 28.26 -47.68 47.19
N PRO K 97 27.86 -48.19 48.36
CA PRO K 97 26.43 -48.35 48.65
C PRO K 97 25.71 -47.02 48.70
N ALA K 98 24.42 -47.05 48.39
CA ALA K 98 23.57 -45.87 48.42
C ALA K 98 23.21 -45.43 49.82
N SER K 99 23.56 -46.22 50.83
CA SER K 99 23.33 -45.85 52.22
C SER K 99 24.36 -44.86 52.75
N VAL K 100 25.48 -44.69 52.05
CA VAL K 100 26.48 -43.71 52.44
C VAL K 100 26.56 -42.53 51.46
N VAL K 101 26.13 -42.71 50.22
CA VAL K 101 26.17 -41.62 49.24
C VAL K 101 24.94 -40.74 49.34
N LEU K 102 23.75 -41.33 49.41
CA LEU K 102 22.53 -40.53 49.43
C LEU K 102 22.42 -39.62 50.65
N PRO K 103 22.69 -40.06 51.89
CA PRO K 103 22.66 -39.09 53.00
C PRO K 103 23.65 -37.95 52.83
N LEU K 104 24.85 -38.24 52.33
CA LEU K 104 25.87 -37.21 52.15
C LEU K 104 25.45 -36.20 51.09
N VAL K 105 24.92 -36.67 49.96
CA VAL K 105 24.46 -35.77 48.92
C VAL K 105 23.26 -34.97 49.41
N GLU K 106 22.38 -35.58 50.19
CA GLU K 106 21.25 -34.86 50.76
C GLU K 106 21.72 -33.72 51.66
N ARG K 107 22.67 -34.00 52.55
CA ARG K 107 23.19 -32.98 53.44
C ARG K 107 23.88 -31.86 52.66
N LEU K 108 24.67 -32.23 51.64
CA LEU K 108 25.34 -31.21 50.83
C LEU K 108 24.33 -30.35 50.07
N LEU K 109 23.29 -30.97 49.52
CA LEU K 109 22.27 -30.22 48.80
C LEU K 109 21.55 -29.24 49.73
N LEU K 110 21.19 -29.70 50.92
CA LEU K 110 20.52 -28.83 51.87
C LEU K 110 21.42 -27.68 52.30
N GLY K 111 22.70 -27.98 52.57
CA GLY K 111 23.63 -26.93 52.95
C GLY K 111 23.83 -25.89 51.86
N LEU K 112 23.93 -26.35 50.61
CA LEU K 112 24.06 -25.41 49.49
C LEU K 112 22.80 -24.58 49.33
N ALA K 113 21.63 -25.20 49.51
CA ALA K 113 20.37 -24.47 49.36
C ALA K 113 20.24 -23.40 50.44
N ASP K 114 20.59 -23.72 51.68
CA ASP K 114 20.48 -22.76 52.77
C ASP K 114 21.38 -21.56 52.55
N ASP K 115 22.70 -21.79 52.52
CA ASP K 115 23.67 -20.72 52.31
C ASP K 115 24.51 -21.04 51.08
N PRO K 116 24.23 -20.43 49.92
CA PRO K 116 25.00 -20.76 48.71
C PRO K 116 26.43 -20.24 48.74
N SER K 117 26.83 -19.61 49.84
CA SER K 117 28.17 -19.02 49.95
C SER K 117 28.82 -19.43 51.26
N ASP K 118 28.66 -20.70 51.64
CA ASP K 118 29.32 -21.25 52.82
C ASP K 118 30.55 -22.01 52.33
N HIS K 119 31.74 -21.50 52.66
CA HIS K 119 32.97 -22.00 52.05
C HIS K 119 33.19 -23.48 52.35
N ARG K 120 32.92 -23.90 53.58
CA ARG K 120 33.14 -25.29 53.95
C ARG K 120 32.22 -26.23 53.17
N VAL K 121 30.97 -25.83 52.98
CA VAL K 121 30.02 -26.68 52.26
C VAL K 121 30.44 -26.82 50.79
N ARG K 122 30.85 -25.72 50.16
CA ARG K 122 31.33 -25.79 48.79
C ARG K 122 32.59 -26.63 48.69
N ASP K 123 33.49 -26.52 49.67
CA ASP K 123 34.69 -27.33 49.68
C ASP K 123 34.36 -28.82 49.77
N LEU K 124 33.39 -29.18 50.62
CA LEU K 124 32.99 -30.57 50.73
C LEU K 124 32.33 -31.07 49.45
N ALA K 125 31.51 -30.22 48.82
CA ALA K 125 30.88 -30.61 47.56
C ALA K 125 31.93 -30.84 46.48
N GLU K 126 32.93 -29.96 46.39
CA GLU K 126 34.02 -30.16 45.45
C GLU K 126 34.83 -31.41 45.77
N LEU K 127 35.04 -31.71 47.06
CA LEU K 127 35.70 -32.95 47.44
C LEU K 127 34.94 -34.19 46.99
N VAL K 128 33.62 -34.21 47.15
CA VAL K 128 32.83 -35.34 46.69
C VAL K 128 32.83 -35.46 45.17
N VAL K 129 32.71 -34.33 44.45
CA VAL K 129 32.77 -34.38 42.99
C VAL K 129 34.13 -34.89 42.52
N GLY K 130 35.22 -34.40 43.12
CA GLY K 130 36.54 -34.90 42.80
C GLY K 130 36.75 -36.35 43.14
N LEU K 131 36.18 -36.83 44.25
CA LEU K 131 36.22 -38.26 44.55
C LEU K 131 35.50 -39.10 43.51
N ALA K 132 34.34 -38.65 43.05
CA ALA K 132 33.65 -39.37 41.97
C ALA K 132 34.46 -39.38 40.69
N GLU K 133 35.06 -38.24 40.34
CA GLU K 133 35.89 -38.18 39.13
C GLU K 133 37.11 -39.09 39.26
N ALA K 134 37.76 -39.11 40.43
CA ALA K 134 38.88 -39.99 40.66
C ALA K 134 38.48 -41.46 40.59
N ALA K 135 37.31 -41.81 41.14
CA ALA K 135 36.82 -43.17 41.04
C ALA K 135 36.53 -43.57 39.60
N MET K 136 36.00 -42.66 38.78
CA MET K 136 35.76 -42.96 37.37
C MET K 136 37.04 -42.99 36.55
N LEU K 137 38.08 -42.27 36.97
CA LEU K 137 39.36 -42.29 36.27
C LEU K 137 40.25 -43.46 36.67
N ALA K 138 40.09 -43.98 37.89
CA ALA K 138 40.85 -45.16 38.30
C ALA K 138 40.48 -46.37 37.46
N ARG K 139 39.22 -46.48 37.06
CA ARG K 139 38.80 -47.55 36.17
C ARG K 139 39.47 -47.44 34.80
N ALA K 140 39.54 -46.22 34.25
CA ALA K 140 40.20 -46.02 32.97
C ALA K 140 41.68 -46.35 33.07
N VAL K 141 42.33 -45.98 34.18
CA VAL K 141 43.71 -46.34 34.45
C VAL K 141 43.88 -47.85 34.58
N ASN K 142 42.77 -48.60 34.62
CA ASN K 142 42.74 -50.06 34.73
C ASN K 142 43.21 -50.49 36.10
N ILE K 143 42.65 -49.86 37.13
CA ILE K 143 42.86 -50.25 38.53
C ILE K 143 41.70 -51.12 38.96
N PRO K 144 41.94 -52.28 39.57
CA PRO K 144 40.83 -53.16 39.96
C PRO K 144 39.87 -52.47 40.92
N SER K 145 38.59 -52.78 40.78
CA SER K 145 37.56 -52.19 41.63
C SER K 145 37.70 -52.57 43.09
N ALA K 146 38.18 -53.78 43.38
CA ALA K 146 38.25 -54.28 44.74
C ALA K 146 39.32 -53.61 45.58
N VAL K 147 40.19 -52.80 44.99
CA VAL K 147 41.25 -52.15 45.76
C VAL K 147 40.93 -50.67 45.96
N TYR K 148 40.13 -50.08 45.07
CA TYR K 148 39.81 -48.66 45.20
C TYR K 148 38.42 -48.39 45.73
N VAL K 149 37.46 -49.29 45.54
CA VAL K 149 36.13 -49.10 46.09
C VAL K 149 36.16 -49.07 47.62
N PRO K 150 36.88 -49.99 48.29
CA PRO K 150 36.96 -49.88 49.76
C PRO K 150 37.51 -48.56 50.26
N VAL K 151 38.51 -47.99 49.59
CA VAL K 151 39.11 -46.75 50.05
C VAL K 151 38.13 -45.59 49.93
N VAL K 152 37.44 -45.50 48.78
CA VAL K 152 36.44 -44.46 48.61
C VAL K 152 35.28 -44.65 49.59
N GLU K 153 34.90 -45.90 49.84
CA GLU K 153 33.86 -46.16 50.84
C GLU K 153 34.27 -45.68 52.22
N LYS K 154 35.50 -45.97 52.62
CA LYS K 154 35.98 -45.53 53.93
C LYS K 154 36.03 -44.01 54.01
N VAL K 155 36.52 -43.36 52.96
CA VAL K 155 36.60 -41.90 52.96
C VAL K 155 35.21 -41.27 53.06
N LEU K 156 34.26 -41.79 52.28
CA LEU K 156 32.90 -41.26 52.33
C LEU K 156 32.22 -41.53 53.67
N ARG K 157 32.48 -42.69 54.27
CA ARG K 157 31.92 -42.96 55.60
C ARG K 157 32.50 -41.99 56.64
N ALA K 158 33.80 -41.74 56.58
CA ALA K 158 34.41 -40.77 57.49
C ALA K 158 33.84 -39.38 57.28
N LEU K 159 33.63 -38.98 56.02
CA LEU K 159 33.03 -37.68 55.73
C LEU K 159 31.59 -37.59 56.22
N LEU K 160 30.82 -38.66 56.10
CA LEU K 160 29.44 -38.68 56.57
C LEU K 160 29.38 -38.64 58.10
N ALA K 161 30.37 -39.25 58.76
CA ALA K 161 30.40 -39.24 60.22
C ALA K 161 30.50 -37.81 60.75
N ASP K 162 31.57 -37.12 60.40
CA ASP K 162 31.79 -35.73 60.82
C ASP K 162 32.21 -34.90 59.62
N PRO K 163 31.37 -34.00 59.12
CA PRO K 163 31.76 -33.19 57.95
C PRO K 163 32.99 -32.34 58.15
N GLU K 164 33.22 -31.84 59.37
CA GLU K 164 34.33 -30.93 59.64
C GLU K 164 35.61 -31.65 60.00
N ASN K 165 35.63 -32.98 59.94
CA ASN K 165 36.84 -33.74 60.24
C ASN K 165 37.89 -33.44 59.17
N GLU K 166 39.05 -32.93 59.60
CA GLU K 166 40.11 -32.59 58.66
C GLU K 166 40.78 -33.83 58.08
N ARG K 167 40.87 -34.91 58.84
CA ARG K 167 41.53 -36.12 58.36
C ARG K 167 40.78 -36.73 57.18
N ALA K 168 39.44 -36.73 57.23
CA ALA K 168 38.66 -37.26 56.11
C ALA K 168 38.85 -36.44 54.84
N ARG K 169 38.85 -35.11 54.99
CA ARG K 169 39.10 -34.25 53.83
C ARG K 169 40.49 -34.47 53.27
N ARG K 170 41.49 -34.61 54.14
CA ARG K 170 42.84 -34.90 53.68
C ARG K 170 42.91 -36.23 52.96
N ALA K 171 42.19 -37.25 53.45
CA ALA K 171 42.18 -38.54 52.80
C ALA K 171 41.54 -38.48 51.42
N ALA K 172 40.43 -37.74 51.29
CA ALA K 172 39.80 -37.58 49.98
C ALA K 172 40.74 -36.88 49.01
N ARG K 173 41.38 -35.80 49.46
CA ARG K 173 42.33 -35.10 48.60
C ARG K 173 43.51 -35.97 48.22
N ARG K 174 44.00 -36.81 49.13
CA ARG K 174 45.08 -37.74 48.82
C ARG K 174 44.67 -38.82 47.83
N VAL K 175 43.43 -39.29 47.89
CA VAL K 175 42.95 -40.24 46.89
C VAL K 175 42.93 -39.58 45.51
N VAL K 176 42.42 -38.35 45.44
CA VAL K 176 42.41 -37.64 44.16
C VAL K 176 43.83 -37.45 43.64
N GLU K 177 44.75 -37.06 44.52
CA GLU K 177 46.14 -36.91 44.13
C GLU K 177 46.78 -38.22 43.69
N LEU K 178 46.40 -39.35 44.29
CA LEU K 178 46.94 -40.63 43.84
C LEU K 178 46.47 -40.97 42.44
N VAL K 179 45.19 -40.72 42.14
CA VAL K 179 44.72 -40.97 40.78
C VAL K 179 45.42 -40.05 39.78
N LEU K 180 45.59 -38.78 40.13
CA LEU K 180 46.33 -37.87 39.25
C LEU K 180 47.79 -38.27 39.09
N ALA K 181 48.43 -38.82 40.13
CA ALA K 181 49.78 -39.33 40.01
C ALA K 181 49.85 -40.55 39.10
N ALA K 182 48.83 -41.41 39.15
CA ALA K 182 48.77 -42.52 38.20
C ALA K 182 48.69 -42.01 36.77
N ALA K 183 47.86 -40.98 36.54
CA ALA K 183 47.79 -40.38 35.21
C ALA K 183 49.13 -39.78 34.80
N ARG K 184 49.83 -39.12 35.72
CA ARG K 184 51.14 -38.56 35.42
C ARG K 184 52.16 -39.65 35.10
N LEU K 185 52.11 -40.78 35.81
CA LEU K 185 52.98 -41.90 35.50
C LEU K 185 52.69 -42.46 34.11
N LEU K 186 51.40 -42.53 33.74
CA LEU K 186 51.08 -42.92 32.37
C LEU K 186 51.67 -41.94 31.36
N ALA K 187 51.60 -40.64 31.68
CA ALA K 187 52.16 -39.63 30.77
C ALA K 187 53.67 -39.72 30.69
N LEU K 188 54.34 -40.18 31.75
CA LEU K 188 55.81 -40.24 31.74
C LEU K 188 56.34 -41.33 30.82
N GLY K 189 55.55 -42.35 30.52
CA GLY K 189 56.01 -43.45 29.67
C GLY K 189 56.00 -44.81 30.34
N VAL K 190 55.52 -44.92 31.57
CA VAL K 190 55.44 -46.24 32.22
C VAL K 190 54.32 -47.05 31.58
N PRO K 191 54.52 -48.33 31.32
CA PRO K 191 53.45 -49.15 30.73
C PRO K 191 52.23 -49.20 31.64
N PRO K 192 51.03 -49.31 31.07
CA PRO K 192 49.81 -49.30 31.90
C PRO K 192 49.77 -50.39 32.96
N HIS K 193 50.31 -51.58 32.68
CA HIS K 193 50.26 -52.66 33.66
C HIS K 193 51.10 -52.34 34.89
N ALA K 194 52.29 -51.77 34.68
CA ALA K 194 53.13 -51.40 35.81
C ALA K 194 52.49 -50.30 36.65
N VAL K 195 51.87 -49.32 35.99
CA VAL K 195 51.15 -48.27 36.71
C VAL K 195 50.02 -48.86 37.52
N ALA K 196 49.24 -49.77 36.92
CA ALA K 196 48.13 -50.39 37.63
C ALA K 196 48.64 -51.16 38.85
N ASP K 197 49.72 -51.92 38.70
CA ASP K 197 50.26 -52.68 39.82
C ASP K 197 50.74 -51.76 40.95
N ALA K 198 51.49 -50.71 40.61
CA ALA K 198 52.03 -49.83 41.63
C ALA K 198 50.92 -49.09 42.38
N VAL K 199 49.96 -48.51 41.65
CA VAL K 199 48.90 -47.79 42.31
C VAL K 199 47.95 -48.72 43.05
N SER K 200 47.79 -49.96 42.59
CA SER K 200 47.02 -50.94 43.36
C SER K 200 47.69 -51.26 44.68
N LEU K 201 49.03 -51.40 44.67
CA LEU K 201 49.75 -51.58 45.93
C LEU K 201 49.54 -50.38 46.84
N THR K 202 49.60 -49.17 46.28
CA THR K 202 49.41 -47.97 47.09
C THR K 202 48.01 -47.94 47.69
N PHE K 203 46.99 -48.31 46.92
CA PHE K 203 45.62 -48.36 47.44
C PHE K 203 45.47 -49.40 48.53
N ARG K 204 46.08 -50.58 48.34
CA ARG K 204 46.04 -51.61 49.38
C ARG K 204 46.66 -51.12 50.67
N ARG K 205 47.81 -50.43 50.57
CA ARG K 205 48.43 -49.88 51.78
C ARG K 205 47.56 -48.79 52.40
N MET K 206 46.97 -47.92 51.59
CA MET K 206 46.14 -46.85 52.12
C MET K 206 44.90 -47.38 52.83
N LEU K 207 44.42 -48.55 52.41
CA LEU K 207 43.24 -49.14 53.05
C LEU K 207 43.44 -49.31 54.55
N THR K 208 44.67 -49.64 54.97
CA THR K 208 44.93 -49.89 56.38
C THR K 208 45.46 -48.66 57.10
N ASP K 209 46.57 -48.11 56.60
CA ASP K 209 47.24 -47.00 57.28
C ASP K 209 46.79 -45.66 56.69
N PRO K 210 46.52 -44.66 57.54
CA PRO K 210 46.02 -43.37 57.06
C PRO K 210 47.00 -42.65 56.14
N ASP K 211 48.24 -42.46 56.58
CA ASP K 211 49.22 -41.70 55.81
C ASP K 211 49.96 -42.59 54.82
N ALA K 212 49.23 -43.44 54.12
CA ALA K 212 49.83 -44.32 53.12
C ALA K 212 49.36 -43.95 51.71
N ASN L 25 -62.32 52.06 -26.37
CA ASN L 25 -63.56 52.56 -25.82
C ASN L 25 -64.45 51.40 -25.40
N PRO L 26 -65.14 51.50 -24.26
CA PRO L 26 -65.89 50.36 -23.71
C PRO L 26 -66.87 49.72 -24.69
N GLU L 27 -67.54 50.54 -25.51
CA GLU L 27 -68.47 49.99 -26.50
C GLU L 27 -67.73 49.27 -27.61
N ASP L 28 -66.60 49.81 -28.08
CA ASP L 28 -65.80 49.12 -29.08
C ASP L 28 -65.25 47.82 -28.53
N VAL L 29 -64.76 47.83 -27.29
CA VAL L 29 -64.30 46.60 -26.66
C VAL L 29 -65.44 45.60 -26.54
N ALA L 30 -66.65 46.09 -26.25
CA ALA L 30 -67.81 45.20 -26.17
C ALA L 30 -68.09 44.53 -27.51
N GLU L 31 -68.04 45.30 -28.59
CA GLU L 31 -68.27 44.74 -29.92
C GLU L 31 -67.22 43.70 -30.27
N HIS L 32 -65.95 44.03 -30.04
CA HIS L 32 -64.87 43.08 -30.31
C HIS L 32 -65.03 41.83 -29.47
N LEU L 33 -65.48 41.99 -28.21
CA LEU L 33 -65.66 40.85 -27.34
C LEU L 33 -66.84 39.99 -27.78
N GLN L 34 -67.90 40.59 -28.34
CA GLN L 34 -68.97 39.79 -28.92
C GLN L 34 -68.46 38.95 -30.08
N GLU L 35 -67.64 39.55 -30.95
CA GLU L 35 -67.08 38.78 -32.06
C GLU L 35 -66.20 37.63 -31.55
N ARG L 36 -65.31 37.94 -30.59
CA ARG L 36 -64.47 36.90 -30.02
C ARG L 36 -65.28 35.86 -29.26
N LEU L 37 -66.44 36.24 -28.73
CA LEU L 37 -67.30 35.29 -28.04
C LEU L 37 -67.95 34.33 -29.01
N GLU L 38 -68.36 34.82 -30.17
CA GLU L 38 -68.84 33.91 -31.22
C GLU L 38 -67.74 32.95 -31.65
N LYS L 39 -66.52 33.47 -31.82
CA LYS L 39 -65.40 32.60 -32.18
C LYS L 39 -65.14 31.57 -31.08
N ALA L 40 -65.23 31.98 -29.81
CA ALA L 40 -65.00 31.07 -28.71
C ALA L 40 -66.08 30.01 -28.63
N ARG L 41 -67.33 30.38 -28.94
CA ARG L 41 -68.39 29.38 -29.01
C ARG L 41 -68.08 28.34 -30.08
N HIS L 42 -67.64 28.76 -31.25
CA HIS L 42 -67.28 27.76 -32.26
C HIS L 42 -66.17 26.88 -31.72
N LEU L 43 -65.11 27.49 -31.20
CA LEU L 43 -63.98 26.68 -30.75
C LEU L 43 -64.41 25.66 -29.70
N LEU L 44 -65.25 26.09 -28.74
CA LEU L 44 -65.72 25.17 -27.71
C LEU L 44 -66.57 24.06 -28.29
N LEU L 45 -67.43 24.39 -29.27
CA LEU L 45 -68.23 23.37 -29.92
C LEU L 45 -67.35 22.37 -30.66
N ASP L 46 -66.31 22.86 -31.34
CA ASP L 46 -65.40 21.96 -32.04
C ASP L 46 -64.59 21.12 -31.06
N ALA L 47 -64.34 21.62 -29.85
CA ALA L 47 -63.53 20.89 -28.88
C ALA L 47 -64.23 19.64 -28.38
N GLY L 48 -65.54 19.71 -28.11
CA GLY L 48 -66.27 18.55 -27.65
C GLY L 48 -67.20 18.81 -26.49
N LEU L 49 -67.32 20.07 -26.08
CA LEU L 49 -68.25 20.41 -25.00
C LEU L 49 -69.68 20.22 -25.47
N PRO L 50 -70.61 19.92 -24.57
CA PRO L 50 -72.02 19.83 -24.97
C PRO L 50 -72.54 21.16 -25.49
N GLU L 51 -73.46 21.07 -26.45
CA GLU L 51 -73.99 22.28 -27.07
C GLU L 51 -74.75 23.14 -26.07
N GLU L 52 -75.49 22.51 -25.17
CA GLU L 52 -76.35 23.26 -24.25
C GLU L 52 -75.53 24.16 -23.33
N VAL L 53 -74.44 23.64 -22.77
CA VAL L 53 -73.64 24.42 -21.82
C VAL L 53 -73.00 25.61 -22.52
N VAL L 54 -72.43 25.37 -23.71
CA VAL L 54 -71.79 26.45 -24.46
C VAL L 54 -72.82 27.51 -24.82
N ARG L 55 -74.00 27.08 -25.28
CA ARG L 55 -75.05 28.02 -25.65
C ARG L 55 -75.48 28.85 -24.45
N ARG L 56 -75.67 28.21 -23.30
CA ARG L 56 -76.09 28.92 -22.10
C ARG L 56 -75.06 29.97 -21.69
N ALA L 57 -73.80 29.55 -21.60
CA ALA L 57 -72.75 30.47 -21.16
C ALA L 57 -72.59 31.63 -22.14
N THR L 58 -72.59 31.34 -23.44
CA THR L 58 -72.38 32.38 -24.44
C THR L 58 -73.55 33.36 -24.46
N GLU L 59 -74.78 32.86 -24.36
CA GLU L 59 -75.94 33.75 -24.32
C GLU L 59 -75.91 34.62 -23.08
N THR L 60 -75.56 34.05 -21.93
CA THR L 60 -75.49 34.84 -20.71
C THR L 60 -74.46 35.95 -20.84
N PHE L 61 -73.27 35.62 -21.33
CA PHE L 61 -72.21 36.63 -21.46
C PHE L 61 -72.56 37.67 -22.50
N LEU L 62 -73.18 37.26 -23.61
CA LEU L 62 -73.58 38.22 -24.64
C LEU L 62 -74.63 39.18 -24.11
N GLN L 63 -75.61 38.66 -23.36
CA GLN L 63 -76.62 39.53 -22.77
C GLN L 63 -76.00 40.49 -21.76
N ALA L 64 -75.05 40.00 -20.97
CA ALA L 64 -74.37 40.86 -20.00
C ALA L 64 -73.62 41.98 -20.71
N LEU L 65 -72.95 41.66 -21.83
CA LEU L 65 -72.27 42.68 -22.60
C LEU L 65 -73.25 43.68 -23.20
N LYS L 66 -74.38 43.20 -23.72
CA LYS L 66 -75.35 44.09 -24.35
C LYS L 66 -75.96 45.06 -23.35
N ASP L 67 -76.32 44.57 -22.16
CA ASP L 67 -77.00 45.41 -21.19
C ASP L 67 -76.06 46.50 -20.64
N ASP L 68 -74.86 46.11 -20.23
CA ASP L 68 -73.90 47.04 -19.64
C ASP L 68 -72.55 46.85 -20.33
N PRO L 69 -72.36 47.46 -21.51
CA PRO L 69 -71.07 47.33 -22.20
C PRO L 69 -69.90 47.88 -21.39
N SER L 70 -70.13 48.91 -20.58
CA SER L 70 -69.03 49.55 -19.84
C SER L 70 -68.57 48.71 -18.65
N ASP L 71 -69.27 47.63 -18.32
CA ASP L 71 -68.90 46.81 -17.17
C ASP L 71 -67.55 46.16 -17.39
N ARG L 72 -66.63 46.37 -16.44
CA ARG L 72 -65.28 45.82 -16.55
C ARG L 72 -65.25 44.33 -16.25
N ALA L 73 -66.03 43.89 -15.26
CA ALA L 73 -66.01 42.49 -14.87
C ALA L 73 -66.49 41.59 -15.99
N VAL L 74 -67.53 42.01 -16.71
CA VAL L 74 -68.03 41.22 -17.83
C VAL L 74 -66.98 41.13 -18.93
N GLN L 75 -66.27 42.23 -19.20
CA GLN L 75 -65.23 42.22 -20.21
C GLN L 75 -64.10 41.27 -19.83
N ASP L 76 -63.67 41.31 -18.56
CA ASP L 76 -62.62 40.40 -18.11
C ASP L 76 -63.08 38.95 -18.18
N ALA L 77 -64.33 38.69 -17.82
CA ALA L 77 -64.86 37.33 -17.90
C ALA L 77 -64.90 36.84 -19.34
N VAL L 78 -65.28 37.71 -20.28
CA VAL L 78 -65.33 37.32 -21.69
C VAL L 78 -63.92 37.04 -22.21
N GLU L 79 -62.95 37.87 -21.82
CA GLU L 79 -61.57 37.59 -22.18
C GLU L 79 -61.12 36.24 -21.66
N LEU L 80 -61.45 35.94 -20.40
CA LEU L 80 -61.09 34.65 -19.82
C LEU L 80 -61.78 33.50 -20.54
N VAL L 81 -63.03 33.71 -20.97
CA VAL L 81 -63.77 32.67 -21.68
C VAL L 81 -63.13 32.38 -23.03
N VAL L 82 -62.73 33.42 -23.76
CA VAL L 82 -62.04 33.21 -25.04
C VAL L 82 -60.71 32.50 -24.82
N GLY L 83 -59.96 32.92 -23.79
CA GLY L 83 -58.73 32.25 -23.46
C GLY L 83 -58.92 30.78 -23.15
N LEU L 84 -59.97 30.46 -22.39
CA LEU L 84 -60.27 29.05 -22.08
C LEU L 84 -60.69 28.28 -23.31
N ALA L 85 -61.44 28.91 -24.21
CA ALA L 85 -61.84 28.25 -25.44
C ALA L 85 -60.63 27.86 -26.28
N GLU L 86 -59.65 28.76 -26.38
CA GLU L 86 -58.42 28.40 -27.07
C GLU L 86 -57.61 27.36 -26.30
N ALA L 87 -57.58 27.49 -24.96
CA ALA L 87 -56.75 26.62 -24.14
C ALA L 87 -57.23 25.18 -24.19
N ALA L 88 -58.55 24.97 -24.25
CA ALA L 88 -59.07 23.61 -24.31
C ALA L 88 -58.58 22.91 -25.58
N GLY L 89 -58.65 23.60 -26.71
CA GLY L 89 -58.18 23.01 -27.95
C GLY L 89 -56.68 22.75 -27.94
N LEU L 90 -55.90 23.72 -27.42
CA LEU L 90 -54.45 23.52 -27.34
C LEU L 90 -54.10 22.33 -26.45
N LEU L 91 -54.78 22.21 -25.30
CA LEU L 91 -54.47 21.12 -24.37
C LEU L 91 -54.89 19.76 -24.92
N ILE L 92 -56.02 19.72 -25.64
CA ILE L 92 -56.45 18.46 -26.24
C ILE L 92 -55.49 18.05 -27.36
N ASP L 93 -55.06 19.01 -28.18
CA ASP L 93 -54.10 18.69 -29.24
C ASP L 93 -52.75 18.28 -28.65
N ALA L 94 -52.39 18.83 -27.49
CA ALA L 94 -51.10 18.51 -26.89
C ALA L 94 -50.99 17.04 -26.51
N GLY L 95 -52.08 16.46 -26.02
CA GLY L 95 -52.06 15.05 -25.65
C GLY L 95 -52.87 14.73 -24.42
N ILE L 96 -53.18 15.74 -23.62
CA ILE L 96 -53.97 15.56 -22.40
C ILE L 96 -55.37 15.08 -22.79
N PRO L 97 -55.88 14.02 -22.15
CA PRO L 97 -57.18 13.48 -22.56
C PRO L 97 -58.31 14.47 -22.36
N ALA L 98 -59.35 14.32 -23.20
CA ALA L 98 -60.52 15.17 -23.12
C ALA L 98 -61.41 14.84 -21.93
N SER L 99 -61.12 13.77 -21.20
CA SER L 99 -61.87 13.41 -20.00
C SER L 99 -61.47 14.26 -18.78
N VAL L 100 -60.34 14.96 -18.85
CA VAL L 100 -59.93 15.84 -17.76
C VAL L 100 -59.99 17.32 -18.16
N VAL L 101 -59.92 17.64 -19.45
CA VAL L 101 -59.98 19.03 -19.89
C VAL L 101 -61.42 19.51 -20.00
N LEU L 102 -62.28 18.75 -20.65
CA LEU L 102 -63.65 19.18 -20.88
C LEU L 102 -64.43 19.40 -19.59
N PRO L 103 -64.42 18.51 -18.60
CA PRO L 103 -65.11 18.82 -17.33
C PRO L 103 -64.59 20.09 -16.67
N LEU L 104 -63.27 20.29 -16.67
CA LEU L 104 -62.70 21.46 -16.02
C LEU L 104 -63.12 22.74 -16.74
N VAL L 105 -63.08 22.75 -18.07
CA VAL L 105 -63.50 23.92 -18.81
C VAL L 105 -64.99 24.16 -18.64
N GLU L 106 -65.78 23.09 -18.56
CA GLU L 106 -67.22 23.24 -18.32
C GLU L 106 -67.47 23.91 -16.98
N ARG L 107 -66.81 23.42 -15.93
CA ARG L 107 -67.00 24.01 -14.60
C ARG L 107 -66.54 25.47 -14.58
N LEU L 108 -65.41 25.77 -15.22
CA LEU L 108 -64.93 27.15 -15.24
C LEU L 108 -65.90 28.06 -16.00
N LEU L 109 -66.43 27.58 -17.13
CA LEU L 109 -67.38 28.38 -17.89
C LEU L 109 -68.65 28.65 -17.09
N LEU L 110 -69.17 27.61 -16.41
CA LEU L 110 -70.36 27.79 -15.61
C LEU L 110 -70.11 28.77 -14.45
N GLY L 111 -68.95 28.64 -13.79
CA GLY L 111 -68.63 29.55 -12.71
C GLY L 111 -68.49 30.98 -13.17
N LEU L 112 -67.85 31.19 -14.32
CA LEU L 112 -67.74 32.54 -14.87
C LEU L 112 -69.10 33.10 -15.26
N ALA L 113 -69.97 32.26 -15.83
CA ALA L 113 -71.30 32.73 -16.22
C ALA L 113 -72.11 33.12 -14.99
N ASP L 114 -72.06 32.33 -13.93
CA ASP L 114 -72.81 32.62 -12.71
C ASP L 114 -72.37 33.94 -12.08
N ASP L 115 -71.12 33.99 -11.63
CA ASP L 115 -70.57 35.19 -11.01
C ASP L 115 -69.33 35.65 -11.78
N PRO L 116 -69.44 36.65 -12.65
CA PRO L 116 -68.28 37.06 -13.44
C PRO L 116 -67.21 37.77 -12.62
N SER L 117 -67.44 37.94 -11.32
CA SER L 117 -66.51 38.64 -10.45
C SER L 117 -66.15 37.79 -9.24
N ASP L 118 -66.03 36.47 -9.44
CA ASP L 118 -65.61 35.55 -8.39
C ASP L 118 -64.10 35.37 -8.54
N HIS L 119 -63.34 35.87 -7.56
CA HIS L 119 -61.89 35.96 -7.70
C HIS L 119 -61.25 34.60 -7.90
N ARG L 120 -61.71 33.59 -7.14
CA ARG L 120 -61.10 32.27 -7.22
C ARG L 120 -61.34 31.65 -8.60
N VAL L 121 -62.53 31.83 -9.16
CA VAL L 121 -62.83 31.26 -10.47
C VAL L 121 -61.97 31.90 -11.55
N ARG L 122 -61.80 33.22 -11.50
CA ARG L 122 -60.92 33.89 -12.45
C ARG L 122 -59.47 33.43 -12.28
N ASP L 123 -59.04 33.24 -11.03
CA ASP L 123 -57.68 32.75 -10.80
C ASP L 123 -57.48 31.36 -11.40
N LEU L 124 -58.46 30.48 -11.24
CA LEU L 124 -58.37 29.15 -11.82
C LEU L 124 -58.37 29.20 -13.34
N ALA L 125 -59.20 30.07 -13.92
CA ALA L 125 -59.23 30.21 -15.38
C ALA L 125 -57.91 30.70 -15.92
N GLU L 126 -57.31 31.71 -15.26
CA GLU L 126 -55.98 32.17 -15.67
C GLU L 126 -54.93 31.11 -15.47
N LEU L 127 -55.03 30.29 -14.42
CA LEU L 127 -54.12 29.17 -14.25
C LEU L 127 -54.21 28.16 -15.40
N VAL L 128 -55.42 27.82 -15.82
CA VAL L 128 -55.58 26.91 -16.96
C VAL L 128 -55.05 27.53 -18.26
N VAL L 129 -55.34 28.81 -18.51
CA VAL L 129 -54.83 29.46 -19.71
C VAL L 129 -53.31 29.50 -19.70
N GLY L 130 -52.70 29.83 -18.56
CA GLY L 130 -51.26 29.78 -18.43
C GLY L 130 -50.67 28.40 -18.59
N LEU L 131 -51.34 27.37 -18.09
CA LEU L 131 -50.89 26.00 -18.33
C LEU L 131 -50.93 25.63 -19.80
N ALA L 132 -51.97 26.03 -20.53
CA ALA L 132 -52.01 25.77 -21.96
C ALA L 132 -50.90 26.51 -22.70
N GLU L 133 -50.67 27.78 -22.35
CA GLU L 133 -49.58 28.53 -22.97
C GLU L 133 -48.23 27.92 -22.66
N ALA L 134 -48.02 27.46 -21.42
CA ALA L 134 -46.77 26.80 -21.06
C ALA L 134 -46.58 25.50 -21.82
N ALA L 135 -47.65 24.72 -21.98
CA ALA L 135 -47.55 23.49 -22.77
C ALA L 135 -47.25 23.79 -24.23
N MET L 136 -47.81 24.86 -24.79
CA MET L 136 -47.48 25.25 -26.16
C MET L 136 -46.05 25.75 -26.31
N LEU L 137 -45.54 26.51 -25.34
CA LEU L 137 -44.18 27.02 -25.39
C LEU L 137 -43.12 25.97 -25.09
N ALA L 138 -43.45 24.93 -24.32
CA ALA L 138 -42.48 23.88 -24.07
C ALA L 138 -42.14 23.11 -25.34
N ARG L 139 -43.10 23.00 -26.26
CA ARG L 139 -42.82 22.35 -27.55
C ARG L 139 -41.85 23.17 -28.38
N ALA L 140 -41.99 24.50 -28.37
CA ALA L 140 -41.08 25.36 -29.11
C ALA L 140 -39.67 25.25 -28.56
N VAL L 141 -39.54 25.18 -27.23
CA VAL L 141 -38.24 24.98 -26.59
C VAL L 141 -37.64 23.62 -26.93
N ASN L 142 -38.41 22.74 -27.57
CA ASN L 142 -38.02 21.40 -27.96
C ASN L 142 -37.85 20.51 -26.72
N ILE L 143 -38.83 20.56 -25.84
CA ILE L 143 -38.94 19.66 -24.70
C ILE L 143 -39.82 18.49 -25.11
N PRO L 144 -39.37 17.25 -24.96
CA PRO L 144 -40.17 16.11 -25.44
C PRO L 144 -41.53 16.06 -24.78
N SER L 145 -42.53 15.64 -25.56
CA SER L 145 -43.91 15.57 -25.07
C SER L 145 -44.09 14.56 -23.96
N ALA L 146 -43.33 13.46 -23.98
CA ALA L 146 -43.48 12.40 -22.99
C ALA L 146 -43.02 12.79 -21.60
N VAL L 147 -42.36 13.94 -21.44
CA VAL L 147 -41.85 14.34 -20.13
C VAL L 147 -42.71 15.45 -19.55
N TYR L 148 -43.40 16.22 -20.40
CA TYR L 148 -44.19 17.34 -19.92
C TYR L 148 -45.70 17.10 -19.98
N VAL L 149 -46.18 16.23 -20.86
CA VAL L 149 -47.61 15.90 -20.89
C VAL L 149 -48.03 15.24 -19.59
N PRO L 150 -47.27 14.27 -19.03
CA PRO L 150 -47.67 13.72 -17.73
C PRO L 150 -47.80 14.74 -16.61
N VAL L 151 -46.92 15.74 -16.56
CA VAL L 151 -46.97 16.72 -15.48
C VAL L 151 -48.22 17.59 -15.60
N VAL L 152 -48.51 18.07 -16.81
CA VAL L 152 -49.71 18.86 -17.02
C VAL L 152 -50.95 18.03 -16.76
N GLU L 153 -50.94 16.74 -17.14
CA GLU L 153 -52.06 15.86 -16.84
C GLU L 153 -52.28 15.73 -15.34
N LYS L 154 -51.20 15.54 -14.58
CA LYS L 154 -51.32 15.43 -13.13
C LYS L 154 -51.86 16.71 -12.53
N VAL L 155 -51.36 17.86 -12.98
CA VAL L 155 -51.82 19.13 -12.43
C VAL L 155 -53.29 19.35 -12.74
N LEU L 156 -53.72 19.07 -13.96
CA LEU L 156 -55.12 19.24 -14.33
C LEU L 156 -56.02 18.26 -13.58
N ARG L 157 -55.57 17.02 -13.38
CA ARG L 157 -56.36 16.08 -12.59
C ARG L 157 -56.51 16.54 -11.15
N ALA L 158 -55.43 17.04 -10.55
CA ALA L 158 -55.51 17.56 -9.19
C ALA L 158 -56.45 18.76 -9.11
N LEU L 159 -56.38 19.65 -10.09
CA LEU L 159 -57.30 20.79 -10.13
C LEU L 159 -58.75 20.36 -10.31
N LEU L 160 -59.00 19.35 -11.14
CA LEU L 160 -60.36 18.85 -11.31
C LEU L 160 -60.89 18.18 -10.06
N ALA L 161 -60.01 17.51 -9.30
CA ALA L 161 -60.43 16.88 -8.06
C ALA L 161 -60.99 17.89 -7.08
N ASP L 162 -60.17 18.85 -6.68
CA ASP L 162 -60.59 19.91 -5.75
C ASP L 162 -60.10 21.25 -6.28
N PRO L 163 -61.01 22.11 -6.76
CA PRO L 163 -60.58 23.41 -7.29
C PRO L 163 -59.89 24.30 -6.28
N GLU L 164 -60.23 24.19 -5.00
CA GLU L 164 -59.69 25.06 -3.96
C GLU L 164 -58.40 24.50 -3.35
N ASN L 165 -57.90 23.39 -3.87
CA ASN L 165 -56.64 22.83 -3.38
C ASN L 165 -55.48 23.76 -3.74
N GLU L 166 -54.79 24.26 -2.72
CA GLU L 166 -53.68 25.19 -2.95
C GLU L 166 -52.46 24.49 -3.55
N ARG L 167 -52.26 23.21 -3.26
CA ARG L 167 -51.10 22.49 -3.80
C ARG L 167 -51.19 22.39 -5.32
N ALA L 168 -52.38 22.11 -5.85
CA ALA L 168 -52.53 22.00 -7.30
C ALA L 168 -52.30 23.35 -7.98
N ARG L 169 -52.80 24.43 -7.38
CA ARG L 169 -52.56 25.76 -7.94
C ARG L 169 -51.08 26.10 -7.91
N ARG L 170 -50.40 25.75 -6.82
CA ARG L 170 -48.96 25.97 -6.73
C ARG L 170 -48.22 25.16 -7.80
N ALA L 171 -48.65 23.92 -8.03
CA ALA L 171 -48.02 23.10 -9.06
C ALA L 171 -48.20 23.69 -10.45
N ALA L 172 -49.41 24.18 -10.75
CA ALA L 172 -49.63 24.82 -12.04
C ALA L 172 -48.74 26.06 -12.21
N ARG L 173 -48.70 26.90 -11.17
CA ARG L 173 -47.84 28.08 -11.24
C ARG L 173 -46.37 27.72 -11.39
N ARG L 174 -45.92 26.66 -10.72
CA ARG L 174 -44.54 26.21 -10.87
C ARG L 174 -44.25 25.65 -12.24
N VAL L 175 -45.20 24.98 -12.89
CA VAL L 175 -45.00 24.54 -14.27
C VAL L 175 -44.82 25.75 -15.18
N VAL L 176 -45.67 26.77 -15.01
CA VAL L 176 -45.53 27.98 -15.81
C VAL L 176 -44.18 28.64 -15.58
N GLU L 177 -43.76 28.72 -14.31
CA GLU L 177 -42.45 29.28 -13.99
C GLU L 177 -41.30 28.46 -14.57
N LEU L 178 -41.43 27.13 -14.63
CA LEU L 178 -40.40 26.32 -15.24
C LEU L 178 -40.26 26.62 -16.73
N VAL L 179 -41.39 26.74 -17.43
CA VAL L 179 -41.30 27.09 -18.86
C VAL L 179 -40.70 28.49 -19.05
N LEU L 180 -41.11 29.45 -18.22
CA LEU L 180 -40.52 30.78 -18.31
C LEU L 180 -39.03 30.79 -17.98
N ALA L 181 -38.59 29.96 -17.03
CA ALA L 181 -37.17 29.84 -16.75
C ALA L 181 -36.41 29.22 -17.91
N ALA L 182 -37.01 28.26 -18.61
CA ALA L 182 -36.38 27.73 -19.82
C ALA L 182 -36.23 28.83 -20.87
N ALA L 183 -37.25 29.66 -21.05
CA ALA L 183 -37.13 30.78 -21.97
C ALA L 183 -36.03 31.75 -21.53
N ARG L 184 -35.91 32.03 -20.23
CA ARG L 184 -34.86 32.90 -19.74
C ARG L 184 -33.48 32.31 -19.97
N LEU L 185 -33.32 31.00 -19.77
CA LEU L 185 -32.05 30.34 -20.06
C LEU L 185 -31.70 30.42 -21.54
N LEU L 186 -32.70 30.29 -22.41
CA LEU L 186 -32.47 30.52 -23.83
C LEU L 186 -31.99 31.95 -24.08
N ALA L 187 -32.60 32.92 -23.40
CA ALA L 187 -32.20 34.31 -23.58
C ALA L 187 -30.81 34.58 -23.06
N LEU L 188 -30.34 33.81 -22.07
CA LEU L 188 -29.02 34.05 -21.50
C LEU L 188 -27.88 33.62 -22.42
N GLY L 189 -28.15 32.74 -23.37
CA GLY L 189 -27.12 32.27 -24.28
C GLY L 189 -26.82 30.79 -24.18
N VAL L 190 -27.54 30.03 -23.37
CA VAL L 190 -27.34 28.58 -23.31
C VAL L 190 -27.87 27.96 -24.61
N PRO L 191 -27.16 27.01 -25.21
CA PRO L 191 -27.65 26.37 -26.43
C PRO L 191 -28.97 25.66 -26.18
N PRO L 192 -29.84 25.59 -27.19
CA PRO L 192 -31.16 24.95 -26.98
C PRO L 192 -31.11 23.52 -26.51
N HIS L 193 -30.09 22.75 -26.91
CA HIS L 193 -30.02 21.35 -26.51
C HIS L 193 -29.79 21.22 -25.01
N ALA L 194 -28.87 22.02 -24.44
CA ALA L 194 -28.62 21.97 -23.01
C ALA L 194 -29.86 22.41 -22.23
N VAL L 195 -30.56 23.45 -22.71
CA VAL L 195 -31.77 23.90 -22.06
C VAL L 195 -32.82 22.80 -22.06
N ALA L 196 -32.99 22.13 -23.20
CA ALA L 196 -33.96 21.04 -23.29
C ALA L 196 -33.61 19.92 -22.33
N ASP L 197 -32.33 19.55 -22.26
CA ASP L 197 -31.92 18.47 -21.35
C ASP L 197 -32.17 18.84 -19.90
N ALA L 198 -31.79 20.05 -19.49
CA ALA L 198 -31.96 20.44 -18.09
C ALA L 198 -33.42 20.52 -17.70
N VAL L 199 -34.25 21.14 -18.54
CA VAL L 199 -35.66 21.25 -18.17
C VAL L 199 -36.37 19.91 -18.29
N SER L 200 -35.90 19.01 -19.15
CA SER L 200 -36.45 17.65 -19.17
C SER L 200 -36.13 16.91 -17.88
N LEU L 201 -34.91 17.06 -17.37
CA LEU L 201 -34.59 16.49 -16.05
C LEU L 201 -35.50 17.07 -14.98
N THR L 202 -35.72 18.39 -15.02
CA THR L 202 -36.58 19.02 -14.02
C THR L 202 -38.01 18.49 -14.11
N PHE L 203 -38.53 18.31 -15.33
CA PHE L 203 -39.87 17.76 -15.49
C PHE L 203 -39.95 16.32 -15.00
N ARG L 204 -38.91 15.51 -15.27
CA ARG L 204 -38.90 14.14 -14.79
C ARG L 204 -38.95 14.09 -13.27
N ARG L 205 -38.20 14.96 -12.61
CA ARG L 205 -38.29 15.00 -11.14
C ARG L 205 -39.62 15.59 -10.67
N MET L 206 -40.19 16.54 -11.41
CA MET L 206 -41.49 17.09 -11.04
C MET L 206 -42.58 16.03 -11.10
N LEU L 207 -42.41 15.03 -11.97
CA LEU L 207 -43.41 13.95 -12.06
C LEU L 207 -43.60 13.23 -10.73
N THR L 208 -42.51 12.94 -10.02
CA THR L 208 -42.62 12.17 -8.79
C THR L 208 -42.72 13.06 -7.56
N ASP L 209 -41.74 13.92 -7.35
CA ASP L 209 -41.65 14.74 -6.16
C ASP L 209 -42.47 16.02 -6.31
N PRO L 210 -43.27 16.38 -5.31
CA PRO L 210 -44.10 17.59 -5.42
C PRO L 210 -43.30 18.87 -5.53
N ASP L 211 -42.39 19.11 -4.58
CA ASP L 211 -41.59 20.32 -4.57
C ASP L 211 -40.31 20.15 -5.38
N ALA L 212 -40.45 19.68 -6.62
CA ALA L 212 -39.30 19.47 -7.48
C ALA L 212 -39.40 20.35 -8.73
ZN ZN M . -21.17 -2.35 13.64
ZN ZN N . 5.93 14.48 21.81
ZN ZN O . 11.63 -21.92 14.01
ZN ZN P . -24.15 -10.54 -17.73
ZN ZN Q . 10.11 -16.81 -1.84
ZN ZN R . 31.82 9.78 2.17
ZN ZN S . 23.73 -18.92 25.35
ZN ZN T . -9.28 8.73 -39.01
ZN ZN U . 11.11 -1.33 -8.56
ZN ZN V . 33.35 -19.20 -12.87
ZN ZN W . 4.02 13.11 -3.95
ZN ZN X . -28.02 30.69 -34.95
ZN ZN Y . 17.86 -43.68 2.20
ZN ZN Z . -11.99 16.68 -0.58
ZN ZN AA . -5.33 40.03 -29.32
ZN ZN BA . -33.53 46.28 -31.56
ZN ZN CA . -26.71 51.31 -7.98
ZN ZN DA . 15.28 -41.34 34.16
ZN ZN EA . -26.01 13.53 -9.17
ZN ZN FA . -48.64 51.87 -27.04
ZN ZN GA . -56.16 37.05 -8.43
ZN ZN HA . -29.94 16.19 -25.32
ZN ZN IA . -63.61 48.91 -33.46
ZN ZN JA . -65.93 23.55 -36.70
#